data_2OLI
# 
_entry.id   2OLI 
# 
_audit_conform.dict_name       mmcif_pdbx.dic 
_audit_conform.dict_version    5.399 
_audit_conform.dict_location   http://mmcif.pdb.org/dictionaries/ascii/mmcif_pdbx.dic 
# 
loop_
_database_2.database_id 
_database_2.database_code 
_database_2.pdbx_database_accession 
_database_2.pdbx_DOI 
PDB   2OLI         pdb_00002oli 10.2210/pdb2oli/pdb 
RCSB  RCSB041284   ?            ?                   
WWPDB D_1000041284 ?            ?                   
# 
loop_
_pdbx_audit_revision_history.ordinal 
_pdbx_audit_revision_history.data_content_type 
_pdbx_audit_revision_history.major_revision 
_pdbx_audit_revision_history.minor_revision 
_pdbx_audit_revision_history.revision_date 
1 'Structure model' 1 0 2007-02-13 
2 'Structure model' 1 1 2008-05-01 
3 'Structure model' 1 2 2011-07-13 
4 'Structure model' 1 3 2017-10-18 
5 'Structure model' 1 4 2023-10-25 
6 'Structure model' 1 5 2024-11-20 
# 
_pdbx_audit_revision_details.ordinal             1 
_pdbx_audit_revision_details.revision_ordinal    1 
_pdbx_audit_revision_details.data_content_type   'Structure model' 
_pdbx_audit_revision_details.provider            repository 
_pdbx_audit_revision_details.type                'Initial release' 
_pdbx_audit_revision_details.description         ? 
_pdbx_audit_revision_details.details             ? 
# 
loop_
_pdbx_audit_revision_group.ordinal 
_pdbx_audit_revision_group.revision_ordinal 
_pdbx_audit_revision_group.data_content_type 
_pdbx_audit_revision_group.group 
1 2 'Structure model' 'Version format compliance' 
2 3 'Structure model' 'Version format compliance' 
3 4 'Structure model' 'Refinement description'    
4 5 'Structure model' 'Data collection'           
5 5 'Structure model' 'Database references'       
6 5 'Structure model' 'Derived calculations'      
7 5 'Structure model' 'Refinement description'    
8 6 'Structure model' 'Structure summary'         
# 
loop_
_pdbx_audit_revision_category.ordinal 
_pdbx_audit_revision_category.revision_ordinal 
_pdbx_audit_revision_category.data_content_type 
_pdbx_audit_revision_category.category 
1 4 'Structure model' software                      
2 5 'Structure model' chem_comp_atom                
3 5 'Structure model' chem_comp_bond                
4 5 'Structure model' database_2                    
5 5 'Structure model' pdbx_initial_refinement_model 
6 5 'Structure model' struct_site                   
7 6 'Structure model' pdbx_entry_details            
8 6 'Structure model' pdbx_modification_feature     
# 
loop_
_pdbx_audit_revision_item.ordinal 
_pdbx_audit_revision_item.revision_ordinal 
_pdbx_audit_revision_item.data_content_type 
_pdbx_audit_revision_item.item 
1 4 'Structure model' '_software.name'                      
2 5 'Structure model' '_database_2.pdbx_DOI'                
3 5 'Structure model' '_database_2.pdbx_database_accession' 
4 5 'Structure model' '_struct_site.pdbx_auth_asym_id'      
5 5 'Structure model' '_struct_site.pdbx_auth_comp_id'      
6 5 'Structure model' '_struct_site.pdbx_auth_seq_id'       
# 
_pdbx_database_status.status_code                     REL 
_pdbx_database_status.entry_id                        2OLI 
_pdbx_database_status.recvd_initial_deposition_date   2007-01-19 
_pdbx_database_status.deposit_site                    RCSB 
_pdbx_database_status.process_site                    PDBJ 
_pdbx_database_status.status_code_sf                  ? 
_pdbx_database_status.status_code_mr                  ? 
_pdbx_database_status.SG_entry                        ? 
_pdbx_database_status.pdb_format_compatible           Y 
_pdbx_database_status.status_code_cs                  ? 
_pdbx_database_status.methods_development_category    ? 
_pdbx_database_status.status_code_nmr_data            ? 
# 
loop_
_pdbx_database_related.db_name 
_pdbx_database_related.db_id 
_pdbx_database_related.details 
_pdbx_database_related.content_type 
PDB 1ZR8 
'Crystal Structure of the complex formed between group II phospholipase A2 and a plant alkaloid ajmaline at 2.0A resolution' 
unspecified 
PDB 1ZYX 
;Crystal structure of the complex of a group IIA phospholipase A2 with a synthetic anti-inflammatory agent licofelone at 1.9A resolution
;
unspecified 
# 
loop_
_audit_author.name 
_audit_author.pdbx_ordinal 
'Kumar, S.'   1 
'Singh, N.'   2 
'Sharma, S.'  3 
'Kaur, P.'    4 
'Singh, T.P.' 5 
# 
_citation.id                        primary 
_citation.title                     
'Crystal structure of the complex formed between a group II phospholipase A2 and an indole derivative at 2.2 A resolution' 
_citation.journal_abbrev            'To be Published' 
_citation.journal_volume            ? 
_citation.page_first                ? 
_citation.page_last                 ? 
_citation.year                      ? 
_citation.journal_id_ASTM           ? 
_citation.country                   ? 
_citation.journal_id_ISSN           ? 
_citation.journal_id_CSD            0353 
_citation.book_publisher            ? 
_citation.pdbx_database_id_PubMed   ? 
_citation.pdbx_database_id_DOI      ? 
# 
loop_
_citation_author.citation_id 
_citation_author.name 
_citation_author.ordinal 
_citation_author.identifier_ORCID 
primary 'Kumar, S.'   1 ? 
primary 'Singh, N.'   2 ? 
primary 'Sharma, S.'  3 ? 
primary 'Kaur, P.'    4 ? 
primary 'Singh, T.P.' 5 ? 
# 
loop_
_entity.id 
_entity.type 
_entity.src_method 
_entity.pdbx_description 
_entity.formula_weight 
_entity.pdbx_number_of_molecules 
_entity.pdbx_ec 
_entity.pdbx_mutation 
_entity.pdbx_fragment 
_entity.details 
1 polymer     nat 'Phospholipase A2 VRV-PL-VIIIa' 13629.767 1   3.1.1.4 ? ? ? 
2 non-polymer syn 'INDOLYLPROPIONIC ACID'         189.211   1   ?       ? ? ? 
3 water       nat water                           18.015    110 ?       ? ? ? 
# 
_entity_name_com.entity_id   1 
_entity_name_com.name        'Ester hydrolyase, Phosphatidylcholine 2- acylhydrolase, DPLA2' 
# 
_entity_poly.entity_id                      1 
_entity_poly.type                           'polypeptide(L)' 
_entity_poly.nstd_linkage                   no 
_entity_poly.nstd_monomer                   no 
_entity_poly.pdbx_seq_one_letter_code       
;SLLEFGKMILEETGKLAIPSYSSYGCYCGWGGKGTPKDATDRCCFVHDCCYGNLPDCNPKSDRYKYKRVNGAIVCEKGTS
CENRICECDKAAAICFRQNLNTYSKKYMLYPDFLCKGELKC
;
_entity_poly.pdbx_seq_one_letter_code_can   
;SLLEFGKMILEETGKLAIPSYSSYGCYCGWGGKGTPKDATDRCCFVHDCCYGNLPDCNPKSDRYKYKRVNGAIVCEKGTS
CENRICECDKAAAICFRQNLNTYSKKYMLYPDFLCKGELKC
;
_entity_poly.pdbx_strand_id                 A 
_entity_poly.pdbx_target_identifier         ? 
# 
loop_
_pdbx_entity_nonpoly.entity_id 
_pdbx_entity_nonpoly.name 
_pdbx_entity_nonpoly.comp_id 
2 'INDOLYLPROPIONIC ACID' IOP 
3 water                   HOH 
# 
loop_
_entity_poly_seq.entity_id 
_entity_poly_seq.num 
_entity_poly_seq.mon_id 
_entity_poly_seq.hetero 
1 1   SER n 
1 2   LEU n 
1 3   LEU n 
1 4   GLU n 
1 5   PHE n 
1 6   GLY n 
1 7   LYS n 
1 8   MET n 
1 9   ILE n 
1 10  LEU n 
1 11  GLU n 
1 12  GLU n 
1 13  THR n 
1 14  GLY n 
1 15  LYS n 
1 16  LEU n 
1 17  ALA n 
1 18  ILE n 
1 19  PRO n 
1 20  SER n 
1 21  TYR n 
1 22  SER n 
1 23  SER n 
1 24  TYR n 
1 25  GLY n 
1 26  CYS n 
1 27  TYR n 
1 28  CYS n 
1 29  GLY n 
1 30  TRP n 
1 31  GLY n 
1 32  GLY n 
1 33  LYS n 
1 34  GLY n 
1 35  THR n 
1 36  PRO n 
1 37  LYS n 
1 38  ASP n 
1 39  ALA n 
1 40  THR n 
1 41  ASP n 
1 42  ARG n 
1 43  CYS n 
1 44  CYS n 
1 45  PHE n 
1 46  VAL n 
1 47  HIS n 
1 48  ASP n 
1 49  CYS n 
1 50  CYS n 
1 51  TYR n 
1 52  GLY n 
1 53  ASN n 
1 54  LEU n 
1 55  PRO n 
1 56  ASP n 
1 57  CYS n 
1 58  ASN n 
1 59  PRO n 
1 60  LYS n 
1 61  SER n 
1 62  ASP n 
1 63  ARG n 
1 64  TYR n 
1 65  LYS n 
1 66  TYR n 
1 67  LYS n 
1 68  ARG n 
1 69  VAL n 
1 70  ASN n 
1 71  GLY n 
1 72  ALA n 
1 73  ILE n 
1 74  VAL n 
1 75  CYS n 
1 76  GLU n 
1 77  LYS n 
1 78  GLY n 
1 79  THR n 
1 80  SER n 
1 81  CYS n 
1 82  GLU n 
1 83  ASN n 
1 84  ARG n 
1 85  ILE n 
1 86  CYS n 
1 87  GLU n 
1 88  CYS n 
1 89  ASP n 
1 90  LYS n 
1 91  ALA n 
1 92  ALA n 
1 93  ALA n 
1 94  ILE n 
1 95  CYS n 
1 96  PHE n 
1 97  ARG n 
1 98  GLN n 
1 99  ASN n 
1 100 LEU n 
1 101 ASN n 
1 102 THR n 
1 103 TYR n 
1 104 SER n 
1 105 LYS n 
1 106 LYS n 
1 107 TYR n 
1 108 MET n 
1 109 LEU n 
1 110 TYR n 
1 111 PRO n 
1 112 ASP n 
1 113 PHE n 
1 114 LEU n 
1 115 CYS n 
1 116 LYS n 
1 117 GLY n 
1 118 GLU n 
1 119 LEU n 
1 120 LYS n 
1 121 CYS n 
# 
_entity_src_nat.entity_id                  1 
_entity_src_nat.pdbx_src_id                1 
_entity_src_nat.pdbx_alt_source_flag       sample 
_entity_src_nat.pdbx_beg_seq_num           ? 
_entity_src_nat.pdbx_end_seq_num           ? 
_entity_src_nat.common_name                ? 
_entity_src_nat.pdbx_organism_scientific   'Daboia russellii pulchella' 
_entity_src_nat.pdbx_ncbi_taxonomy_id      97228 
_entity_src_nat.genus                      Daboia 
_entity_src_nat.species                    'Daboia russellii' 
_entity_src_nat.strain                     pulchella 
_entity_src_nat.tissue                     ? 
_entity_src_nat.tissue_fraction            ? 
_entity_src_nat.pdbx_secretion             ? 
_entity_src_nat.pdbx_fragment              ? 
_entity_src_nat.pdbx_variant               ? 
_entity_src_nat.pdbx_cell_line             ? 
_entity_src_nat.pdbx_atcc                  ? 
_entity_src_nat.pdbx_cellular_location     ? 
_entity_src_nat.pdbx_organ                 ? 
_entity_src_nat.pdbx_organelle             ? 
_entity_src_nat.pdbx_cell                  ? 
_entity_src_nat.pdbx_plasmid_name          ? 
_entity_src_nat.pdbx_plasmid_details       ? 
_entity_src_nat.details                    ? 
# 
loop_
_chem_comp.id 
_chem_comp.type 
_chem_comp.mon_nstd_flag 
_chem_comp.name 
_chem_comp.pdbx_synonyms 
_chem_comp.formula 
_chem_comp.formula_weight 
ALA 'L-peptide linking' y ALANINE                 ? 'C3 H7 N O2'     89.093  
ARG 'L-peptide linking' y ARGININE                ? 'C6 H15 N4 O2 1' 175.209 
ASN 'L-peptide linking' y ASPARAGINE              ? 'C4 H8 N2 O3'    132.118 
ASP 'L-peptide linking' y 'ASPARTIC ACID'         ? 'C4 H7 N O4'     133.103 
CYS 'L-peptide linking' y CYSTEINE                ? 'C3 H7 N O2 S'   121.158 
GLN 'L-peptide linking' y GLUTAMINE               ? 'C5 H10 N2 O3'   146.144 
GLU 'L-peptide linking' y 'GLUTAMIC ACID'         ? 'C5 H9 N O4'     147.129 
GLY 'peptide linking'   y GLYCINE                 ? 'C2 H5 N O2'     75.067  
HIS 'L-peptide linking' y HISTIDINE               ? 'C6 H10 N3 O2 1' 156.162 
HOH non-polymer         . WATER                   ? 'H2 O'           18.015  
ILE 'L-peptide linking' y ISOLEUCINE              ? 'C6 H13 N O2'    131.173 
IOP non-polymer         . 'INDOLYLPROPIONIC ACID' ? 'C11 H11 N O2'   189.211 
LEU 'L-peptide linking' y LEUCINE                 ? 'C6 H13 N O2'    131.173 
LYS 'L-peptide linking' y LYSINE                  ? 'C6 H15 N2 O2 1' 147.195 
MET 'L-peptide linking' y METHIONINE              ? 'C5 H11 N O2 S'  149.211 
PHE 'L-peptide linking' y PHENYLALANINE           ? 'C9 H11 N O2'    165.189 
PRO 'L-peptide linking' y PROLINE                 ? 'C5 H9 N O2'     115.130 
SER 'L-peptide linking' y SERINE                  ? 'C3 H7 N O3'     105.093 
THR 'L-peptide linking' y THREONINE               ? 'C4 H9 N O3'     119.119 
TRP 'L-peptide linking' y TRYPTOPHAN              ? 'C11 H12 N2 O2'  204.225 
TYR 'L-peptide linking' y TYROSINE                ? 'C9 H11 N O3'    181.189 
VAL 'L-peptide linking' y VALINE                  ? 'C5 H11 N O2'    117.146 
# 
loop_
_pdbx_poly_seq_scheme.asym_id 
_pdbx_poly_seq_scheme.entity_id 
_pdbx_poly_seq_scheme.seq_id 
_pdbx_poly_seq_scheme.mon_id 
_pdbx_poly_seq_scheme.ndb_seq_num 
_pdbx_poly_seq_scheme.pdb_seq_num 
_pdbx_poly_seq_scheme.auth_seq_num 
_pdbx_poly_seq_scheme.pdb_mon_id 
_pdbx_poly_seq_scheme.auth_mon_id 
_pdbx_poly_seq_scheme.pdb_strand_id 
_pdbx_poly_seq_scheme.pdb_ins_code 
_pdbx_poly_seq_scheme.hetero 
A 1 1   SER 1   1   1   SER SER A . n 
A 1 2   LEU 2   2   2   LEU LEU A . n 
A 1 3   LEU 3   3   3   LEU LEU A . n 
A 1 4   GLU 4   4   4   GLU GLU A . n 
A 1 5   PHE 5   5   5   PHE PHE A . n 
A 1 6   GLY 6   6   6   GLY GLY A . n 
A 1 7   LYS 7   7   7   LYS LYS A . n 
A 1 8   MET 8   8   8   MET MET A . n 
A 1 9   ILE 9   9   9   ILE ILE A . n 
A 1 10  LEU 10  10  10  LEU LEU A . n 
A 1 11  GLU 11  11  11  GLU GLU A . n 
A 1 12  GLU 12  12  12  GLU GLU A . n 
A 1 13  THR 13  13  13  THR THR A . n 
A 1 14  GLY 14  14  14  GLY GLY A . n 
A 1 15  LYS 15  16  16  LYS LYS A . n 
A 1 16  LEU 16  17  17  LEU LEU A . n 
A 1 17  ALA 17  18  18  ALA ALA A . n 
A 1 18  ILE 18  19  19  ILE ILE A . n 
A 1 19  PRO 19  20  20  PRO PRO A . n 
A 1 20  SER 20  21  21  SER SER A . n 
A 1 21  TYR 21  22  22  TYR TYR A . n 
A 1 22  SER 22  23  23  SER SER A . n 
A 1 23  SER 23  24  24  SER SER A . n 
A 1 24  TYR 24  25  25  TYR TYR A . n 
A 1 25  GLY 25  26  26  GLY GLY A . n 
A 1 26  CYS 26  27  27  CYS CYS A . n 
A 1 27  TYR 27  28  28  TYR TYR A . n 
A 1 28  CYS 28  29  29  CYS CYS A . n 
A 1 29  GLY 29  30  30  GLY GLY A . n 
A 1 30  TRP 30  31  31  TRP TRP A . n 
A 1 31  GLY 31  32  32  GLY GLY A . n 
A 1 32  GLY 32  33  33  GLY GLY A . n 
A 1 33  LYS 33  34  34  LYS LYS A . n 
A 1 34  GLY 34  35  35  GLY GLY A . n 
A 1 35  THR 35  36  36  THR THR A . n 
A 1 36  PRO 36  37  37  PRO PRO A . n 
A 1 37  LYS 37  38  38  LYS LYS A . n 
A 1 38  ASP 38  39  39  ASP ASP A . n 
A 1 39  ALA 39  40  40  ALA ALA A . n 
A 1 40  THR 40  41  41  THR THR A . n 
A 1 41  ASP 41  42  42  ASP ASP A . n 
A 1 42  ARG 42  43  43  ARG ARG A . n 
A 1 43  CYS 43  44  44  CYS CYS A . n 
A 1 44  CYS 44  45  45  CYS CYS A . n 
A 1 45  PHE 45  46  46  PHE PHE A . n 
A 1 46  VAL 46  47  47  VAL VAL A . n 
A 1 47  HIS 47  48  48  HIS HIS A . n 
A 1 48  ASP 48  49  49  ASP ASP A . n 
A 1 49  CYS 49  50  50  CYS CYS A . n 
A 1 50  CYS 50  51  51  CYS CYS A . n 
A 1 51  TYR 51  52  52  TYR TYR A . n 
A 1 52  GLY 52  53  53  GLY GLY A . n 
A 1 53  ASN 53  54  54  ASN ASN A . n 
A 1 54  LEU 54  55  55  LEU LEU A . n 
A 1 55  PRO 55  56  56  PRO PRO A . n 
A 1 56  ASP 56  59  59  ASP ASP A . n 
A 1 57  CYS 57  61  61  CYS CYS A . n 
A 1 58  ASN 58  67  67  ASN ASN A . n 
A 1 59  PRO 59  68  68  PRO PRO A . n 
A 1 60  LYS 60  69  69  LYS LYS A . n 
A 1 61  SER 61  70  70  SER SER A . n 
A 1 62  ASP 62  71  71  ASP ASP A . n 
A 1 63  ARG 63  72  72  ARG ARG A . n 
A 1 64  TYR 64  73  73  TYR TYR A . n 
A 1 65  LYS 65  74  74  LYS LYS A . n 
A 1 66  TYR 66  75  75  TYR TYR A . n 
A 1 67  LYS 67  76  76  LYS LYS A . n 
A 1 68  ARG 68  77  77  ARG ARG A . n 
A 1 69  VAL 69  78  78  VAL VAL A . n 
A 1 70  ASN 70  79  79  ASN ASN A . n 
A 1 71  GLY 71  80  80  GLY GLY A . n 
A 1 72  ALA 72  81  81  ALA ALA A . n 
A 1 73  ILE 73  82  82  ILE ILE A . n 
A 1 74  VAL 74  83  83  VAL VAL A . n 
A 1 75  CYS 75  84  84  CYS CYS A . n 
A 1 76  GLU 76  85  85  GLU GLU A . n 
A 1 77  LYS 77  86  86  LYS LYS A . n 
A 1 78  GLY 78  88  88  GLY GLY A . n 
A 1 79  THR 79  89  89  THR THR A . n 
A 1 80  SER 80  90  90  SER SER A . n 
A 1 81  CYS 81  91  91  CYS CYS A . n 
A 1 82  GLU 82  92  92  GLU GLU A . n 
A 1 83  ASN 83  93  93  ASN ASN A . n 
A 1 84  ARG 84  94  94  ARG ARG A . n 
A 1 85  ILE 85  95  95  ILE ILE A . n 
A 1 86  CYS 86  96  96  CYS CYS A . n 
A 1 87  GLU 87  97  97  GLU GLU A . n 
A 1 88  CYS 88  98  98  CYS CYS A . n 
A 1 89  ASP 89  99  99  ASP ASP A . n 
A 1 90  LYS 90  100 100 LYS LYS A . n 
A 1 91  ALA 91  101 101 ALA ALA A . n 
A 1 92  ALA 92  102 102 ALA ALA A . n 
A 1 93  ALA 93  103 103 ALA ALA A . n 
A 1 94  ILE 94  104 104 ILE ILE A . n 
A 1 95  CYS 95  105 105 CYS CYS A . n 
A 1 96  PHE 96  106 106 PHE PHE A . n 
A 1 97  ARG 97  107 107 ARG ARG A . n 
A 1 98  GLN 98  108 108 GLN GLN A . n 
A 1 99  ASN 99  109 109 ASN ASN A . n 
A 1 100 LEU 100 110 110 LEU LEU A . n 
A 1 101 ASN 101 111 111 ASN ASN A . n 
A 1 102 THR 102 112 112 THR THR A . n 
A 1 103 TYR 103 113 113 TYR TYR A . n 
A 1 104 SER 104 114 114 SER SER A . n 
A 1 105 LYS 105 115 115 LYS LYS A . n 
A 1 106 LYS 106 116 116 LYS LYS A . n 
A 1 107 TYR 107 117 117 TYR TYR A . n 
A 1 108 MET 108 118 118 MET MET A . n 
A 1 109 LEU 109 119 119 LEU LEU A . n 
A 1 110 TYR 110 120 120 TYR TYR A . n 
A 1 111 PRO 111 121 121 PRO PRO A . n 
A 1 112 ASP 112 122 122 ASP ASP A . n 
A 1 113 PHE 113 124 124 PHE PHE A . n 
A 1 114 LEU 114 125 125 LEU LEU A . n 
A 1 115 CYS 115 126 126 CYS CYS A . n 
A 1 116 LYS 116 127 127 LYS LYS A . n 
A 1 117 GLY 117 128 128 GLY GLY A . n 
A 1 118 GLU 118 129 129 GLU GLU A . n 
A 1 119 LEU 119 130 130 LEU LEU A . n 
A 1 120 LYS 120 131 131 LYS LYS A . n 
A 1 121 CYS 121 133 133 CYS CYS A . n 
# 
loop_
_pdbx_nonpoly_scheme.asym_id 
_pdbx_nonpoly_scheme.entity_id 
_pdbx_nonpoly_scheme.mon_id 
_pdbx_nonpoly_scheme.ndb_seq_num 
_pdbx_nonpoly_scheme.pdb_seq_num 
_pdbx_nonpoly_scheme.auth_seq_num 
_pdbx_nonpoly_scheme.pdb_mon_id 
_pdbx_nonpoly_scheme.auth_mon_id 
_pdbx_nonpoly_scheme.pdb_strand_id 
_pdbx_nonpoly_scheme.pdb_ins_code 
B 2 IOP 1   1001 1   IOP IPA A . 
C 3 HOH 1   1002 1   HOH HOH A . 
C 3 HOH 2   1003 2   HOH HOH A . 
C 3 HOH 3   1004 3   HOH HOH A . 
C 3 HOH 4   1005 4   HOH HOH A . 
C 3 HOH 5   1006 5   HOH HOH A . 
C 3 HOH 6   1007 6   HOH HOH A . 
C 3 HOH 7   1008 7   HOH HOH A . 
C 3 HOH 8   1009 8   HOH HOH A . 
C 3 HOH 9   1010 9   HOH HOH A . 
C 3 HOH 10  1011 10  HOH HOH A . 
C 3 HOH 11  1012 11  HOH HOH A . 
C 3 HOH 12  1013 12  HOH HOH A . 
C 3 HOH 13  1014 13  HOH HOH A . 
C 3 HOH 14  1015 14  HOH HOH A . 
C 3 HOH 15  1016 15  HOH HOH A . 
C 3 HOH 16  1017 16  HOH HOH A . 
C 3 HOH 17  1018 17  HOH HOH A . 
C 3 HOH 18  1019 18  HOH HOH A . 
C 3 HOH 19  1020 19  HOH HOH A . 
C 3 HOH 20  1021 20  HOH HOH A . 
C 3 HOH 21  1022 21  HOH HOH A . 
C 3 HOH 22  1023 22  HOH HOH A . 
C 3 HOH 23  1024 23  HOH HOH A . 
C 3 HOH 24  1025 24  HOH HOH A . 
C 3 HOH 25  1026 25  HOH HOH A . 
C 3 HOH 26  1027 26  HOH HOH A . 
C 3 HOH 27  1028 27  HOH HOH A . 
C 3 HOH 28  1029 28  HOH HOH A . 
C 3 HOH 29  1030 29  HOH HOH A . 
C 3 HOH 30  1031 30  HOH HOH A . 
C 3 HOH 31  1032 31  HOH HOH A . 
C 3 HOH 32  1033 32  HOH HOH A . 
C 3 HOH 33  1034 33  HOH HOH A . 
C 3 HOH 34  1035 34  HOH HOH A . 
C 3 HOH 35  1036 35  HOH HOH A . 
C 3 HOH 36  1037 36  HOH HOH A . 
C 3 HOH 37  1038 37  HOH HOH A . 
C 3 HOH 38  1039 38  HOH HOH A . 
C 3 HOH 39  1040 39  HOH HOH A . 
C 3 HOH 40  1041 40  HOH HOH A . 
C 3 HOH 41  1042 41  HOH HOH A . 
C 3 HOH 42  1043 42  HOH HOH A . 
C 3 HOH 43  1044 43  HOH HOH A . 
C 3 HOH 44  1045 44  HOH HOH A . 
C 3 HOH 45  1046 45  HOH HOH A . 
C 3 HOH 46  1047 46  HOH HOH A . 
C 3 HOH 47  1048 47  HOH HOH A . 
C 3 HOH 48  1049 48  HOH HOH A . 
C 3 HOH 49  1050 49  HOH HOH A . 
C 3 HOH 50  1051 50  HOH HOH A . 
C 3 HOH 51  1052 51  HOH HOH A . 
C 3 HOH 52  1053 52  HOH HOH A . 
C 3 HOH 53  1054 53  HOH HOH A . 
C 3 HOH 54  1055 54  HOH HOH A . 
C 3 HOH 55  1056 55  HOH HOH A . 
C 3 HOH 56  1057 56  HOH HOH A . 
C 3 HOH 57  1058 57  HOH HOH A . 
C 3 HOH 58  1059 58  HOH HOH A . 
C 3 HOH 59  1060 59  HOH HOH A . 
C 3 HOH 60  1061 60  HOH HOH A . 
C 3 HOH 61  1062 61  HOH HOH A . 
C 3 HOH 62  1063 62  HOH HOH A . 
C 3 HOH 63  1064 63  HOH HOH A . 
C 3 HOH 64  1065 64  HOH HOH A . 
C 3 HOH 65  1066 65  HOH HOH A . 
C 3 HOH 66  1067 66  HOH HOH A . 
C 3 HOH 67  1068 67  HOH HOH A . 
C 3 HOH 68  1069 68  HOH HOH A . 
C 3 HOH 69  1070 69  HOH HOH A . 
C 3 HOH 70  1071 70  HOH HOH A . 
C 3 HOH 71  1072 71  HOH HOH A . 
C 3 HOH 72  1073 72  HOH HOH A . 
C 3 HOH 73  1074 73  HOH HOH A . 
C 3 HOH 74  1075 74  HOH HOH A . 
C 3 HOH 75  1076 75  HOH HOH A . 
C 3 HOH 76  1077 76  HOH HOH A . 
C 3 HOH 77  1078 77  HOH HOH A . 
C 3 HOH 78  1079 78  HOH HOH A . 
C 3 HOH 79  1080 79  HOH HOH A . 
C 3 HOH 80  1081 80  HOH HOH A . 
C 3 HOH 81  1082 81  HOH HOH A . 
C 3 HOH 82  1083 82  HOH HOH A . 
C 3 HOH 83  1084 83  HOH HOH A . 
C 3 HOH 84  1085 84  HOH HOH A . 
C 3 HOH 85  1086 85  HOH HOH A . 
C 3 HOH 86  1087 86  HOH HOH A . 
C 3 HOH 87  1088 87  HOH HOH A . 
C 3 HOH 88  1089 88  HOH HOH A . 
C 3 HOH 89  1090 89  HOH HOH A . 
C 3 HOH 90  1091 90  HOH HOH A . 
C 3 HOH 91  1092 91  HOH HOH A . 
C 3 HOH 92  1093 92  HOH HOH A . 
C 3 HOH 93  1094 93  HOH HOH A . 
C 3 HOH 94  1095 94  HOH HOH A . 
C 3 HOH 95  1096 95  HOH HOH A . 
C 3 HOH 96  1097 96  HOH HOH A . 
C 3 HOH 97  1098 97  HOH HOH A . 
C 3 HOH 98  1099 98  HOH HOH A . 
C 3 HOH 99  1100 99  HOH HOH A . 
C 3 HOH 100 1101 100 HOH HOH A . 
C 3 HOH 101 1102 101 HOH HOH A . 
C 3 HOH 102 1103 102 HOH HOH A . 
C 3 HOH 103 1104 103 HOH HOH A . 
C 3 HOH 104 1105 104 HOH HOH A . 
C 3 HOH 105 1106 105 HOH HOH A . 
C 3 HOH 106 1107 106 HOH HOH A . 
C 3 HOH 107 1108 107 HOH HOH A . 
C 3 HOH 108 1109 108 HOH HOH A . 
C 3 HOH 109 1110 109 HOH HOH A . 
C 3 HOH 110 1111 110 HOH HOH A . 
# 
loop_
_software.name 
_software.classification 
_software.version 
_software.citation_id 
_software.pdbx_ordinal 
CNS       refinement        0.9    ? 1 
MAR345    'data collection' 345DTB ? 2 
DENZO     'data reduction'  .      ? 3 
SCALEPACK 'data scaling'    .      ? 4 
AMoRE     phasing           .      ? 5 
# 
_cell.entry_id           2OLI 
_cell.length_a           53.190 
_cell.length_b           53.190 
_cell.length_c           48.400 
_cell.angle_alpha        90.00 
_cell.angle_beta         90.00 
_cell.angle_gamma        90.00 
_cell.Z_PDB              4 
_cell.pdbx_unique_axis   ? 
_cell.length_a_esd       ? 
_cell.length_b_esd       ? 
_cell.length_c_esd       ? 
_cell.angle_alpha_esd    ? 
_cell.angle_beta_esd     ? 
_cell.angle_gamma_esd    ? 
# 
_symmetry.entry_id                         2OLI 
_symmetry.space_group_name_H-M             'P 43' 
_symmetry.pdbx_full_space_group_name_H-M   ? 
_symmetry.cell_setting                     ? 
_symmetry.Int_Tables_number                78 
_symmetry.space_group_name_Hall            ? 
# 
_exptl.entry_id          2OLI 
_exptl.method            'X-RAY DIFFRACTION' 
_exptl.crystals_number   1 
# 
_exptl_crystal.id                    1 
_exptl_crystal.density_meas          ? 
_exptl_crystal.density_Matthews      2.51 
_exptl_crystal.density_percent_sol   51.01 
_exptl_crystal.description           ? 
_exptl_crystal.F_000                 ? 
_exptl_crystal.preparation           ? 
# 
_exptl_crystal_grow.crystal_id      1 
_exptl_crystal_grow.method          'VAPOR DIFFUSION, SITTING DROP' 
_exptl_crystal_grow.temp            298 
_exptl_crystal_grow.temp_details    ? 
_exptl_crystal_grow.pH              7.2 
_exptl_crystal_grow.pdbx_details    'PEG 4000, Ammonium Sulphate, pH 7.2, VAPOR DIFFUSION, SITTING DROP, temperature 298K' 
_exptl_crystal_grow.pdbx_pH_range   . 
# 
_diffrn.id                     1 
_diffrn.ambient_temp           293 
_diffrn.ambient_temp_details   ? 
_diffrn.crystal_id             1 
# 
_diffrn_detector.diffrn_id              1 
_diffrn_detector.detector               'IMAGE PLATE' 
_diffrn_detector.type                   'MAR scanner 345 mm plate' 
_diffrn_detector.pdbx_collection_date   2007-01-13 
_diffrn_detector.details                Mirror 
# 
_diffrn_radiation.diffrn_id                        1 
_diffrn_radiation.wavelength_id                    1 
_diffrn_radiation.pdbx_monochromatic_or_laue_m_l   M 
_diffrn_radiation.monochromator                    graphite 
_diffrn_radiation.pdbx_diffrn_protocol             'SINGLE WAVELENGTH' 
_diffrn_radiation.pdbx_scattering_type             x-ray 
# 
_diffrn_radiation_wavelength.id           1 
_diffrn_radiation_wavelength.wavelength   1.54132 
_diffrn_radiation_wavelength.wt           1.0 
# 
_diffrn_source.diffrn_id                   1 
_diffrn_source.source                      'ROTATING ANODE' 
_diffrn_source.type                        'RIGAKU RU300' 
_diffrn_source.pdbx_synchrotron_site       ? 
_diffrn_source.pdbx_synchrotron_beamline   ? 
_diffrn_source.pdbx_wavelength             ? 
_diffrn_source.pdbx_wavelength_list        1.54132 
# 
_reflns.entry_id                     2OLI 
_reflns.observed_criterion_sigma_I   0 
_reflns.observed_criterion_sigma_F   0 
_reflns.d_resolution_low             17.9 
_reflns.d_resolution_high            2.21 
_reflns.number_obs                   6522 
_reflns.number_all                   6531 
_reflns.percent_possible_obs         95.2 
_reflns.pdbx_Rmerge_I_obs            ? 
_reflns.pdbx_Rsym_value              ? 
_reflns.pdbx_netI_over_sigmaI        ? 
_reflns.B_iso_Wilson_estimate        33.5 
_reflns.pdbx_redundancy              ? 
_reflns.R_free_details               ? 
_reflns.limit_h_max                  ? 
_reflns.limit_h_min                  ? 
_reflns.limit_k_max                  ? 
_reflns.limit_k_min                  ? 
_reflns.limit_l_max                  ? 
_reflns.limit_l_min                  ? 
_reflns.observed_criterion_F_max     ? 
_reflns.observed_criterion_F_min     ? 
_reflns.pdbx_chi_squared             ? 
_reflns.pdbx_scaling_rejects         ? 
_reflns.pdbx_diffrn_id               1 
_reflns.pdbx_ordinal                 1 
# 
_reflns_shell.d_res_high             2.21 
_reflns_shell.d_res_low              2.29 
_reflns_shell.percent_possible_all   82.1 
_reflns_shell.Rmerge_I_obs           ? 
_reflns_shell.pdbx_Rsym_value        ? 
_reflns_shell.meanI_over_sigI_obs    ? 
_reflns_shell.pdbx_redundancy        ? 
_reflns_shell.percent_possible_obs   ? 
_reflns_shell.number_unique_all      ? 
_reflns_shell.number_measured_all    ? 
_reflns_shell.number_measured_obs    ? 
_reflns_shell.number_unique_obs      ? 
_reflns_shell.pdbx_chi_squared       ? 
_reflns_shell.pdbx_diffrn_id         ? 
_reflns_shell.pdbx_ordinal           1 
# 
_refine.entry_id                                 2OLI 
_refine.ls_number_reflns_obs                     6522 
_refine.ls_number_reflns_all                     0 
_refine.pdbx_ls_sigma_I                          0 
_refine.pdbx_ls_sigma_F                          0.0 
_refine.pdbx_data_cutoff_high_absF               76239.95 
_refine.pdbx_data_cutoff_low_absF                0.000000 
_refine.pdbx_data_cutoff_high_rms_absF           ? 
_refine.ls_d_res_low                             17.90 
_refine.ls_d_res_high                            2.21 
_refine.ls_percent_reflns_obs                    95.4 
_refine.ls_R_factor_obs                          0.177 
_refine.ls_R_factor_all                          0.182 
_refine.ls_R_factor_R_work                       0.177 
_refine.ls_R_factor_R_free                       0.186 
_refine.ls_R_factor_R_free_error                 0.010 
_refine.ls_R_factor_R_free_error_details         ? 
_refine.ls_percent_reflns_R_free                 5.6 
_refine.ls_number_reflns_R_free                  363 
_refine.ls_number_parameters                     ? 
_refine.ls_number_restraints                     ? 
_refine.occupancy_min                            ? 
_refine.occupancy_max                            ? 
_refine.correlation_coeff_Fo_to_Fc               ? 
_refine.correlation_coeff_Fo_to_Fc_free          ? 
_refine.B_iso_mean                               31.4 
_refine.aniso_B[1][1]                            1.43 
_refine.aniso_B[2][2]                            1.43 
_refine.aniso_B[3][3]                            -2.85 
_refine.aniso_B[1][2]                            0.00 
_refine.aniso_B[1][3]                            0.00 
_refine.aniso_B[2][3]                            0.00 
_refine.solvent_model_details                    'FLAT MODEL' 
_refine.solvent_model_param_ksol                 0.355544 
_refine.solvent_model_param_bsol                 58.7084 
_refine.pdbx_solvent_vdw_probe_radii             ? 
_refine.pdbx_solvent_ion_probe_radii             ? 
_refine.pdbx_solvent_shrinkage_radii             ? 
_refine.pdbx_ls_cross_valid_method               THROUGHOUT 
_refine.details                                  ? 
_refine.pdbx_starting_model                      1ZR8 
_refine.pdbx_method_to_determine_struct          'MOLECULAR REPLACEMENT' 
_refine.pdbx_isotropic_thermal_model             RESTRAINED 
_refine.pdbx_stereochemistry_target_values       'Engh & Huber' 
_refine.pdbx_stereochem_target_val_spec_case     ? 
_refine.pdbx_R_Free_selection_details            RANDOM 
_refine.pdbx_overall_ESU_R                       ? 
_refine.pdbx_overall_ESU_R_Free                  ? 
_refine.overall_SU_ML                            ? 
_refine.overall_SU_B                             ? 
_refine.ls_redundancy_reflns_obs                 ? 
_refine.B_iso_min                                ? 
_refine.B_iso_max                                ? 
_refine.overall_SU_R_Cruickshank_DPI             ? 
_refine.overall_SU_R_free                        ? 
_refine.ls_wR_factor_R_free                      ? 
_refine.ls_wR_factor_R_work                      ? 
_refine.overall_FOM_free_R_set                   ? 
_refine.overall_FOM_work_R_set                   ? 
_refine.pdbx_refine_id                           'X-RAY DIFFRACTION' 
_refine.pdbx_diffrn_id                           1 
_refine.pdbx_TLS_residual_ADP_flag               ? 
_refine.pdbx_overall_phase_error                 ? 
_refine.pdbx_overall_SU_R_free_Cruickshank_DPI   ? 
_refine.pdbx_overall_SU_R_Blow_DPI               ? 
_refine.pdbx_overall_SU_R_free_Blow_DPI          ? 
# 
_refine_analyze.entry_id                        2OLI 
_refine_analyze.Luzzati_coordinate_error_obs    0.21 
_refine_analyze.Luzzati_sigma_a_obs             0.20 
_refine_analyze.Luzzati_d_res_low_obs           5.00 
_refine_analyze.Luzzati_coordinate_error_free   0.23 
_refine_analyze.Luzzati_sigma_a_free            0.27 
_refine_analyze.Luzzati_d_res_low_free          ? 
_refine_analyze.number_disordered_residues      ? 
_refine_analyze.occupancy_sum_hydrogen          ? 
_refine_analyze.occupancy_sum_non_hydrogen      ? 
_refine_analyze.pdbx_Luzzati_d_res_high_obs     ? 
_refine_analyze.pdbx_refine_id                  'X-RAY DIFFRACTION' 
# 
_refine_hist.pdbx_refine_id                   'X-RAY DIFFRACTION' 
_refine_hist.cycle_id                         LAST 
_refine_hist.pdbx_number_atoms_protein        944 
_refine_hist.pdbx_number_atoms_nucleic_acid   0 
_refine_hist.pdbx_number_atoms_ligand         14 
_refine_hist.number_atoms_solvent             110 
_refine_hist.number_atoms_total               1068 
_refine_hist.d_res_high                       2.21 
_refine_hist.d_res_low                        17.90 
# 
loop_
_refine_ls_restr.type 
_refine_ls_restr.dev_ideal 
_refine_ls_restr.dev_ideal_target 
_refine_ls_restr.weight 
_refine_ls_restr.number 
_refine_ls_restr.pdbx_refine_id 
_refine_ls_restr.pdbx_restraint_function 
c_bond_d                0.007 ?    ? ? 'X-RAY DIFFRACTION' ? 
c_bond_d_na             ?     ?    ? ? 'X-RAY DIFFRACTION' ? 
c_bond_d_prot           ?     ?    ? ? 'X-RAY DIFFRACTION' ? 
c_angle_d               ?     ?    ? ? 'X-RAY DIFFRACTION' ? 
c_angle_d_na            ?     ?    ? ? 'X-RAY DIFFRACTION' ? 
c_angle_d_prot          ?     ?    ? ? 'X-RAY DIFFRACTION' ? 
c_angle_deg             1.4   ?    ? ? 'X-RAY DIFFRACTION' ? 
c_angle_deg_na          ?     ?    ? ? 'X-RAY DIFFRACTION' ? 
c_angle_deg_prot        ?     ?    ? ? 'X-RAY DIFFRACTION' ? 
c_dihedral_angle_d      22.7  ?    ? ? 'X-RAY DIFFRACTION' ? 
c_dihedral_angle_d_na   ?     ?    ? ? 'X-RAY DIFFRACTION' ? 
c_dihedral_angle_d_prot ?     ?    ? ? 'X-RAY DIFFRACTION' ? 
c_improper_angle_d      0.78  ?    ? ? 'X-RAY DIFFRACTION' ? 
c_improper_angle_d_na   ?     ?    ? ? 'X-RAY DIFFRACTION' ? 
c_improper_angle_d_prot ?     ?    ? ? 'X-RAY DIFFRACTION' ? 
c_mcbond_it             1.39  1.50 ? ? 'X-RAY DIFFRACTION' ? 
c_mcangle_it            2.38  2.00 ? ? 'X-RAY DIFFRACTION' ? 
c_scbond_it             2.05  2.00 ? ? 'X-RAY DIFFRACTION' ? 
c_scangle_it            3.09  2.50 ? ? 'X-RAY DIFFRACTION' ? 
# 
_refine_ls_shell.pdbx_total_number_of_bins_used   6 
_refine_ls_shell.d_res_high                       2.21 
_refine_ls_shell.d_res_low                        2.35 
_refine_ls_shell.number_reflns_R_work             879 
_refine_ls_shell.R_factor_R_work                  0.241 
_refine_ls_shell.percent_reflns_obs               83.5 
_refine_ls_shell.R_factor_R_free                  0.299 
_refine_ls_shell.R_factor_R_free_error            0.038 
_refine_ls_shell.percent_reflns_R_free            6.5 
_refine_ls_shell.number_reflns_R_free             61 
_refine_ls_shell.number_reflns_all                ? 
_refine_ls_shell.R_factor_all                     ? 
_refine_ls_shell.number_reflns_obs                ? 
_refine_ls_shell.redundancy_reflns_obs            ? 
_refine_ls_shell.pdbx_refine_id                   'X-RAY DIFFRACTION' 
# 
loop_
_pdbx_xplor_file.serial_no 
_pdbx_xplor_file.param_file 
_pdbx_xplor_file.topol_file 
_pdbx_xplor_file.pdbx_refine_id 
1 protein_rep.param protein.top 'X-RAY DIFFRACTION' 
2 ion.param         water.top   'X-RAY DIFFRACTION' 
3 water_rep.param   ipa.top     'X-RAY DIFFRACTION' 
4 ipa.param         ion.top     'X-RAY DIFFRACTION' 
# 
_struct.entry_id                  2OLI 
_struct.title                     
'Crystal structure of the complex formed between a group II phospholipase A2 and an indole derivative at 2.2 A resolution' 
_struct.pdbx_model_details        ? 
_struct.pdbx_CASP_flag            ? 
_struct.pdbx_model_type_details   ? 
# 
_struct_keywords.entry_id        2OLI 
_struct_keywords.pdbx_keywords   HYDROLASE 
_struct_keywords.text            'Inhibitor, HYDROLASE' 
# 
loop_
_struct_asym.id 
_struct_asym.pdbx_blank_PDB_chainid_flag 
_struct_asym.pdbx_modified 
_struct_asym.entity_id 
_struct_asym.details 
A N N 1 ? 
B N N 2 ? 
C N N 3 ? 
# 
_struct_ref.id                         1 
_struct_ref.db_name                    UNP 
_struct_ref.db_code                    PA28_DABRP 
_struct_ref.pdbx_db_accession          P59071 
_struct_ref.entity_id                  1 
_struct_ref.pdbx_seq_one_letter_code   
;SLLEFGKMILEETGKLAIPSYSSYGCYCGWGGKGTPKDATDRCCFVHDCCYGNLPDCNPKSDRYKYKRVNGAIVCEKGTS
CENRICECDKAAAICFRQNLNTYSKKYMLYPDFLCKGELKC
;
_struct_ref.pdbx_align_begin           1 
_struct_ref.pdbx_db_isoform            ? 
# 
_struct_ref_seq.align_id                      1 
_struct_ref_seq.ref_id                        1 
_struct_ref_seq.pdbx_PDB_id_code              2OLI 
_struct_ref_seq.pdbx_strand_id                A 
_struct_ref_seq.seq_align_beg                 1 
_struct_ref_seq.pdbx_seq_align_beg_ins_code   ? 
_struct_ref_seq.seq_align_end                 121 
_struct_ref_seq.pdbx_seq_align_end_ins_code   ? 
_struct_ref_seq.pdbx_db_accession             P59071 
_struct_ref_seq.db_align_beg                  1 
_struct_ref_seq.pdbx_db_align_beg_ins_code    ? 
_struct_ref_seq.db_align_end                  121 
_struct_ref_seq.pdbx_db_align_end_ins_code    ? 
_struct_ref_seq.pdbx_auth_seq_align_beg       1 
_struct_ref_seq.pdbx_auth_seq_align_end       133 
# 
_pdbx_struct_assembly.id                   1 
_pdbx_struct_assembly.details              author_defined_assembly 
_pdbx_struct_assembly.method_details       ? 
_pdbx_struct_assembly.oligomeric_details   monomeric 
_pdbx_struct_assembly.oligomeric_count     1 
# 
_pdbx_struct_assembly_gen.assembly_id       1 
_pdbx_struct_assembly_gen.oper_expression   1 
_pdbx_struct_assembly_gen.asym_id_list      A,B,C 
# 
_pdbx_struct_oper_list.id                   1 
_pdbx_struct_oper_list.type                 'identity operation' 
_pdbx_struct_oper_list.name                 1_555 
_pdbx_struct_oper_list.symmetry_operation   x,y,z 
_pdbx_struct_oper_list.matrix[1][1]         1.0000000000 
_pdbx_struct_oper_list.matrix[1][2]         0.0000000000 
_pdbx_struct_oper_list.matrix[1][3]         0.0000000000 
_pdbx_struct_oper_list.vector[1]            0.0000000000 
_pdbx_struct_oper_list.matrix[2][1]         0.0000000000 
_pdbx_struct_oper_list.matrix[2][2]         1.0000000000 
_pdbx_struct_oper_list.matrix[2][3]         0.0000000000 
_pdbx_struct_oper_list.vector[2]            0.0000000000 
_pdbx_struct_oper_list.matrix[3][1]         0.0000000000 
_pdbx_struct_oper_list.matrix[3][2]         0.0000000000 
_pdbx_struct_oper_list.matrix[3][3]         1.0000000000 
_pdbx_struct_oper_list.vector[3]            0.0000000000 
# 
loop_
_struct_conf.conf_type_id 
_struct_conf.id 
_struct_conf.pdbx_PDB_helix_id 
_struct_conf.beg_label_comp_id 
_struct_conf.beg_label_asym_id 
_struct_conf.beg_label_seq_id 
_struct_conf.pdbx_beg_PDB_ins_code 
_struct_conf.end_label_comp_id 
_struct_conf.end_label_asym_id 
_struct_conf.end_label_seq_id 
_struct_conf.pdbx_end_PDB_ins_code 
_struct_conf.beg_auth_comp_id 
_struct_conf.beg_auth_asym_id 
_struct_conf.beg_auth_seq_id 
_struct_conf.end_auth_comp_id 
_struct_conf.end_auth_asym_id 
_struct_conf.end_auth_seq_id 
_struct_conf.pdbx_PDB_helix_class 
_struct_conf.details 
_struct_conf.pdbx_PDB_helix_length 
HELX_P HELX_P1 1 SER A 1   ? GLY A 14  ? SER A 1   GLY A 14  1 ? 14 
HELX_P HELX_P2 2 LEU A 16  ? TYR A 21  ? LEU A 17  TYR A 22  1 ? 6  
HELX_P HELX_P3 3 ASP A 38  ? ASN A 53  ? ASP A 39  ASN A 54  1 ? 16 
HELX_P HELX_P4 4 THR A 79  ? ASN A 99  ? THR A 89  ASN A 109 1 ? 21 
HELX_P HELX_P5 5 LEU A 100 ? TYR A 103 ? LEU A 110 TYR A 113 5 ? 4  
HELX_P HELX_P6 6 SER A 104 ? MET A 108 ? SER A 114 MET A 118 5 ? 5  
HELX_P HELX_P7 7 PRO A 111 ? CYS A 115 ? PRO A 121 CYS A 126 5 ? 5  
# 
_struct_conf_type.id          HELX_P 
_struct_conf_type.criteria    ? 
_struct_conf_type.reference   ? 
# 
loop_
_struct_conn.id 
_struct_conn.conn_type_id 
_struct_conn.pdbx_leaving_atom_flag 
_struct_conn.pdbx_PDB_id 
_struct_conn.ptnr1_label_asym_id 
_struct_conn.ptnr1_label_comp_id 
_struct_conn.ptnr1_label_seq_id 
_struct_conn.ptnr1_label_atom_id 
_struct_conn.pdbx_ptnr1_label_alt_id 
_struct_conn.pdbx_ptnr1_PDB_ins_code 
_struct_conn.pdbx_ptnr1_standard_comp_id 
_struct_conn.ptnr1_symmetry 
_struct_conn.ptnr2_label_asym_id 
_struct_conn.ptnr2_label_comp_id 
_struct_conn.ptnr2_label_seq_id 
_struct_conn.ptnr2_label_atom_id 
_struct_conn.pdbx_ptnr2_label_alt_id 
_struct_conn.pdbx_ptnr2_PDB_ins_code 
_struct_conn.ptnr1_auth_asym_id 
_struct_conn.ptnr1_auth_comp_id 
_struct_conn.ptnr1_auth_seq_id 
_struct_conn.ptnr2_auth_asym_id 
_struct_conn.ptnr2_auth_comp_id 
_struct_conn.ptnr2_auth_seq_id 
_struct_conn.ptnr2_symmetry 
_struct_conn.pdbx_ptnr3_label_atom_id 
_struct_conn.pdbx_ptnr3_label_seq_id 
_struct_conn.pdbx_ptnr3_label_comp_id 
_struct_conn.pdbx_ptnr3_label_asym_id 
_struct_conn.pdbx_ptnr3_label_alt_id 
_struct_conn.pdbx_ptnr3_PDB_ins_code 
_struct_conn.details 
_struct_conn.pdbx_dist_value 
_struct_conn.pdbx_value_order 
_struct_conn.pdbx_role 
disulf1 disulf ? ? A CYS 26 SG ? ? ? 1_555 A CYS 115 SG ? ? A CYS 27 A CYS 126 1_555 ? ? ? ? ? ? ? 2.031 ? ? 
disulf2 disulf ? ? A CYS 28 SG ? ? ? 1_555 A CYS 44  SG ? ? A CYS 29 A CYS 45  1_555 ? ? ? ? ? ? ? 2.027 ? ? 
disulf3 disulf ? ? A CYS 43 SG ? ? ? 1_555 A CYS 95  SG ? ? A CYS 44 A CYS 105 1_555 ? ? ? ? ? ? ? 2.026 ? ? 
disulf4 disulf ? ? A CYS 49 SG ? ? ? 1_555 A CYS 121 SG ? ? A CYS 50 A CYS 133 1_555 ? ? ? ? ? ? ? 2.025 ? ? 
disulf5 disulf ? ? A CYS 50 SG ? ? ? 1_555 A CYS 88  SG ? ? A CYS 51 A CYS 98  1_555 ? ? ? ? ? ? ? 2.027 ? ? 
disulf6 disulf ? ? A CYS 57 SG ? ? ? 1_555 A CYS 81  SG ? ? A CYS 61 A CYS 91  1_555 ? ? ? ? ? ? ? 2.034 ? ? 
disulf7 disulf ? ? A CYS 75 SG ? ? ? 1_555 A CYS 86  SG ? ? A CYS 84 A CYS 96  1_555 ? ? ? ? ? ? ? 2.032 ? ? 
# 
_struct_conn_type.id          disulf 
_struct_conn_type.criteria    ? 
_struct_conn_type.reference   ? 
# 
loop_
_pdbx_modification_feature.ordinal 
_pdbx_modification_feature.label_comp_id 
_pdbx_modification_feature.label_asym_id 
_pdbx_modification_feature.label_seq_id 
_pdbx_modification_feature.label_alt_id 
_pdbx_modification_feature.modified_residue_label_comp_id 
_pdbx_modification_feature.modified_residue_label_asym_id 
_pdbx_modification_feature.modified_residue_label_seq_id 
_pdbx_modification_feature.modified_residue_label_alt_id 
_pdbx_modification_feature.auth_comp_id 
_pdbx_modification_feature.auth_asym_id 
_pdbx_modification_feature.auth_seq_id 
_pdbx_modification_feature.PDB_ins_code 
_pdbx_modification_feature.symmetry 
_pdbx_modification_feature.modified_residue_auth_comp_id 
_pdbx_modification_feature.modified_residue_auth_asym_id 
_pdbx_modification_feature.modified_residue_auth_seq_id 
_pdbx_modification_feature.modified_residue_PDB_ins_code 
_pdbx_modification_feature.modified_residue_symmetry 
_pdbx_modification_feature.comp_id_linking_atom 
_pdbx_modification_feature.modified_residue_id_linking_atom 
_pdbx_modification_feature.modified_residue_id 
_pdbx_modification_feature.ref_pcm_id 
_pdbx_modification_feature.ref_comp_id 
_pdbx_modification_feature.type 
_pdbx_modification_feature.category 
1 CYS A 26 ? CYS A 115 ? CYS A 27 ? 1_555 CYS A 126 ? 1_555 SG SG . . . None 'Disulfide bridge' 
2 CYS A 28 ? CYS A 44  ? CYS A 29 ? 1_555 CYS A 45  ? 1_555 SG SG . . . None 'Disulfide bridge' 
3 CYS A 43 ? CYS A 95  ? CYS A 44 ? 1_555 CYS A 105 ? 1_555 SG SG . . . None 'Disulfide bridge' 
4 CYS A 49 ? CYS A 121 ? CYS A 50 ? 1_555 CYS A 133 ? 1_555 SG SG . . . None 'Disulfide bridge' 
5 CYS A 50 ? CYS A 88  ? CYS A 51 ? 1_555 CYS A 98  ? 1_555 SG SG . . . None 'Disulfide bridge' 
6 CYS A 57 ? CYS A 81  ? CYS A 61 ? 1_555 CYS A 91  ? 1_555 SG SG . . . None 'Disulfide bridge' 
7 CYS A 75 ? CYS A 86  ? CYS A 84 ? 1_555 CYS A 96  ? 1_555 SG SG . . . None 'Disulfide bridge' 
# 
_struct_mon_prot_cis.pdbx_id                1 
_struct_mon_prot_cis.label_comp_id          ILE 
_struct_mon_prot_cis.label_seq_id           18 
_struct_mon_prot_cis.label_asym_id          A 
_struct_mon_prot_cis.label_alt_id           . 
_struct_mon_prot_cis.pdbx_PDB_ins_code      ? 
_struct_mon_prot_cis.auth_comp_id           ILE 
_struct_mon_prot_cis.auth_seq_id            19 
_struct_mon_prot_cis.auth_asym_id           A 
_struct_mon_prot_cis.pdbx_label_comp_id_2   PRO 
_struct_mon_prot_cis.pdbx_label_seq_id_2    19 
_struct_mon_prot_cis.pdbx_label_asym_id_2   A 
_struct_mon_prot_cis.pdbx_PDB_ins_code_2    ? 
_struct_mon_prot_cis.pdbx_auth_comp_id_2    PRO 
_struct_mon_prot_cis.pdbx_auth_seq_id_2     20 
_struct_mon_prot_cis.pdbx_auth_asym_id_2    A 
_struct_mon_prot_cis.pdbx_PDB_model_num     1 
_struct_mon_prot_cis.pdbx_omega_angle       0.11 
# 
_struct_sheet.id               A 
_struct_sheet.type             ? 
_struct_sheet.number_strands   2 
_struct_sheet.details          ? 
# 
_struct_sheet_order.sheet_id     A 
_struct_sheet_order.range_id_1   1 
_struct_sheet_order.range_id_2   2 
_struct_sheet_order.offset       ? 
_struct_sheet_order.sense        anti-parallel 
# 
loop_
_struct_sheet_range.sheet_id 
_struct_sheet_range.id 
_struct_sheet_range.beg_label_comp_id 
_struct_sheet_range.beg_label_asym_id 
_struct_sheet_range.beg_label_seq_id 
_struct_sheet_range.pdbx_beg_PDB_ins_code 
_struct_sheet_range.end_label_comp_id 
_struct_sheet_range.end_label_asym_id 
_struct_sheet_range.end_label_seq_id 
_struct_sheet_range.pdbx_end_PDB_ins_code 
_struct_sheet_range.beg_auth_comp_id 
_struct_sheet_range.beg_auth_asym_id 
_struct_sheet_range.beg_auth_seq_id 
_struct_sheet_range.end_auth_comp_id 
_struct_sheet_range.end_auth_asym_id 
_struct_sheet_range.end_auth_seq_id 
A 1 TYR A 66 ? VAL A 69 ? TYR A 75 VAL A 78 
A 2 ALA A 72 ? CYS A 75 ? ALA A 81 CYS A 84 
# 
_pdbx_struct_sheet_hbond.sheet_id                A 
_pdbx_struct_sheet_hbond.range_id_1              1 
_pdbx_struct_sheet_hbond.range_id_2              2 
_pdbx_struct_sheet_hbond.range_1_label_atom_id   N 
_pdbx_struct_sheet_hbond.range_1_label_comp_id   LYS 
_pdbx_struct_sheet_hbond.range_1_label_asym_id   A 
_pdbx_struct_sheet_hbond.range_1_label_seq_id    67 
_pdbx_struct_sheet_hbond.range_1_PDB_ins_code    ? 
_pdbx_struct_sheet_hbond.range_1_auth_atom_id    N 
_pdbx_struct_sheet_hbond.range_1_auth_comp_id    LYS 
_pdbx_struct_sheet_hbond.range_1_auth_asym_id    A 
_pdbx_struct_sheet_hbond.range_1_auth_seq_id     76 
_pdbx_struct_sheet_hbond.range_2_label_atom_id   O 
_pdbx_struct_sheet_hbond.range_2_label_comp_id   VAL 
_pdbx_struct_sheet_hbond.range_2_label_asym_id   A 
_pdbx_struct_sheet_hbond.range_2_label_seq_id    74 
_pdbx_struct_sheet_hbond.range_2_PDB_ins_code    ? 
_pdbx_struct_sheet_hbond.range_2_auth_atom_id    O 
_pdbx_struct_sheet_hbond.range_2_auth_comp_id    VAL 
_pdbx_struct_sheet_hbond.range_2_auth_asym_id    A 
_pdbx_struct_sheet_hbond.range_2_auth_seq_id     83 
# 
_struct_site.id                   AC1 
_struct_site.pdbx_evidence_code   Software 
_struct_site.pdbx_auth_asym_id    A 
_struct_site.pdbx_auth_comp_id    IOP 
_struct_site.pdbx_auth_seq_id     1001 
_struct_site.pdbx_auth_ins_code   ? 
_struct_site.pdbx_num_residues    8 
_struct_site.details              'BINDING SITE FOR RESIDUE IOP A 1001' 
# 
loop_
_struct_site_gen.id 
_struct_site_gen.site_id 
_struct_site_gen.pdbx_num_res 
_struct_site_gen.label_comp_id 
_struct_site_gen.label_asym_id 
_struct_site_gen.label_seq_id 
_struct_site_gen.pdbx_auth_ins_code 
_struct_site_gen.auth_comp_id 
_struct_site_gen.auth_asym_id 
_struct_site_gen.auth_seq_id 
_struct_site_gen.label_atom_id 
_struct_site_gen.label_alt_id 
_struct_site_gen.symmetry 
_struct_site_gen.details 
1 AC1 8 LEU A 2   ? LEU A 2    . ? 1_555 ? 
2 AC1 8 ALA A 17  ? ALA A 18   . ? 1_555 ? 
3 AC1 8 ILE A 18  ? ILE A 19   . ? 1_555 ? 
4 AC1 8 TYR A 21  ? TYR A 22   . ? 1_555 ? 
5 AC1 8 GLY A 29  ? GLY A 30   . ? 1_555 ? 
6 AC1 8 LYS A 60  ? LYS A 69   . ? 1_555 ? 
7 AC1 8 ASN A 101 ? ASN A 111  . ? 2_454 ? 
8 AC1 8 HOH C .   ? HOH A 1097 . ? 1_555 ? 
# 
_pdbx_entry_details.entry_id                   2OLI 
_pdbx_entry_details.compound_details           ? 
_pdbx_entry_details.source_details             ? 
_pdbx_entry_details.nonpolymer_details         ? 
_pdbx_entry_details.sequence_details           ? 
_pdbx_entry_details.has_ligand_of_interest     ? 
_pdbx_entry_details.has_protein_modification   Y 
# 
loop_
_pdbx_validate_rmsd_angle.id 
_pdbx_validate_rmsd_angle.PDB_model_num 
_pdbx_validate_rmsd_angle.auth_atom_id_1 
_pdbx_validate_rmsd_angle.auth_asym_id_1 
_pdbx_validate_rmsd_angle.auth_comp_id_1 
_pdbx_validate_rmsd_angle.auth_seq_id_1 
_pdbx_validate_rmsd_angle.PDB_ins_code_1 
_pdbx_validate_rmsd_angle.label_alt_id_1 
_pdbx_validate_rmsd_angle.auth_atom_id_2 
_pdbx_validate_rmsd_angle.auth_asym_id_2 
_pdbx_validate_rmsd_angle.auth_comp_id_2 
_pdbx_validate_rmsd_angle.auth_seq_id_2 
_pdbx_validate_rmsd_angle.PDB_ins_code_2 
_pdbx_validate_rmsd_angle.label_alt_id_2 
_pdbx_validate_rmsd_angle.auth_atom_id_3 
_pdbx_validate_rmsd_angle.auth_asym_id_3 
_pdbx_validate_rmsd_angle.auth_comp_id_3 
_pdbx_validate_rmsd_angle.auth_seq_id_3 
_pdbx_validate_rmsd_angle.PDB_ins_code_3 
_pdbx_validate_rmsd_angle.label_alt_id_3 
_pdbx_validate_rmsd_angle.angle_value 
_pdbx_validate_rmsd_angle.angle_target_value 
_pdbx_validate_rmsd_angle.angle_deviation 
_pdbx_validate_rmsd_angle.angle_standard_deviation 
_pdbx_validate_rmsd_angle.linker_flag 
1 1 CB A TRP 31 ? ? CA A TRP 31 ? ? C A TRP 31 ? ? 97.66  110.40 -12.74 2.00 N 
2 1 N  A TRP 31 ? ? CA A TRP 31 ? ? C A TRP 31 ? ? 127.39 111.00 16.39  2.70 N 
# 
loop_
_chem_comp_atom.comp_id 
_chem_comp_atom.atom_id 
_chem_comp_atom.type_symbol 
_chem_comp_atom.pdbx_aromatic_flag 
_chem_comp_atom.pdbx_stereo_config 
_chem_comp_atom.pdbx_ordinal 
ALA N      N N N 1   
ALA CA     C N S 2   
ALA C      C N N 3   
ALA O      O N N 4   
ALA CB     C N N 5   
ALA OXT    O N N 6   
ALA H      H N N 7   
ALA H2     H N N 8   
ALA HA     H N N 9   
ALA HB1    H N N 10  
ALA HB2    H N N 11  
ALA HB3    H N N 12  
ALA HXT    H N N 13  
ARG N      N N N 14  
ARG CA     C N S 15  
ARG C      C N N 16  
ARG O      O N N 17  
ARG CB     C N N 18  
ARG CG     C N N 19  
ARG CD     C N N 20  
ARG NE     N N N 21  
ARG CZ     C N N 22  
ARG NH1    N N N 23  
ARG NH2    N N N 24  
ARG OXT    O N N 25  
ARG H      H N N 26  
ARG H2     H N N 27  
ARG HA     H N N 28  
ARG HB2    H N N 29  
ARG HB3    H N N 30  
ARG HG2    H N N 31  
ARG HG3    H N N 32  
ARG HD2    H N N 33  
ARG HD3    H N N 34  
ARG HE     H N N 35  
ARG HH11   H N N 36  
ARG HH12   H N N 37  
ARG HH21   H N N 38  
ARG HH22   H N N 39  
ARG HXT    H N N 40  
ASN N      N N N 41  
ASN CA     C N S 42  
ASN C      C N N 43  
ASN O      O N N 44  
ASN CB     C N N 45  
ASN CG     C N N 46  
ASN OD1    O N N 47  
ASN ND2    N N N 48  
ASN OXT    O N N 49  
ASN H      H N N 50  
ASN H2     H N N 51  
ASN HA     H N N 52  
ASN HB2    H N N 53  
ASN HB3    H N N 54  
ASN HD21   H N N 55  
ASN HD22   H N N 56  
ASN HXT    H N N 57  
ASP N      N N N 58  
ASP CA     C N S 59  
ASP C      C N N 60  
ASP O      O N N 61  
ASP CB     C N N 62  
ASP CG     C N N 63  
ASP OD1    O N N 64  
ASP OD2    O N N 65  
ASP OXT    O N N 66  
ASP H      H N N 67  
ASP H2     H N N 68  
ASP HA     H N N 69  
ASP HB2    H N N 70  
ASP HB3    H N N 71  
ASP HD2    H N N 72  
ASP HXT    H N N 73  
CYS N      N N N 74  
CYS CA     C N R 75  
CYS C      C N N 76  
CYS O      O N N 77  
CYS CB     C N N 78  
CYS SG     S N N 79  
CYS OXT    O N N 80  
CYS H      H N N 81  
CYS H2     H N N 82  
CYS HA     H N N 83  
CYS HB2    H N N 84  
CYS HB3    H N N 85  
CYS HG     H N N 86  
CYS HXT    H N N 87  
GLN N      N N N 88  
GLN CA     C N S 89  
GLN C      C N N 90  
GLN O      O N N 91  
GLN CB     C N N 92  
GLN CG     C N N 93  
GLN CD     C N N 94  
GLN OE1    O N N 95  
GLN NE2    N N N 96  
GLN OXT    O N N 97  
GLN H      H N N 98  
GLN H2     H N N 99  
GLN HA     H N N 100 
GLN HB2    H N N 101 
GLN HB3    H N N 102 
GLN HG2    H N N 103 
GLN HG3    H N N 104 
GLN HE21   H N N 105 
GLN HE22   H N N 106 
GLN HXT    H N N 107 
GLU N      N N N 108 
GLU CA     C N S 109 
GLU C      C N N 110 
GLU O      O N N 111 
GLU CB     C N N 112 
GLU CG     C N N 113 
GLU CD     C N N 114 
GLU OE1    O N N 115 
GLU OE2    O N N 116 
GLU OXT    O N N 117 
GLU H      H N N 118 
GLU H2     H N N 119 
GLU HA     H N N 120 
GLU HB2    H N N 121 
GLU HB3    H N N 122 
GLU HG2    H N N 123 
GLU HG3    H N N 124 
GLU HE2    H N N 125 
GLU HXT    H N N 126 
GLY N      N N N 127 
GLY CA     C N N 128 
GLY C      C N N 129 
GLY O      O N N 130 
GLY OXT    O N N 131 
GLY H      H N N 132 
GLY H2     H N N 133 
GLY HA2    H N N 134 
GLY HA3    H N N 135 
GLY HXT    H N N 136 
HIS N      N N N 137 
HIS CA     C N S 138 
HIS C      C N N 139 
HIS O      O N N 140 
HIS CB     C N N 141 
HIS CG     C Y N 142 
HIS ND1    N Y N 143 
HIS CD2    C Y N 144 
HIS CE1    C Y N 145 
HIS NE2    N Y N 146 
HIS OXT    O N N 147 
HIS H      H N N 148 
HIS H2     H N N 149 
HIS HA     H N N 150 
HIS HB2    H N N 151 
HIS HB3    H N N 152 
HIS HD1    H N N 153 
HIS HD2    H N N 154 
HIS HE1    H N N 155 
HIS HE2    H N N 156 
HIS HXT    H N N 157 
HOH O      O N N 158 
HOH H1     H N N 159 
HOH H2     H N N 160 
ILE N      N N N 161 
ILE CA     C N S 162 
ILE C      C N N 163 
ILE O      O N N 164 
ILE CB     C N S 165 
ILE CG1    C N N 166 
ILE CG2    C N N 167 
ILE CD1    C N N 168 
ILE OXT    O N N 169 
ILE H      H N N 170 
ILE H2     H N N 171 
ILE HA     H N N 172 
ILE HB     H N N 173 
ILE HG12   H N N 174 
ILE HG13   H N N 175 
ILE HG21   H N N 176 
ILE HG22   H N N 177 
ILE HG23   H N N 178 
ILE HD11   H N N 179 
ILE HD12   H N N 180 
ILE HD13   H N N 181 
ILE HXT    H N N 182 
IOP "C1'"  C N N 183 
IOP O1     O N N 184 
IOP O2     O N N 185 
IOP "C2'"  C N N 186 
IOP "C3'"  C N N 187 
IOP N1     N Y N 188 
IOP C2     C Y N 189 
IOP C3     C Y N 190 
IOP C3A    C Y N 191 
IOP C4     C Y N 192 
IOP C5     C Y N 193 
IOP C6     C Y N 194 
IOP C7     C Y N 195 
IOP C7A    C Y N 196 
IOP HO2    H N N 197 
IOP "H2'1" H N N 198 
IOP "H2'2" H N N 199 
IOP "H3'1" H N N 200 
IOP "H3'2" H N N 201 
IOP HN1    H N N 202 
IOP H2     H N N 203 
IOP H4     H N N 204 
IOP H5     H N N 205 
IOP H6     H N N 206 
IOP H7     H N N 207 
LEU N      N N N 208 
LEU CA     C N S 209 
LEU C      C N N 210 
LEU O      O N N 211 
LEU CB     C N N 212 
LEU CG     C N N 213 
LEU CD1    C N N 214 
LEU CD2    C N N 215 
LEU OXT    O N N 216 
LEU H      H N N 217 
LEU H2     H N N 218 
LEU HA     H N N 219 
LEU HB2    H N N 220 
LEU HB3    H N N 221 
LEU HG     H N N 222 
LEU HD11   H N N 223 
LEU HD12   H N N 224 
LEU HD13   H N N 225 
LEU HD21   H N N 226 
LEU HD22   H N N 227 
LEU HD23   H N N 228 
LEU HXT    H N N 229 
LYS N      N N N 230 
LYS CA     C N S 231 
LYS C      C N N 232 
LYS O      O N N 233 
LYS CB     C N N 234 
LYS CG     C N N 235 
LYS CD     C N N 236 
LYS CE     C N N 237 
LYS NZ     N N N 238 
LYS OXT    O N N 239 
LYS H      H N N 240 
LYS H2     H N N 241 
LYS HA     H N N 242 
LYS HB2    H N N 243 
LYS HB3    H N N 244 
LYS HG2    H N N 245 
LYS HG3    H N N 246 
LYS HD2    H N N 247 
LYS HD3    H N N 248 
LYS HE2    H N N 249 
LYS HE3    H N N 250 
LYS HZ1    H N N 251 
LYS HZ2    H N N 252 
LYS HZ3    H N N 253 
LYS HXT    H N N 254 
MET N      N N N 255 
MET CA     C N S 256 
MET C      C N N 257 
MET O      O N N 258 
MET CB     C N N 259 
MET CG     C N N 260 
MET SD     S N N 261 
MET CE     C N N 262 
MET OXT    O N N 263 
MET H      H N N 264 
MET H2     H N N 265 
MET HA     H N N 266 
MET HB2    H N N 267 
MET HB3    H N N 268 
MET HG2    H N N 269 
MET HG3    H N N 270 
MET HE1    H N N 271 
MET HE2    H N N 272 
MET HE3    H N N 273 
MET HXT    H N N 274 
PHE N      N N N 275 
PHE CA     C N S 276 
PHE C      C N N 277 
PHE O      O N N 278 
PHE CB     C N N 279 
PHE CG     C Y N 280 
PHE CD1    C Y N 281 
PHE CD2    C Y N 282 
PHE CE1    C Y N 283 
PHE CE2    C Y N 284 
PHE CZ     C Y N 285 
PHE OXT    O N N 286 
PHE H      H N N 287 
PHE H2     H N N 288 
PHE HA     H N N 289 
PHE HB2    H N N 290 
PHE HB3    H N N 291 
PHE HD1    H N N 292 
PHE HD2    H N N 293 
PHE HE1    H N N 294 
PHE HE2    H N N 295 
PHE HZ     H N N 296 
PHE HXT    H N N 297 
PRO N      N N N 298 
PRO CA     C N S 299 
PRO C      C N N 300 
PRO O      O N N 301 
PRO CB     C N N 302 
PRO CG     C N N 303 
PRO CD     C N N 304 
PRO OXT    O N N 305 
PRO H      H N N 306 
PRO HA     H N N 307 
PRO HB2    H N N 308 
PRO HB3    H N N 309 
PRO HG2    H N N 310 
PRO HG3    H N N 311 
PRO HD2    H N N 312 
PRO HD3    H N N 313 
PRO HXT    H N N 314 
SER N      N N N 315 
SER CA     C N S 316 
SER C      C N N 317 
SER O      O N N 318 
SER CB     C N N 319 
SER OG     O N N 320 
SER OXT    O N N 321 
SER H      H N N 322 
SER H2     H N N 323 
SER HA     H N N 324 
SER HB2    H N N 325 
SER HB3    H N N 326 
SER HG     H N N 327 
SER HXT    H N N 328 
THR N      N N N 329 
THR CA     C N S 330 
THR C      C N N 331 
THR O      O N N 332 
THR CB     C N R 333 
THR OG1    O N N 334 
THR CG2    C N N 335 
THR OXT    O N N 336 
THR H      H N N 337 
THR H2     H N N 338 
THR HA     H N N 339 
THR HB     H N N 340 
THR HG1    H N N 341 
THR HG21   H N N 342 
THR HG22   H N N 343 
THR HG23   H N N 344 
THR HXT    H N N 345 
TRP N      N N N 346 
TRP CA     C N S 347 
TRP C      C N N 348 
TRP O      O N N 349 
TRP CB     C N N 350 
TRP CG     C Y N 351 
TRP CD1    C Y N 352 
TRP CD2    C Y N 353 
TRP NE1    N Y N 354 
TRP CE2    C Y N 355 
TRP CE3    C Y N 356 
TRP CZ2    C Y N 357 
TRP CZ3    C Y N 358 
TRP CH2    C Y N 359 
TRP OXT    O N N 360 
TRP H      H N N 361 
TRP H2     H N N 362 
TRP HA     H N N 363 
TRP HB2    H N N 364 
TRP HB3    H N N 365 
TRP HD1    H N N 366 
TRP HE1    H N N 367 
TRP HE3    H N N 368 
TRP HZ2    H N N 369 
TRP HZ3    H N N 370 
TRP HH2    H N N 371 
TRP HXT    H N N 372 
TYR N      N N N 373 
TYR CA     C N S 374 
TYR C      C N N 375 
TYR O      O N N 376 
TYR CB     C N N 377 
TYR CG     C Y N 378 
TYR CD1    C Y N 379 
TYR CD2    C Y N 380 
TYR CE1    C Y N 381 
TYR CE2    C Y N 382 
TYR CZ     C Y N 383 
TYR OH     O N N 384 
TYR OXT    O N N 385 
TYR H      H N N 386 
TYR H2     H N N 387 
TYR HA     H N N 388 
TYR HB2    H N N 389 
TYR HB3    H N N 390 
TYR HD1    H N N 391 
TYR HD2    H N N 392 
TYR HE1    H N N 393 
TYR HE2    H N N 394 
TYR HH     H N N 395 
TYR HXT    H N N 396 
VAL N      N N N 397 
VAL CA     C N S 398 
VAL C      C N N 399 
VAL O      O N N 400 
VAL CB     C N N 401 
VAL CG1    C N N 402 
VAL CG2    C N N 403 
VAL OXT    O N N 404 
VAL H      H N N 405 
VAL H2     H N N 406 
VAL HA     H N N 407 
VAL HB     H N N 408 
VAL HG11   H N N 409 
VAL HG12   H N N 410 
VAL HG13   H N N 411 
VAL HG21   H N N 412 
VAL HG22   H N N 413 
VAL HG23   H N N 414 
VAL HXT    H N N 415 
# 
loop_
_chem_comp_bond.comp_id 
_chem_comp_bond.atom_id_1 
_chem_comp_bond.atom_id_2 
_chem_comp_bond.value_order 
_chem_comp_bond.pdbx_aromatic_flag 
_chem_comp_bond.pdbx_stereo_config 
_chem_comp_bond.pdbx_ordinal 
ALA N     CA     sing N N 1   
ALA N     H      sing N N 2   
ALA N     H2     sing N N 3   
ALA CA    C      sing N N 4   
ALA CA    CB     sing N N 5   
ALA CA    HA     sing N N 6   
ALA C     O      doub N N 7   
ALA C     OXT    sing N N 8   
ALA CB    HB1    sing N N 9   
ALA CB    HB2    sing N N 10  
ALA CB    HB3    sing N N 11  
ALA OXT   HXT    sing N N 12  
ARG N     CA     sing N N 13  
ARG N     H      sing N N 14  
ARG N     H2     sing N N 15  
ARG CA    C      sing N N 16  
ARG CA    CB     sing N N 17  
ARG CA    HA     sing N N 18  
ARG C     O      doub N N 19  
ARG C     OXT    sing N N 20  
ARG CB    CG     sing N N 21  
ARG CB    HB2    sing N N 22  
ARG CB    HB3    sing N N 23  
ARG CG    CD     sing N N 24  
ARG CG    HG2    sing N N 25  
ARG CG    HG3    sing N N 26  
ARG CD    NE     sing N N 27  
ARG CD    HD2    sing N N 28  
ARG CD    HD3    sing N N 29  
ARG NE    CZ     sing N N 30  
ARG NE    HE     sing N N 31  
ARG CZ    NH1    sing N N 32  
ARG CZ    NH2    doub N N 33  
ARG NH1   HH11   sing N N 34  
ARG NH1   HH12   sing N N 35  
ARG NH2   HH21   sing N N 36  
ARG NH2   HH22   sing N N 37  
ARG OXT   HXT    sing N N 38  
ASN N     CA     sing N N 39  
ASN N     H      sing N N 40  
ASN N     H2     sing N N 41  
ASN CA    C      sing N N 42  
ASN CA    CB     sing N N 43  
ASN CA    HA     sing N N 44  
ASN C     O      doub N N 45  
ASN C     OXT    sing N N 46  
ASN CB    CG     sing N N 47  
ASN CB    HB2    sing N N 48  
ASN CB    HB3    sing N N 49  
ASN CG    OD1    doub N N 50  
ASN CG    ND2    sing N N 51  
ASN ND2   HD21   sing N N 52  
ASN ND2   HD22   sing N N 53  
ASN OXT   HXT    sing N N 54  
ASP N     CA     sing N N 55  
ASP N     H      sing N N 56  
ASP N     H2     sing N N 57  
ASP CA    C      sing N N 58  
ASP CA    CB     sing N N 59  
ASP CA    HA     sing N N 60  
ASP C     O      doub N N 61  
ASP C     OXT    sing N N 62  
ASP CB    CG     sing N N 63  
ASP CB    HB2    sing N N 64  
ASP CB    HB3    sing N N 65  
ASP CG    OD1    doub N N 66  
ASP CG    OD2    sing N N 67  
ASP OD2   HD2    sing N N 68  
ASP OXT   HXT    sing N N 69  
CYS N     CA     sing N N 70  
CYS N     H      sing N N 71  
CYS N     H2     sing N N 72  
CYS CA    C      sing N N 73  
CYS CA    CB     sing N N 74  
CYS CA    HA     sing N N 75  
CYS C     O      doub N N 76  
CYS C     OXT    sing N N 77  
CYS CB    SG     sing N N 78  
CYS CB    HB2    sing N N 79  
CYS CB    HB3    sing N N 80  
CYS SG    HG     sing N N 81  
CYS OXT   HXT    sing N N 82  
GLN N     CA     sing N N 83  
GLN N     H      sing N N 84  
GLN N     H2     sing N N 85  
GLN CA    C      sing N N 86  
GLN CA    CB     sing N N 87  
GLN CA    HA     sing N N 88  
GLN C     O      doub N N 89  
GLN C     OXT    sing N N 90  
GLN CB    CG     sing N N 91  
GLN CB    HB2    sing N N 92  
GLN CB    HB3    sing N N 93  
GLN CG    CD     sing N N 94  
GLN CG    HG2    sing N N 95  
GLN CG    HG3    sing N N 96  
GLN CD    OE1    doub N N 97  
GLN CD    NE2    sing N N 98  
GLN NE2   HE21   sing N N 99  
GLN NE2   HE22   sing N N 100 
GLN OXT   HXT    sing N N 101 
GLU N     CA     sing N N 102 
GLU N     H      sing N N 103 
GLU N     H2     sing N N 104 
GLU CA    C      sing N N 105 
GLU CA    CB     sing N N 106 
GLU CA    HA     sing N N 107 
GLU C     O      doub N N 108 
GLU C     OXT    sing N N 109 
GLU CB    CG     sing N N 110 
GLU CB    HB2    sing N N 111 
GLU CB    HB3    sing N N 112 
GLU CG    CD     sing N N 113 
GLU CG    HG2    sing N N 114 
GLU CG    HG3    sing N N 115 
GLU CD    OE1    doub N N 116 
GLU CD    OE2    sing N N 117 
GLU OE2   HE2    sing N N 118 
GLU OXT   HXT    sing N N 119 
GLY N     CA     sing N N 120 
GLY N     H      sing N N 121 
GLY N     H2     sing N N 122 
GLY CA    C      sing N N 123 
GLY CA    HA2    sing N N 124 
GLY CA    HA3    sing N N 125 
GLY C     O      doub N N 126 
GLY C     OXT    sing N N 127 
GLY OXT   HXT    sing N N 128 
HIS N     CA     sing N N 129 
HIS N     H      sing N N 130 
HIS N     H2     sing N N 131 
HIS CA    C      sing N N 132 
HIS CA    CB     sing N N 133 
HIS CA    HA     sing N N 134 
HIS C     O      doub N N 135 
HIS C     OXT    sing N N 136 
HIS CB    CG     sing N N 137 
HIS CB    HB2    sing N N 138 
HIS CB    HB3    sing N N 139 
HIS CG    ND1    sing Y N 140 
HIS CG    CD2    doub Y N 141 
HIS ND1   CE1    doub Y N 142 
HIS ND1   HD1    sing N N 143 
HIS CD2   NE2    sing Y N 144 
HIS CD2   HD2    sing N N 145 
HIS CE1   NE2    sing Y N 146 
HIS CE1   HE1    sing N N 147 
HIS NE2   HE2    sing N N 148 
HIS OXT   HXT    sing N N 149 
HOH O     H1     sing N N 150 
HOH O     H2     sing N N 151 
ILE N     CA     sing N N 152 
ILE N     H      sing N N 153 
ILE N     H2     sing N N 154 
ILE CA    C      sing N N 155 
ILE CA    CB     sing N N 156 
ILE CA    HA     sing N N 157 
ILE C     O      doub N N 158 
ILE C     OXT    sing N N 159 
ILE CB    CG1    sing N N 160 
ILE CB    CG2    sing N N 161 
ILE CB    HB     sing N N 162 
ILE CG1   CD1    sing N N 163 
ILE CG1   HG12   sing N N 164 
ILE CG1   HG13   sing N N 165 
ILE CG2   HG21   sing N N 166 
ILE CG2   HG22   sing N N 167 
ILE CG2   HG23   sing N N 168 
ILE CD1   HD11   sing N N 169 
ILE CD1   HD12   sing N N 170 
ILE CD1   HD13   sing N N 171 
ILE OXT   HXT    sing N N 172 
IOP "C1'" O1     doub N N 173 
IOP "C1'" O2     sing N N 174 
IOP "C1'" "C2'"  sing N N 175 
IOP O2    HO2    sing N N 176 
IOP "C2'" "C3'"  sing N N 177 
IOP "C2'" "H2'1" sing N N 178 
IOP "C2'" "H2'2" sing N N 179 
IOP "C3'" C3     sing N N 180 
IOP "C3'" "H3'1" sing N N 181 
IOP "C3'" "H3'2" sing N N 182 
IOP N1    C2     sing Y N 183 
IOP N1    C7A    sing Y N 184 
IOP N1    HN1    sing N N 185 
IOP C2    C3     doub Y N 186 
IOP C2    H2     sing N N 187 
IOP C3    C3A    sing Y N 188 
IOP C3A   C4     doub Y N 189 
IOP C3A   C7A    sing Y N 190 
IOP C4    C5     sing Y N 191 
IOP C4    H4     sing N N 192 
IOP C5    C6     doub Y N 193 
IOP C5    H5     sing N N 194 
IOP C6    C7     sing Y N 195 
IOP C6    H6     sing N N 196 
IOP C7    C7A    doub Y N 197 
IOP C7    H7     sing N N 198 
LEU N     CA     sing N N 199 
LEU N     H      sing N N 200 
LEU N     H2     sing N N 201 
LEU CA    C      sing N N 202 
LEU CA    CB     sing N N 203 
LEU CA    HA     sing N N 204 
LEU C     O      doub N N 205 
LEU C     OXT    sing N N 206 
LEU CB    CG     sing N N 207 
LEU CB    HB2    sing N N 208 
LEU CB    HB3    sing N N 209 
LEU CG    CD1    sing N N 210 
LEU CG    CD2    sing N N 211 
LEU CG    HG     sing N N 212 
LEU CD1   HD11   sing N N 213 
LEU CD1   HD12   sing N N 214 
LEU CD1   HD13   sing N N 215 
LEU CD2   HD21   sing N N 216 
LEU CD2   HD22   sing N N 217 
LEU CD2   HD23   sing N N 218 
LEU OXT   HXT    sing N N 219 
LYS N     CA     sing N N 220 
LYS N     H      sing N N 221 
LYS N     H2     sing N N 222 
LYS CA    C      sing N N 223 
LYS CA    CB     sing N N 224 
LYS CA    HA     sing N N 225 
LYS C     O      doub N N 226 
LYS C     OXT    sing N N 227 
LYS CB    CG     sing N N 228 
LYS CB    HB2    sing N N 229 
LYS CB    HB3    sing N N 230 
LYS CG    CD     sing N N 231 
LYS CG    HG2    sing N N 232 
LYS CG    HG3    sing N N 233 
LYS CD    CE     sing N N 234 
LYS CD    HD2    sing N N 235 
LYS CD    HD3    sing N N 236 
LYS CE    NZ     sing N N 237 
LYS CE    HE2    sing N N 238 
LYS CE    HE3    sing N N 239 
LYS NZ    HZ1    sing N N 240 
LYS NZ    HZ2    sing N N 241 
LYS NZ    HZ3    sing N N 242 
LYS OXT   HXT    sing N N 243 
MET N     CA     sing N N 244 
MET N     H      sing N N 245 
MET N     H2     sing N N 246 
MET CA    C      sing N N 247 
MET CA    CB     sing N N 248 
MET CA    HA     sing N N 249 
MET C     O      doub N N 250 
MET C     OXT    sing N N 251 
MET CB    CG     sing N N 252 
MET CB    HB2    sing N N 253 
MET CB    HB3    sing N N 254 
MET CG    SD     sing N N 255 
MET CG    HG2    sing N N 256 
MET CG    HG3    sing N N 257 
MET SD    CE     sing N N 258 
MET CE    HE1    sing N N 259 
MET CE    HE2    sing N N 260 
MET CE    HE3    sing N N 261 
MET OXT   HXT    sing N N 262 
PHE N     CA     sing N N 263 
PHE N     H      sing N N 264 
PHE N     H2     sing N N 265 
PHE CA    C      sing N N 266 
PHE CA    CB     sing N N 267 
PHE CA    HA     sing N N 268 
PHE C     O      doub N N 269 
PHE C     OXT    sing N N 270 
PHE CB    CG     sing N N 271 
PHE CB    HB2    sing N N 272 
PHE CB    HB3    sing N N 273 
PHE CG    CD1    doub Y N 274 
PHE CG    CD2    sing Y N 275 
PHE CD1   CE1    sing Y N 276 
PHE CD1   HD1    sing N N 277 
PHE CD2   CE2    doub Y N 278 
PHE CD2   HD2    sing N N 279 
PHE CE1   CZ     doub Y N 280 
PHE CE1   HE1    sing N N 281 
PHE CE2   CZ     sing Y N 282 
PHE CE2   HE2    sing N N 283 
PHE CZ    HZ     sing N N 284 
PHE OXT   HXT    sing N N 285 
PRO N     CA     sing N N 286 
PRO N     CD     sing N N 287 
PRO N     H      sing N N 288 
PRO CA    C      sing N N 289 
PRO CA    CB     sing N N 290 
PRO CA    HA     sing N N 291 
PRO C     O      doub N N 292 
PRO C     OXT    sing N N 293 
PRO CB    CG     sing N N 294 
PRO CB    HB2    sing N N 295 
PRO CB    HB3    sing N N 296 
PRO CG    CD     sing N N 297 
PRO CG    HG2    sing N N 298 
PRO CG    HG3    sing N N 299 
PRO CD    HD2    sing N N 300 
PRO CD    HD3    sing N N 301 
PRO OXT   HXT    sing N N 302 
SER N     CA     sing N N 303 
SER N     H      sing N N 304 
SER N     H2     sing N N 305 
SER CA    C      sing N N 306 
SER CA    CB     sing N N 307 
SER CA    HA     sing N N 308 
SER C     O      doub N N 309 
SER C     OXT    sing N N 310 
SER CB    OG     sing N N 311 
SER CB    HB2    sing N N 312 
SER CB    HB3    sing N N 313 
SER OG    HG     sing N N 314 
SER OXT   HXT    sing N N 315 
THR N     CA     sing N N 316 
THR N     H      sing N N 317 
THR N     H2     sing N N 318 
THR CA    C      sing N N 319 
THR CA    CB     sing N N 320 
THR CA    HA     sing N N 321 
THR C     O      doub N N 322 
THR C     OXT    sing N N 323 
THR CB    OG1    sing N N 324 
THR CB    CG2    sing N N 325 
THR CB    HB     sing N N 326 
THR OG1   HG1    sing N N 327 
THR CG2   HG21   sing N N 328 
THR CG2   HG22   sing N N 329 
THR CG2   HG23   sing N N 330 
THR OXT   HXT    sing N N 331 
TRP N     CA     sing N N 332 
TRP N     H      sing N N 333 
TRP N     H2     sing N N 334 
TRP CA    C      sing N N 335 
TRP CA    CB     sing N N 336 
TRP CA    HA     sing N N 337 
TRP C     O      doub N N 338 
TRP C     OXT    sing N N 339 
TRP CB    CG     sing N N 340 
TRP CB    HB2    sing N N 341 
TRP CB    HB3    sing N N 342 
TRP CG    CD1    doub Y N 343 
TRP CG    CD2    sing Y N 344 
TRP CD1   NE1    sing Y N 345 
TRP CD1   HD1    sing N N 346 
TRP CD2   CE2    doub Y N 347 
TRP CD2   CE3    sing Y N 348 
TRP NE1   CE2    sing Y N 349 
TRP NE1   HE1    sing N N 350 
TRP CE2   CZ2    sing Y N 351 
TRP CE3   CZ3    doub Y N 352 
TRP CE3   HE3    sing N N 353 
TRP CZ2   CH2    doub Y N 354 
TRP CZ2   HZ2    sing N N 355 
TRP CZ3   CH2    sing Y N 356 
TRP CZ3   HZ3    sing N N 357 
TRP CH2   HH2    sing N N 358 
TRP OXT   HXT    sing N N 359 
TYR N     CA     sing N N 360 
TYR N     H      sing N N 361 
TYR N     H2     sing N N 362 
TYR CA    C      sing N N 363 
TYR CA    CB     sing N N 364 
TYR CA    HA     sing N N 365 
TYR C     O      doub N N 366 
TYR C     OXT    sing N N 367 
TYR CB    CG     sing N N 368 
TYR CB    HB2    sing N N 369 
TYR CB    HB3    sing N N 370 
TYR CG    CD1    doub Y N 371 
TYR CG    CD2    sing Y N 372 
TYR CD1   CE1    sing Y N 373 
TYR CD1   HD1    sing N N 374 
TYR CD2   CE2    doub Y N 375 
TYR CD2   HD2    sing N N 376 
TYR CE1   CZ     doub Y N 377 
TYR CE1   HE1    sing N N 378 
TYR CE2   CZ     sing Y N 379 
TYR CE2   HE2    sing N N 380 
TYR CZ    OH     sing N N 381 
TYR OH    HH     sing N N 382 
TYR OXT   HXT    sing N N 383 
VAL N     CA     sing N N 384 
VAL N     H      sing N N 385 
VAL N     H2     sing N N 386 
VAL CA    C      sing N N 387 
VAL CA    CB     sing N N 388 
VAL CA    HA     sing N N 389 
VAL C     O      doub N N 390 
VAL C     OXT    sing N N 391 
VAL CB    CG1    sing N N 392 
VAL CB    CG2    sing N N 393 
VAL CB    HB     sing N N 394 
VAL CG1   HG11   sing N N 395 
VAL CG1   HG12   sing N N 396 
VAL CG1   HG13   sing N N 397 
VAL CG2   HG21   sing N N 398 
VAL CG2   HG22   sing N N 399 
VAL CG2   HG23   sing N N 400 
VAL OXT   HXT    sing N N 401 
# 
_pdbx_initial_refinement_model.id               1 
_pdbx_initial_refinement_model.entity_id_list   ? 
_pdbx_initial_refinement_model.type             'experimental model' 
_pdbx_initial_refinement_model.source_name      PDB 
_pdbx_initial_refinement_model.accession_code   1ZR8 
_pdbx_initial_refinement_model.details          ? 
# 
_atom_sites.entry_id                    2OLI 
_atom_sites.fract_transf_matrix[1][1]   -0.00385005 
_atom_sites.fract_transf_matrix[1][2]   0.01335994 
_atom_sites.fract_transf_matrix[1][3]   -0.01265570 
_atom_sites.fract_transf_matrix[2][1]   0.01832972 
_atom_sites.fract_transf_matrix[2][2]   0.00163467 
_atom_sites.fract_transf_matrix[2][3]   -0.00385055 
_atom_sites.fract_transf_matrix[3][1]   -0.00179766 
_atom_sites.fract_transf_matrix[3][2]   -0.01442564 
_atom_sites.fract_transf_matrix[3][3]   -0.01468150 
_atom_sites.fract_transf_vector[1]      -0.470399 
_atom_sites.fract_transf_vector[2]      0.162545 
_atom_sites.fract_transf_vector[3]      -0.014853 
# 
loop_
_atom_type.symbol 
C 
N 
O 
S 
# 
loop_
_atom_site.group_PDB 
_atom_site.id 
_atom_site.type_symbol 
_atom_site.label_atom_id 
_atom_site.label_alt_id 
_atom_site.label_comp_id 
_atom_site.label_asym_id 
_atom_site.label_entity_id 
_atom_site.label_seq_id 
_atom_site.pdbx_PDB_ins_code 
_atom_site.Cartn_x 
_atom_site.Cartn_y 
_atom_site.Cartn_z 
_atom_site.occupancy 
_atom_site.B_iso_or_equiv 
_atom_site.pdbx_formal_charge 
_atom_site.auth_seq_id 
_atom_site.auth_comp_id 
_atom_site.auth_asym_id 
_atom_site.auth_atom_id 
_atom_site.pdbx_PDB_model_num 
ATOM   1    N N     . SER A 1 1   ? 3.551   9.712   -5.033  1.00 18.44 ? 1    SER A N     1 
ATOM   2    C CA    . SER A 1 1   ? 2.861   10.345  -3.880  1.00 20.74 ? 1    SER A CA    1 
ATOM   3    C C     . SER A 1 1   ? 1.517   9.671   -3.647  1.00 23.47 ? 1    SER A C     1 
ATOM   4    O O     . SER A 1 1   ? 1.063   8.872   -4.469  1.00 23.99 ? 1    SER A O     1 
ATOM   5    C CB    . SER A 1 1   ? 2.640   11.838  -4.141  1.00 19.83 ? 1    SER A CB    1 
ATOM   6    O OG    . SER A 1 1   ? 1.643   12.038  -5.132  1.00 21.92 ? 1    SER A OG    1 
ATOM   7    N N     . LEU A 1 2   ? 0.875   10.007  -2.533  1.00 26.01 ? 2    LEU A N     1 
ATOM   8    C CA    . LEU A 1 2   ? -0.412  9.415   -2.205  1.00 28.96 ? 2    LEU A CA    1 
ATOM   9    C C     . LEU A 1 2   ? -1.453  9.635   -3.294  1.00 28.57 ? 2    LEU A C     1 
ATOM   10   O O     . LEU A 1 2   ? -2.391  8.848   -3.427  1.00 29.51 ? 2    LEU A O     1 
ATOM   11   C CB    . LEU A 1 2   ? -0.901  9.942   -0.855  1.00 31.24 ? 2    LEU A CB    1 
ATOM   12   C CG    . LEU A 1 2   ? -0.483  9.098   0.359   1.00 34.80 ? 2    LEU A CG    1 
ATOM   13   C CD1   . LEU A 1 2   ? 0.933   8.556   0.193   1.00 37.13 ? 2    LEU A CD1   1 
ATOM   14   C CD2   . LEU A 1 2   ? -0.589  9.942   1.619   1.00 36.22 ? 2    LEU A CD2   1 
ATOM   15   N N     . LEU A 1 3   ? -1.287  10.694  -4.081  1.00 28.54 ? 3    LEU A N     1 
ATOM   16   C CA    . LEU A 1 3   ? -2.213  10.968  -5.173  1.00 28.99 ? 3    LEU A CA    1 
ATOM   17   C C     . LEU A 1 3   ? -2.164  9.834   -6.203  1.00 28.20 ? 3    LEU A C     1 
ATOM   18   O O     . LEU A 1 3   ? -3.205  9.314   -6.600  1.00 27.94 ? 3    LEU A O     1 
ATOM   19   C CB    . LEU A 1 3   ? -1.890  12.315  -5.837  1.00 30.62 ? 3    LEU A CB    1 
ATOM   20   C CG    . LEU A 1 3   ? -2.631  13.531  -5.258  1.00 34.93 ? 3    LEU A CG    1 
ATOM   21   C CD1   . LEU A 1 3   ? -4.140  13.333  -5.431  1.00 35.28 ? 3    LEU A CD1   1 
ATOM   22   C CD2   . LEU A 1 3   ? -2.294  13.715  -3.784  1.00 37.09 ? 3    LEU A CD2   1 
ATOM   23   N N     . GLU A 1 4   ? -0.959  9.445   -6.624  1.00 26.91 ? 4    GLU A N     1 
ATOM   24   C CA    . GLU A 1 4   ? -0.802  8.358   -7.593  1.00 25.71 ? 4    GLU A CA    1 
ATOM   25   C C     . GLU A 1 4   ? -1.237  7.021   -6.989  1.00 24.92 ? 4    GLU A C     1 
ATOM   26   O O     . GLU A 1 4   ? -1.950  6.246   -7.624  1.00 26.35 ? 4    GLU A O     1 
ATOM   27   C CB    . GLU A 1 4   ? 0.657   8.219   -8.055  1.00 25.76 ? 4    GLU A CB    1 
ATOM   28   C CG    . GLU A 1 4   ? 1.191   9.322   -8.958  1.00 27.37 ? 4    GLU A CG    1 
ATOM   29   C CD    . GLU A 1 4   ? 1.554   10.575  -8.194  1.00 27.16 ? 4    GLU A CD    1 
ATOM   30   O OE1   . GLU A 1 4   ? 2.343   10.478  -7.231  1.00 27.46 ? 4    GLU A OE1   1 
ATOM   31   O OE2   . GLU A 1 4   ? 1.050   11.658  -8.554  1.00 30.12 ? 4    GLU A OE2   1 
ATOM   32   N N     . PHE A 1 5   ? -0.803  6.756   -5.762  1.00 23.04 ? 5    PHE A N     1 
ATOM   33   C CA    . PHE A 1 5   ? -1.120  5.504   -5.086  1.00 22.94 ? 5    PHE A CA    1 
ATOM   34   C C     . PHE A 1 5   ? -2.627  5.282   -4.949  1.00 23.92 ? 5    PHE A C     1 
ATOM   35   O O     . PHE A 1 5   ? -3.116  4.179   -5.181  1.00 24.89 ? 5    PHE A O     1 
ATOM   36   C CB    . PHE A 1 5   ? -0.438  5.476   -3.710  1.00 19.75 ? 5    PHE A CB    1 
ATOM   37   C CG    . PHE A 1 5   ? -0.485  4.129   -3.025  1.00 20.09 ? 5    PHE A CG    1 
ATOM   38   C CD1   . PHE A 1 5   ? -0.384  2.949   -3.760  1.00 16.73 ? 5    PHE A CD1   1 
ATOM   39   C CD2   . PHE A 1 5   ? -0.588  4.046   -1.642  1.00 18.17 ? 5    PHE A CD2   1 
ATOM   40   C CE1   . PHE A 1 5   ? -0.384  1.713   -3.128  1.00 19.10 ? 5    PHE A CE1   1 
ATOM   41   C CE2   . PHE A 1 5   ? -0.588  2.813   -0.999  1.00 21.02 ? 5    PHE A CE2   1 
ATOM   42   C CZ    . PHE A 1 5   ? -0.486  1.643   -1.744  1.00 19.82 ? 5    PHE A CZ    1 
ATOM   43   N N     . GLY A 1 6   ? -3.353  6.333   -4.573  1.00 24.03 ? 6    GLY A N     1 
ATOM   44   C CA    . GLY A 1 6   ? -4.792  6.233   -4.423  1.00 24.84 ? 6    GLY A CA    1 
ATOM   45   C C     . GLY A 1 6   ? -5.484  5.908   -5.738  1.00 26.04 ? 6    GLY A C     1 
ATOM   46   O O     . GLY A 1 6   ? -6.388  5.076   -5.784  1.00 25.47 ? 6    GLY A O     1 
ATOM   47   N N     . LYS A 1 7   ? -5.057  6.569   -6.809  1.00 25.82 ? 7    LYS A N     1 
ATOM   48   C CA    . LYS A 1 7   ? -5.623  6.350   -8.133  1.00 27.03 ? 7    LYS A CA    1 
ATOM   49   C C     . LYS A 1 7   ? -5.338  4.910   -8.578  1.00 27.03 ? 7    LYS A C     1 
ATOM   50   O O     . LYS A 1 7   ? -6.188  4.244   -9.168  1.00 26.83 ? 7    LYS A O     1 
ATOM   51   C CB    . LYS A 1 7   ? -5.021  7.373   -9.108  1.00 29.38 ? 7    LYS A CB    1 
ATOM   52   C CG    . LYS A 1 7   ? -5.342  7.169   -10.585 1.00 33.15 ? 7    LYS A CG    1 
ATOM   53   C CD    . LYS A 1 7   ? -4.975  8.413   -11.402 1.00 36.44 ? 7    LYS A CD    1 
ATOM   54   C CE    . LYS A 1 7   ? -4.961  8.141   -12.904 1.00 38.66 ? 7    LYS A CE    1 
ATOM   55   N NZ    . LYS A 1 7   ? -3.787  7.301   -13.304 1.00 40.91 ? 7    LYS A NZ    1 
ATOM   56   N N     . MET A 1 8   ? -4.139  4.434   -8.266  1.00 25.90 ? 8    MET A N     1 
ATOM   57   C CA    . MET A 1 8   ? -3.708  3.078   -8.596  1.00 25.14 ? 8    MET A CA    1 
ATOM   58   C C     . MET A 1 8   ? -4.610  2.047   -7.907  1.00 25.26 ? 8    MET A C     1 
ATOM   59   O O     . MET A 1 8   ? -5.043  1.071   -8.523  1.00 23.67 ? 8    MET A O     1 
ATOM   60   C CB    . MET A 1 8   ? -2.259  2.900   -8.133  1.00 25.11 ? 8    MET A CB    1 
ATOM   61   C CG    . MET A 1 8   ? -1.473  1.817   -8.824  1.00 25.93 ? 8    MET A CG    1 
ATOM   62   S SD    . MET A 1 8   ? 0.275   1.887   -8.347  1.00 24.66 ? 8    MET A SD    1 
ATOM   63   C CE    . MET A 1 8   ? 0.945   2.944   -9.576  1.00 24.40 ? 8    MET A CE    1 
ATOM   64   N N     . ILE A 1 9   ? -4.885  2.270   -6.624  1.00 24.89 ? 9    ILE A N     1 
ATOM   65   C CA    . ILE A 1 9   ? -5.732  1.374   -5.835  1.00 25.32 ? 9    ILE A CA    1 
ATOM   66   C C     . ILE A 1 9   ? -7.171  1.307   -6.349  1.00 25.73 ? 9    ILE A C     1 
ATOM   67   O O     . ILE A 1 9   ? -7.763  0.229   -6.421  1.00 25.31 ? 9    ILE A O     1 
ATOM   68   C CB    . ILE A 1 9   ? -5.760  1.803   -4.352  1.00 24.07 ? 9    ILE A CB    1 
ATOM   69   C CG1   . ILE A 1 9   ? -4.360  1.662   -3.745  1.00 23.52 ? 9    ILE A CG1   1 
ATOM   70   C CG2   . ILE A 1 9   ? -6.759  0.962   -3.585  1.00 23.64 ? 9    ILE A CG2   1 
ATOM   71   C CD1   . ILE A 1 9   ? -4.256  2.172   -2.310  1.00 26.40 ? 9    ILE A CD1   1 
ATOM   72   N N     . LEU A 1 10  ? -7.733  2.460   -6.699  1.00 26.80 ? 10   LEU A N     1 
ATOM   73   C CA    . LEU A 1 10  ? -9.099  2.515   -7.209  1.00 27.84 ? 10   LEU A CA    1 
ATOM   74   C C     . LEU A 1 10  ? -9.190  1.805   -8.558  1.00 28.10 ? 10   LEU A C     1 
ATOM   75   O O     . LEU A 1 10  ? -10.115 1.029   -8.797  1.00 28.90 ? 10   LEU A O     1 
ATOM   76   C CB    . LEU A 1 10  ? -9.550  3.973   -7.358  1.00 29.01 ? 10   LEU A CB    1 
ATOM   77   C CG    . LEU A 1 10  ? -10.878 4.254   -8.080  1.00 30.65 ? 10   LEU A CG    1 
ATOM   78   C CD1   . LEU A 1 10  ? -12.049 3.637   -7.322  1.00 29.49 ? 10   LEU A CD1   1 
ATOM   79   C CD2   . LEU A 1 10  ? -11.066 5.756   -8.209  1.00 30.10 ? 10   LEU A CD2   1 
ATOM   80   N N     . GLU A 1 11  ? -8.230  2.070   -9.439  1.00 27.59 ? 11   GLU A N     1 
ATOM   81   C CA    . GLU A 1 11  ? -8.227  1.442   -10.755 1.00 27.64 ? 11   GLU A CA    1 
ATOM   82   C C     . GLU A 1 11  ? -8.153  -0.066  -10.616 1.00 27.56 ? 11   GLU A C     1 
ATOM   83   O O     . GLU A 1 11  ? -8.828  -0.807  -11.323 1.00 27.68 ? 11   GLU A O     1 
ATOM   84   C CB    . GLU A 1 11  ? -7.016  1.882   -11.570 1.00 27.09 ? 11   GLU A CB    1 
ATOM   85   C CG    . GLU A 1 11  ? -6.882  3.365   -11.789 1.00 30.00 ? 11   GLU A CG    1 
ATOM   86   C CD    . GLU A 1 11  ? -5.683  3.685   -12.653 1.00 31.41 ? 11   GLU A CD    1 
ATOM   87   O OE1   . GLU A 1 11  ? -4.624  3.052   -12.452 1.00 29.04 ? 11   GLU A OE1   1 
ATOM   88   O OE2   . GLU A 1 11  ? -5.796  4.568   -13.527 1.00 32.92 ? 11   GLU A OE2   1 
ATOM   89   N N     . GLU A 1 12  ? -7.316  -0.505  -9.688  1.00 27.93 ? 12   GLU A N     1 
ATOM   90   C CA    . GLU A 1 12  ? -7.088  -1.920  -9.460  1.00 28.09 ? 12   GLU A CA    1 
ATOM   91   C C     . GLU A 1 12  ? -8.196  -2.678  -8.735  1.00 27.38 ? 12   GLU A C     1 
ATOM   92   O O     . GLU A 1 12  ? -8.584  -3.764  -9.160  1.00 27.19 ? 12   GLU A O     1 
ATOM   93   C CB    . GLU A 1 12  ? -5.784  -2.090  -8.682  1.00 27.79 ? 12   GLU A CB    1 
ATOM   94   C CG    . GLU A 1 12  ? -5.094  -3.403  -8.931  1.00 32.18 ? 12   GLU A CG    1 
ATOM   95   C CD    . GLU A 1 12  ? -4.481  -3.488  -10.311 1.00 29.55 ? 12   GLU A CD    1 
ATOM   96   O OE1   . GLU A 1 12  ? -4.076  -4.597  -10.696 1.00 33.91 ? 12   GLU A OE1   1 
ATOM   97   O OE2   . GLU A 1 12  ? -4.397  -2.456  -11.007 1.00 30.50 ? 12   GLU A OE2   1 
ATOM   98   N N     . THR A 1 13  ? -8.707  -2.098  -7.653  1.00 25.56 ? 13   THR A N     1 
ATOM   99   C CA    . THR A 1 13  ? -9.715  -2.755  -6.835  1.00 24.99 ? 13   THR A CA    1 
ATOM   100  C C     . THR A 1 13  ? -11.135 -2.218  -6.924  1.00 26.49 ? 13   THR A C     1 
ATOM   101  O O     . THR A 1 13  ? -12.074 -2.888  -6.507  1.00 25.18 ? 13   THR A O     1 
ATOM   102  C CB    . THR A 1 13  ? -9.331  -2.685  -5.351  1.00 24.08 ? 13   THR A CB    1 
ATOM   103  O OG1   . THR A 1 13  ? -9.469  -1.331  -4.900  1.00 24.31 ? 13   THR A OG1   1 
ATOM   104  C CG2   . THR A 1 13  ? -7.898  -3.139  -5.145  1.00 20.18 ? 13   THR A CG2   1 
ATOM   105  N N     . GLY A 1 14  ? -11.296 -1.009  -7.441  1.00 28.40 ? 14   GLY A N     1 
ATOM   106  C CA    . GLY A 1 14  ? -12.622 -0.439  -7.497  1.00 30.02 ? 14   GLY A CA    1 
ATOM   107  C C     . GLY A 1 14  ? -12.942 0.223   -6.158  1.00 32.34 ? 14   GLY A C     1 
ATOM   108  O O     . GLY A 1 14  ? -13.946 0.929   -6.051  1.00 34.49 ? 14   GLY A O     1 
ATOM   109  N N     . LYS A 1 15  ? -12.113 0.003   -5.132  1.00 32.13 ? 16   LYS A N     1 
ATOM   110  C CA    . LYS A 1 15  ? -12.347 0.618   -3.818  1.00 31.71 ? 16   LYS A CA    1 
ATOM   111  C C     . LYS A 1 15  ? -11.553 1.917   -3.669  1.00 32.53 ? 16   LYS A C     1 
ATOM   112  O O     . LYS A 1 15  ? -10.442 2.042   -4.187  1.00 31.98 ? 16   LYS A O     1 
ATOM   113  C CB    . LYS A 1 15  ? -11.928 -0.321  -2.682  1.00 31.44 ? 16   LYS A CB    1 
ATOM   114  C CG    . LYS A 1 15  ? -12.682 -1.628  -2.601  1.00 31.08 ? 16   LYS A CG    1 
ATOM   115  C CD    . LYS A 1 15  ? -12.123 -2.497  -1.486  1.00 31.64 ? 16   LYS A CD    1 
ATOM   116  C CE    . LYS A 1 15  ? -12.935 -3.764  -1.312  1.00 33.25 ? 16   LYS A CE    1 
ATOM   117  N NZ    . LYS A 1 15  ? -14.318 -3.445  -0.852  1.00 36.83 ? 16   LYS A NZ    1 
ATOM   118  N N     . LEU A 1 16  ? -12.118 2.878   -2.949  1.00 31.62 ? 17   LEU A N     1 
ATOM   119  C CA    . LEU A 1 16  ? -11.442 4.151   -2.714  1.00 31.73 ? 17   LEU A CA    1 
ATOM   120  C C     . LEU A 1 16  ? -10.401 3.958   -1.609  1.00 30.05 ? 17   LEU A C     1 
ATOM   121  O O     . LEU A 1 16  ? -10.731 3.462   -0.535  1.00 28.80 ? 17   LEU A O     1 
ATOM   122  C CB    . LEU A 1 16  ? -12.468 5.209   -2.295  1.00 31.59 ? 17   LEU A CB    1 
ATOM   123  C CG    . LEU A 1 16  ? -13.521 5.515   -3.371  1.00 33.97 ? 17   LEU A CG    1 
ATOM   124  C CD1   . LEU A 1 16  ? -14.844 5.918   -2.721  1.00 33.58 ? 17   LEU A CD1   1 
ATOM   125  C CD2   . LEU A 1 16  ? -13.001 6.604   -4.303  1.00 31.46 ? 17   LEU A CD2   1 
ATOM   126  N N     . ALA A 1 17  ? -9.149  4.329   -1.888  1.00 30.40 ? 18   ALA A N     1 
ATOM   127  C CA    . ALA A 1 17  ? -8.051  4.202   -0.919  1.00 30.05 ? 18   ALA A CA    1 
ATOM   128  C C     . ALA A 1 17  ? -8.542  4.574   0.471   1.00 30.65 ? 18   ALA A C     1 
ATOM   129  O O     . ALA A 1 17  ? -8.381  3.825   1.434   1.00 30.99 ? 18   ALA A O     1 
ATOM   130  C CB    . ALA A 1 17  ? -6.898  5.098   -1.322  1.00 29.19 ? 18   ALA A CB    1 
ATOM   131  N N     . ILE A 1 18  ? -9.118  5.766   0.561   1.00 31.88 ? 19   ILE A N     1 
ATOM   132  C CA    . ILE A 1 18  ? -9.716  6.263   1.792   1.00 33.48 ? 19   ILE A CA    1 
ATOM   133  C C     . ILE A 1 18  ? -11.185 6.176   1.399   1.00 35.37 ? 19   ILE A C     1 
ATOM   134  O O     . ILE A 1 18  ? -11.581 6.713   0.358   1.00 36.39 ? 19   ILE A O     1 
ATOM   135  C CB    . ILE A 1 18  ? -9.360  7.743   2.051   1.00 34.38 ? 19   ILE A CB    1 
ATOM   136  C CG1   . ILE A 1 18  ? -7.840  7.923   2.079   1.00 35.01 ? 19   ILE A CG1   1 
ATOM   137  C CG2   . ILE A 1 18  ? -9.989  8.205   3.364   1.00 34.28 ? 19   ILE A CG2   1 
ATOM   138  C CD1   . ILE A 1 18  ? -7.396  9.354   2.264   1.00 35.94 ? 19   ILE A CD1   1 
ATOM   139  N N     . PRO A 1 19  ? -12.032 5.554   2.231   1.00 35.14 ? 20   PRO A N     1 
ATOM   140  C CA    . PRO A 1 19  ? -11.904 4.881   3.529   1.00 35.24 ? 20   PRO A CA    1 
ATOM   141  C C     . PRO A 1 19  ? -11.463 3.407   3.564   1.00 35.84 ? 20   PRO A C     1 
ATOM   142  O O     . PRO A 1 19  ? -11.039 2.908   4.602   1.00 36.77 ? 20   PRO A O     1 
ATOM   143  C CB    . PRO A 1 19  ? -13.306 5.038   4.098   1.00 34.61 ? 20   PRO A CB    1 
ATOM   144  C CG    . PRO A 1 19  ? -14.148 4.789   2.872   1.00 35.71 ? 20   PRO A CG    1 
ATOM   145  C CD    . PRO A 1 19  ? -13.453 5.654   1.841   1.00 35.59 ? 20   PRO A CD    1 
ATOM   146  N N     . SER A 1 20  ? -11.568 2.716   2.439   1.00 34.17 ? 21   SER A N     1 
ATOM   147  C CA    . SER A 1 20  ? -11.251 1.293   2.383   1.00 33.00 ? 21   SER A CA    1 
ATOM   148  C C     . SER A 1 20  ? -9.883  0.780   2.832   1.00 32.17 ? 21   SER A C     1 
ATOM   149  O O     . SER A 1 20  ? -9.788  -0.318  3.385   1.00 31.02 ? 21   SER A O     1 
ATOM   150  C CB    . SER A 1 20  ? -11.544 0.798   0.972   1.00 32.15 ? 21   SER A CB    1 
ATOM   151  O OG    . SER A 1 20  ? -12.916 0.992   0.692   1.00 32.87 ? 21   SER A OG    1 
ATOM   152  N N     . TYR A 1 21  ? -8.832  1.564   2.617   1.00 31.48 ? 22   TYR A N     1 
ATOM   153  C CA    . TYR A 1 21  ? -7.488  1.121   2.970   1.00 30.42 ? 22   TYR A CA    1 
ATOM   154  C C     . TYR A 1 21  ? -6.675  2.068   3.847   1.00 31.63 ? 22   TYR A C     1 
ATOM   155  O O     . TYR A 1 21  ? -5.467  1.884   3.979   1.00 34.24 ? 22   TYR A O     1 
ATOM   156  C CB    . TYR A 1 21  ? -6.690  0.842   1.690   1.00 29.44 ? 22   TYR A CB    1 
ATOM   157  C CG    . TYR A 1 21  ? -7.176  -0.343  0.879   1.00 28.69 ? 22   TYR A CG    1 
ATOM   158  C CD1   . TYR A 1 21  ? -6.932  -1.649  1.304   1.00 28.36 ? 22   TYR A CD1   1 
ATOM   159  C CD2   . TYR A 1 21  ? -7.876  -0.158  -0.314  1.00 25.16 ? 22   TYR A CD2   1 
ATOM   160  C CE1   . TYR A 1 21  ? -7.364  -2.744  0.559   1.00 26.28 ? 22   TYR A CE1   1 
ATOM   161  C CE2   . TYR A 1 21  ? -8.316  -1.243  -1.065  1.00 27.34 ? 22   TYR A CE2   1 
ATOM   162  C CZ    . TYR A 1 21  ? -8.056  -2.535  -0.622  1.00 27.50 ? 22   TYR A CZ    1 
ATOM   163  O OH    . TYR A 1 21  ? -8.495  -3.614  -1.356  1.00 26.63 ? 22   TYR A OH    1 
ATOM   164  N N     . SER A 1 22  ? -7.303  3.069   4.453   1.00 30.81 ? 23   SER A N     1 
ATOM   165  C CA    . SER A 1 22  ? -6.544  4.002   5.282   1.00 30.24 ? 23   SER A CA    1 
ATOM   166  C C     . SER A 1 22  ? -6.585  3.669   6.774   1.00 30.33 ? 23   SER A C     1 
ATOM   167  O O     . SER A 1 22  ? -5.782  4.181   7.553   1.00 29.09 ? 23   SER A O     1 
ATOM   168  C CB    . SER A 1 22  ? -7.025  5.437   5.037   1.00 28.95 ? 23   SER A CB    1 
ATOM   169  O OG    . SER A 1 22  ? -8.427  5.543   5.202   1.00 30.19 ? 23   SER A OG    1 
ATOM   170  N N     . SER A 1 23  ? -7.515  2.808   7.171   1.00 29.96 ? 24   SER A N     1 
ATOM   171  C CA    . SER A 1 23  ? -7.620  2.408   8.573   1.00 31.22 ? 24   SER A CA    1 
ATOM   172  C C     . SER A 1 23  ? -7.904  0.912   8.687   1.00 29.96 ? 24   SER A C     1 
ATOM   173  O O     . SER A 1 23  ? -8.593  0.467   9.606   1.00 30.97 ? 24   SER A O     1 
ATOM   174  C CB    . SER A 1 23  ? -8.734  3.187   9.266   1.00 33.01 ? 24   SER A CB    1 
ATOM   175  O OG    . SER A 1 23  ? -9.986  2.884   8.676   1.00 39.00 ? 24   SER A OG    1 
ATOM   176  N N     . TYR A 1 24  ? -7.357  0.139   7.757   1.00 26.87 ? 25   TYR A N     1 
ATOM   177  C CA    . TYR A 1 24  ? -7.566  -1.300  7.743   1.00 25.75 ? 25   TYR A CA    1 
ATOM   178  C C     . TYR A 1 24  ? -6.472  -2.069  8.495   1.00 26.23 ? 25   TYR A C     1 
ATOM   179  O O     . TYR A 1 24  ? -5.277  -1.847  8.291   1.00 26.43 ? 25   TYR A O     1 
ATOM   180  C CB    . TYR A 1 24  ? -7.653  -1.770  6.285   1.00 24.70 ? 25   TYR A CB    1 
ATOM   181  C CG    . TYR A 1 24  ? -8.101  -3.201  6.089   1.00 23.13 ? 25   TYR A CG    1 
ATOM   182  C CD1   . TYR A 1 24  ? -7.234  -4.267  6.328   1.00 20.63 ? 25   TYR A CD1   1 
ATOM   183  C CD2   . TYR A 1 24  ? -9.394  -3.488  5.649   1.00 23.09 ? 25   TYR A CD2   1 
ATOM   184  C CE1   . TYR A 1 24  ? -7.645  -5.587  6.126   1.00 21.72 ? 25   TYR A CE1   1 
ATOM   185  C CE2   . TYR A 1 24  ? -9.817  -4.802  5.449   1.00 23.17 ? 25   TYR A CE2   1 
ATOM   186  C CZ    . TYR A 1 24  ? -8.940  -5.843  5.688   1.00 20.95 ? 25   TYR A CZ    1 
ATOM   187  O OH    . TYR A 1 24  ? -9.358  -7.133  5.485   1.00 21.59 ? 25   TYR A OH    1 
ATOM   188  N N     . GLY A 1 25  ? -6.896  -2.969  9.373   1.00 25.20 ? 26   GLY A N     1 
ATOM   189  C CA    . GLY A 1 25  ? -5.957  -3.784  10.122  1.00 24.03 ? 26   GLY A CA    1 
ATOM   190  C C     . GLY A 1 25  ? -4.933  -3.050  10.963  1.00 24.60 ? 26   GLY A C     1 
ATOM   191  O O     . GLY A 1 25  ? -5.222  -2.014  11.557  1.00 24.64 ? 26   GLY A O     1 
ATOM   192  N N     . CYS A 1 26  ? -3.723  -3.601  11.010  1.00 24.15 ? 27   CYS A N     1 
ATOM   193  C CA    . CYS A 1 26  ? -2.640  -3.028  11.789  1.00 23.83 ? 27   CYS A CA    1 
ATOM   194  C C     . CYS A 1 26  ? -1.626  -2.213  10.992  1.00 23.22 ? 27   CYS A C     1 
ATOM   195  O O     . CYS A 1 26  ? -0.901  -1.412  11.574  1.00 22.20 ? 27   CYS A O     1 
ATOM   196  C CB    . CYS A 1 26  ? -1.904  -4.137  12.555  1.00 24.50 ? 27   CYS A CB    1 
ATOM   197  S SG    . CYS A 1 26  ? -2.929  -4.936  13.834  1.00 27.00 ? 27   CYS A SG    1 
ATOM   198  N N     . TYR A 1 27  ? -1.579  -2.392  9.673   1.00 23.19 ? 28   TYR A N     1 
ATOM   199  C CA    . TYR A 1 27  ? -0.599  -1.667  8.862   1.00 23.25 ? 28   TYR A CA    1 
ATOM   200  C C     . TYR A 1 27  ? -1.106  -0.758  7.747   1.00 24.54 ? 28   TYR A C     1 
ATOM   201  O O     . TYR A 1 27  ? -0.349  0.068   7.248   1.00 26.61 ? 28   TYR A O     1 
ATOM   202  C CB    . TYR A 1 27  ? 0.421   -2.655  8.280   1.00 22.11 ? 28   TYR A CB    1 
ATOM   203  C CG    . TYR A 1 27  ? 1.317   -3.239  9.339   1.00 21.72 ? 28   TYR A CG    1 
ATOM   204  C CD1   . TYR A 1 27  ? 0.908   -4.326  10.108  1.00 21.36 ? 28   TYR A CD1   1 
ATOM   205  C CD2   . TYR A 1 27  ? 2.545   -2.656  9.626   1.00 19.41 ? 28   TYR A CD2   1 
ATOM   206  C CE1   . TYR A 1 27  ? 1.705   -4.818  11.147  1.00 24.17 ? 28   TYR A CE1   1 
ATOM   207  C CE2   . TYR A 1 27  ? 3.346   -3.133  10.660  1.00 22.73 ? 28   TYR A CE2   1 
ATOM   208  C CZ    . TYR A 1 27  ? 2.922   -4.212  11.417  1.00 23.29 ? 28   TYR A CZ    1 
ATOM   209  O OH    . TYR A 1 27  ? 3.710   -4.671  12.448  1.00 23.75 ? 28   TYR A OH    1 
ATOM   210  N N     . CYS A 1 28  ? -2.363  -0.893  7.347   1.00 25.61 ? 29   CYS A N     1 
ATOM   211  C CA    . CYS A 1 28  ? -2.877  -0.041  6.285   1.00 29.71 ? 29   CYS A CA    1 
ATOM   212  C C     . CYS A 1 28  ? -3.230  1.342   6.822   1.00 34.15 ? 29   CYS A C     1 
ATOM   213  O O     . CYS A 1 28  ? -4.287  1.527   7.444   1.00 35.24 ? 29   CYS A O     1 
ATOM   214  C CB    . CYS A 1 28  ? -4.116  -0.665  5.634   1.00 25.55 ? 29   CYS A CB    1 
ATOM   215  S SG    . CYS A 1 28  ? -3.864  -2.326  4.927   1.00 24.76 ? 29   CYS A SG    1 
ATOM   216  N N     . GLY A 1 29  ? -2.381  2.350   6.595   1.00 38.72 ? 30   GLY A N     1 
ATOM   217  C CA    . GLY A 1 29  ? -2.668  3.695   7.096   1.00 45.22 ? 30   GLY A CA    1 
ATOM   218  C C     . GLY A 1 29  ? -1.522  4.290   7.978   1.00 49.40 ? 30   GLY A C     1 
ATOM   219  O O     . GLY A 1 29  ? -0.444  4.634   7.492   1.00 50.94 ? 30   GLY A O     1 
ATOM   220  N N     . TRP A 1 30  ? -1.826  4.379   9.256   1.00 53.53 ? 31   TRP A N     1 
ATOM   221  C CA    . TRP A 1 30  ? -1.022  4.874   10.393  1.00 56.86 ? 31   TRP A CA    1 
ATOM   222  C C     . TRP A 1 30  ? 0.407   4.583   10.682  1.00 56.79 ? 31   TRP A C     1 
ATOM   223  O O     . TRP A 1 30  ? 1.046   5.359   11.373  1.00 57.63 ? 31   TRP A O     1 
ATOM   224  C CB    . TRP A 1 30  ? -1.595  4.326   11.650  1.00 60.09 ? 31   TRP A CB    1 
ATOM   225  C CG    . TRP A 1 30  ? -1.465  5.245   12.810  1.00 63.68 ? 31   TRP A CG    1 
ATOM   226  C CD1   . TRP A 1 30  ? -1.509  6.607   12.754  1.00 64.04 ? 31   TRP A CD1   1 
ATOM   227  C CD2   . TRP A 1 30  ? -1.279  4.895   14.188  1.00 65.18 ? 31   TRP A CD2   1 
ATOM   228  N NE1   . TRP A 1 30  ? -1.479  7.116   14.000  1.00 65.61 ? 31   TRP A NE1   1 
ATOM   229  C CE2   . TRP A 1 30  ? -1.371  6.088   14.908  1.00 65.72 ? 31   TRP A CE2   1 
ATOM   230  C CE3   . TRP A 1 30  ? -1.081  3.706   14.902  1.00 66.58 ? 31   TRP A CE3   1 
ATOM   231  C CZ2   . TRP A 1 30  ? -1.374  6.142   16.310  1.00 66.38 ? 31   TRP A CZ2   1 
ATOM   232  C CZ3   . TRP A 1 30  ? -1.022  3.763   16.286  1.00 66.84 ? 31   TRP A CZ3   1 
ATOM   233  C CH2   . TRP A 1 30  ? -1.181  4.964   16.987  1.00 66.53 ? 31   TRP A CH2   1 
ATOM   234  N N     . GLY A 1 31  ? 0.960   3.521   10.230  1.00 56.17 ? 32   GLY A N     1 
ATOM   235  C CA    . GLY A 1 31  ? 2.288   3.289   10.719  1.00 54.36 ? 32   GLY A CA    1 
ATOM   236  C C     . GLY A 1 31  ? 2.246   1.815   10.966  1.00 52.82 ? 32   GLY A C     1 
ATOM   237  O O     . GLY A 1 31  ? 2.113   1.073   9.992   1.00 53.27 ? 32   GLY A O     1 
ATOM   238  N N     . GLY A 1 32  ? 2.336   1.301   12.191  1.00 51.01 ? 33   GLY A N     1 
ATOM   239  C CA    . GLY A 1 32  ? 2.222   -0.124  12.271  1.00 48.58 ? 33   GLY A CA    1 
ATOM   240  C C     . GLY A 1 32  ? 3.036   -0.796  13.337  1.00 46.50 ? 33   GLY A C     1 
ATOM   241  O O     . GLY A 1 32  ? 4.187   -0.446  13.590  1.00 46.53 ? 33   GLY A O     1 
ATOM   242  N N     . LYS A 1 33  ? 2.401   -1.775  13.963  1.00 44.88 ? 34   LYS A N     1 
ATOM   243  C CA    . LYS A 1 33  ? 3.001   -2.589  15.000  1.00 43.43 ? 34   LYS A CA    1 
ATOM   244  C C     . LYS A 1 33  ? 2.138   -3.833  15.061  1.00 40.57 ? 34   LYS A C     1 
ATOM   245  O O     . LYS A 1 33  ? 1.010   -3.834  14.567  1.00 39.22 ? 34   LYS A O     1 
ATOM   246  C CB    . LYS A 1 33  ? 2.994   -1.867  16.354  1.00 45.57 ? 34   LYS A CB    1 
ATOM   247  C CG    . LYS A 1 33  ? 4.173   -0.907  16.561  1.00 49.02 ? 34   LYS A CG    1 
ATOM   248  C CD    . LYS A 1 33  ? 4.387   -0.566  18.040  1.00 49.97 ? 34   LYS A CD    1 
ATOM   249  C CE    . LYS A 1 33  ? 5.697   0.197   18.248  1.00 52.02 ? 34   LYS A CE    1 
ATOM   250  N NZ    . LYS A 1 33  ? 5.997   0.462   19.695  1.00 53.30 ? 34   LYS A NZ    1 
ATOM   251  N N     . GLY A 1 34  ? 2.674   -4.894  15.649  1.00 38.06 ? 35   GLY A N     1 
ATOM   252  C CA    . GLY A 1 34  ? 1.917   -6.122  15.757  1.00 36.01 ? 35   GLY A CA    1 
ATOM   253  C C     . GLY A 1 34  ? 1.955   -6.998  14.522  1.00 34.10 ? 35   GLY A C     1 
ATOM   254  O O     . GLY A 1 34  ? 2.685   -6.738  13.569  1.00 33.23 ? 35   GLY A O     1 
ATOM   255  N N     . THR A 1 35  ? 1.142   -8.045  14.555  1.00 33.69 ? 36   THR A N     1 
ATOM   256  C CA    . THR A 1 35  ? 1.046   -9.012  13.475  1.00 33.03 ? 36   THR A CA    1 
ATOM   257  C C     . THR A 1 35  ? -0.078  -8.642  12.518  1.00 31.87 ? 36   THR A C     1 
ATOM   258  O O     . THR A 1 35  ? -1.192  -8.326  12.947  1.00 30.10 ? 36   THR A O     1 
ATOM   259  C CB    . THR A 1 35  ? 0.753   -10.408 14.039  1.00 34.35 ? 36   THR A CB    1 
ATOM   260  O OG1   . THR A 1 35  ? 1.652   -10.673 15.121  1.00 37.29 ? 36   THR A OG1   1 
ATOM   261  C CG2   . THR A 1 35  ? 0.926   -11.473 12.960  1.00 35.65 ? 36   THR A CG2   1 
ATOM   262  N N     . PRO A 1 36  ? 0.200   -8.675  11.204  1.00 30.46 ? 37   PRO A N     1 
ATOM   263  C CA    . PRO A 1 36  ? -0.826  -8.337  10.215  1.00 28.88 ? 37   PRO A CA    1 
ATOM   264  C C     . PRO A 1 36  ? -2.032  -9.247  10.424  1.00 28.40 ? 37   PRO A C     1 
ATOM   265  O O     . PRO A 1 36  ? -1.869  -10.444 10.631  1.00 27.80 ? 37   PRO A O     1 
ATOM   266  C CB    . PRO A 1 36  ? -0.118  -8.591  8.886   1.00 29.42 ? 37   PRO A CB    1 
ATOM   267  C CG    . PRO A 1 36  ? 1.306   -8.237  9.204   1.00 28.87 ? 37   PRO A CG    1 
ATOM   268  C CD    . PRO A 1 36  ? 1.504   -8.901  10.554  1.00 30.51 ? 37   PRO A CD    1 
ATOM   269  N N     . LYS A 1 37  ? -3.231  -8.671  10.375  1.00 27.45 ? 38   LYS A N     1 
ATOM   270  C CA    . LYS A 1 37  ? -4.472  -9.414  10.579  1.00 27.07 ? 38   LYS A CA    1 
ATOM   271  C C     . LYS A 1 37  ? -4.795  -10.424 9.483   1.00 27.69 ? 38   LYS A C     1 
ATOM   272  O O     . LYS A 1 37  ? -5.290  -11.515 9.768   1.00 27.32 ? 38   LYS A O     1 
ATOM   273  C CB    . LYS A 1 37  ? -5.647  -8.439  10.706  1.00 29.87 ? 38   LYS A CB    1 
ATOM   274  C CG    . LYS A 1 37  ? -5.586  -7.501  11.902  1.00 30.74 ? 38   LYS A CG    1 
ATOM   275  C CD    . LYS A 1 37  ? -5.931  -8.225  13.186  1.00 34.71 ? 38   LYS A CD    1 
ATOM   276  C CE    . LYS A 1 37  ? -4.752  -8.956  13.779  1.00 36.44 ? 38   LYS A CE    1 
ATOM   277  N NZ    . LYS A 1 37  ? -5.223  -9.769  14.936  1.00 37.52 ? 38   LYS A NZ    1 
ATOM   278  N N     . ASP A 1 38  ? -4.537  -10.056 8.229   1.00 26.03 ? 39   ASP A N     1 
ATOM   279  C CA    . ASP A 1 38  ? -4.819  -10.941 7.103   1.00 24.69 ? 39   ASP A CA    1 
ATOM   280  C C     . ASP A 1 38  ? -3.941  -10.632 5.884   1.00 24.40 ? 39   ASP A C     1 
ATOM   281  O O     . ASP A 1 38  ? -3.000  -9.835  5.963   1.00 22.96 ? 39   ASP A O     1 
ATOM   282  C CB    . ASP A 1 38  ? -6.302  -10.837 6.714   1.00 23.51 ? 39   ASP A CB    1 
ATOM   283  C CG    . ASP A 1 38  ? -6.675  -9.461  6.190   1.00 25.56 ? 39   ASP A CG    1 
ATOM   284  O OD1   . ASP A 1 38  ? -5.822  -8.547  6.258   1.00 25.00 ? 39   ASP A OD1   1 
ATOM   285  O OD2   . ASP A 1 38  ? -7.821  -9.290  5.716   1.00 22.27 ? 39   ASP A OD2   1 
ATOM   286  N N     . ALA A 1 39  ? -4.263  -11.261 4.756   1.00 21.99 ? 40   ALA A N     1 
ATOM   287  C CA    . ALA A 1 39  ? -3.500  -11.069 3.530   1.00 21.46 ? 40   ALA A CA    1 
ATOM   288  C C     . ALA A 1 39  ? -3.446  -9.603  3.097   1.00 20.76 ? 40   ALA A C     1 
ATOM   289  O O     . ALA A 1 39  ? -2.382  -9.112  2.738   1.00 20.19 ? 40   ALA A O     1 
ATOM   290  C CB    . ALA A 1 39  ? -4.076  -11.937 2.409   1.00 20.31 ? 40   ALA A CB    1 
ATOM   291  N N     . THR A 1 40  ? -4.581  -8.906  3.133   1.00 20.09 ? 41   THR A N     1 
ATOM   292  C CA    . THR A 1 40  ? -4.615  -7.490  2.750   1.00 19.38 ? 41   THR A CA    1 
ATOM   293  C C     . THR A 1 40  ? -3.758  -6.637  3.695   1.00 19.27 ? 41   THR A C     1 
ATOM   294  O O     . THR A 1 40  ? -3.066  -5.720  3.256   1.00 19.77 ? 41   THR A O     1 
ATOM   295  C CB    . THR A 1 40  ? -6.067  -6.949  2.723   1.00 19.02 ? 41   THR A CB    1 
ATOM   296  O OG1   . THR A 1 40  ? -6.777  -7.572  1.645   1.00 19.61 ? 41   THR A OG1   1 
ATOM   297  C CG2   . THR A 1 40  ? -6.086  -5.427  2.505   1.00 19.04 ? 41   THR A CG2   1 
ATOM   298  N N     . ASP A 1 41  ? -3.787  -6.957  4.986   1.00 18.47 ? 42   ASP A N     1 
ATOM   299  C CA    . ASP A 1 41  ? -2.993  -6.224  5.968   1.00 18.64 ? 42   ASP A CA    1 
ATOM   300  C C     . ASP A 1 41  ? -1.511  -6.526  5.724   1.00 18.27 ? 42   ASP A C     1 
ATOM   301  O O     . ASP A 1 41  ? -0.650  -5.678  5.970   1.00 16.44 ? 42   ASP A O     1 
ATOM   302  C CB    . ASP A 1 41  ? -3.408  -6.628  7.391   1.00 17.18 ? 42   ASP A CB    1 
ATOM   303  C CG    . ASP A 1 41  ? -2.994  -5.608  8.441   1.00 19.33 ? 42   ASP A CG    1 
ATOM   304  O OD1   . ASP A 1 41  ? -2.625  -4.466  8.076   1.00 16.80 ? 42   ASP A OD1   1 
ATOM   305  O OD2   . ASP A 1 41  ? -3.053  -5.946  9.646   1.00 20.55 ? 42   ASP A OD2   1 
ATOM   306  N N     . ARG A 1 42  ? -1.212  -7.732  5.235   1.00 18.42 ? 43   ARG A N     1 
ATOM   307  C CA    . ARG A 1 42  ? 0.173   -8.095  4.939   1.00 19.13 ? 43   ARG A CA    1 
ATOM   308  C C     . ARG A 1 42  ? 0.654   -7.298  3.726   1.00 17.05 ? 43   ARG A C     1 
ATOM   309  O O     . ARG A 1 42  ? 1.831   -6.978  3.615   1.00 17.47 ? 43   ARG A O     1 
ATOM   310  C CB    . ARG A 1 42  ? 0.323   -9.601  4.668   1.00 20.21 ? 43   ARG A CB    1 
ATOM   311  C CG    . ARG A 1 42  ? 0.316   -10.461 5.931   1.00 24.84 ? 43   ARG A CG    1 
ATOM   312  C CD    . ARG A 1 42  ? 0.828   -11.884 5.666   1.00 27.01 ? 43   ARG A CD    1 
ATOM   313  N NE    . ARG A 1 42  ? -0.150  -12.730 4.981   1.00 30.95 ? 43   ARG A NE    1 
ATOM   314  C CZ    . ARG A 1 42  ? -1.191  -13.311 5.576   1.00 34.44 ? 43   ARG A CZ    1 
ATOM   315  N NH1   . ARG A 1 42  ? -1.399  -13.141 6.876   1.00 37.51 ? 43   ARG A NH1   1 
ATOM   316  N NH2   . ARG A 1 42  ? -2.019  -14.078 4.877   1.00 33.93 ? 43   ARG A NH2   1 
ATOM   317  N N     . CYS A 1 43  ? -0.257  -6.987  2.812   1.00 16.60 ? 44   CYS A N     1 
ATOM   318  C CA    . CYS A 1 43  ? 0.122   -6.182  1.659   1.00 16.63 ? 44   CYS A CA    1 
ATOM   319  C C     . CYS A 1 43  ? 0.617   -4.830  2.179   1.00 16.88 ? 44   CYS A C     1 
ATOM   320  O O     . CYS A 1 43  ? 1.613   -4.296  1.695   1.00 15.16 ? 44   CYS A O     1 
ATOM   321  C CB    . CYS A 1 43  ? -1.070  -5.921  0.742   1.00 18.41 ? 44   CYS A CB    1 
ATOM   322  S SG    . CYS A 1 43  ? -1.811  -7.334  -0.126  1.00 20.91 ? 44   CYS A SG    1 
ATOM   323  N N     . CYS A 1 44  ? -0.087  -4.273  3.164   1.00 17.17 ? 45   CYS A N     1 
ATOM   324  C CA    . CYS A 1 44  ? 0.294   -2.978  3.722   1.00 18.17 ? 45   CYS A CA    1 
ATOM   325  C C     . CYS A 1 44  ? 1.608   -3.041  4.483   1.00 18.27 ? 45   CYS A C     1 
ATOM   326  O O     . CYS A 1 44  ? 2.414   -2.112  4.413   1.00 18.16 ? 45   CYS A O     1 
ATOM   327  C CB    . CYS A 1 44  ? -0.834  -2.428  4.607   1.00 18.96 ? 45   CYS A CB    1 
ATOM   328  S SG    . CYS A 1 44  ? -2.329  -2.058  3.630   1.00 18.75 ? 45   CYS A SG    1 
ATOM   329  N N     . PHE A 1 45  ? 1.827   -4.141  5.200   1.00 18.74 ? 46   PHE A N     1 
ATOM   330  C CA    . PHE A 1 45  ? 3.064   -4.345  5.952   1.00 19.50 ? 46   PHE A CA    1 
ATOM   331  C C     . PHE A 1 45  ? 4.246   -4.333  4.978   1.00 18.75 ? 46   PHE A C     1 
ATOM   332  O O     . PHE A 1 45  ? 5.222   -3.616  5.178   1.00 19.26 ? 46   PHE A O     1 
ATOM   333  C CB    . PHE A 1 45  ? 3.023   -5.698  6.680   1.00 21.42 ? 46   PHE A CB    1 
ATOM   334  C CG    . PHE A 1 45  ? 4.323   -6.077  7.346   1.00 22.30 ? 46   PHE A CG    1 
ATOM   335  C CD1   . PHE A 1 45  ? 4.717   -5.468  8.534   1.00 23.15 ? 46   PHE A CD1   1 
ATOM   336  C CD2   . PHE A 1 45  ? 5.159   -7.037  6.774   1.00 21.42 ? 46   PHE A CD2   1 
ATOM   337  C CE1   . PHE A 1 45  ? 5.932   -5.809  9.147   1.00 22.69 ? 46   PHE A CE1   1 
ATOM   338  C CE2   . PHE A 1 45  ? 6.372   -7.384  7.377   1.00 23.36 ? 46   PHE A CE2   1 
ATOM   339  C CZ    . PHE A 1 45  ? 6.759   -6.767  8.568   1.00 22.55 ? 46   PHE A CZ    1 
ATOM   340  N N     . VAL A 1 46  ? 4.152   -5.133  3.920   1.00 19.25 ? 47   VAL A N     1 
ATOM   341  C CA    . VAL A 1 46  ? 5.220   -5.209  2.931   1.00 19.84 ? 47   VAL A CA    1 
ATOM   342  C C     . VAL A 1 46  ? 5.415   -3.850  2.274   1.00 20.63 ? 47   VAL A C     1 
ATOM   343  O O     . VAL A 1 46  ? 6.538   -3.445  1.987   1.00 21.64 ? 47   VAL A O     1 
ATOM   344  C CB    . VAL A 1 46  ? 4.911   -6.275  1.862   1.00 20.38 ? 47   VAL A CB    1 
ATOM   345  C CG1   . VAL A 1 46  ? 6.003   -6.295  0.801   1.00 20.30 ? 47   VAL A CG1   1 
ATOM   346  C CG2   . VAL A 1 46  ? 4.807   -7.645  2.530   1.00 20.98 ? 47   VAL A CG2   1 
ATOM   347  N N     . HIS A 1 47  ? 4.315   -3.135  2.058   1.00 20.86 ? 48   HIS A N     1 
ATOM   348  C CA    . HIS A 1 47  ? 4.374   -1.812  1.452   1.00 18.97 ? 48   HIS A CA    1 
ATOM   349  C C     . HIS A 1 47  ? 5.157   -0.852  2.359   1.00 19.75 ? 48   HIS A C     1 
ATOM   350  O O     . HIS A 1 47  ? 5.996   -0.078  1.887   1.00 19.51 ? 48   HIS A O     1 
ATOM   351  C CB    . HIS A 1 47  ? 2.961   -1.282  1.218   1.00 16.33 ? 48   HIS A CB    1 
ATOM   352  C CG    . HIS A 1 47  ? 2.927   -0.005  0.442   1.00 16.74 ? 48   HIS A CG    1 
ATOM   353  N ND1   . HIS A 1 47  ? 2.572   1.200   1.006   1.00 13.26 ? 48   HIS A ND1   1 
ATOM   354  C CD2   . HIS A 1 47  ? 3.233   0.259   -0.850  1.00 13.64 ? 48   HIS A CD2   1 
ATOM   355  C CE1   . HIS A 1 47  ? 2.655   2.151   0.095   1.00 15.37 ? 48   HIS A CE1   1 
ATOM   356  N NE2   . HIS A 1 47  ? 3.055   1.608   -1.041  1.00 14.54 ? 48   HIS A NE2   1 
ATOM   357  N N     . ASP A 1 48  ? 4.874   -0.908  3.662   1.00 18.20 ? 49   ASP A N     1 
ATOM   358  C CA    . ASP A 1 48  ? 5.569   -0.076  4.634   1.00 19.24 ? 49   ASP A CA    1 
ATOM   359  C C     . ASP A 1 48  ? 7.061   -0.434  4.611   1.00 19.46 ? 49   ASP A C     1 
ATOM   360  O O     . ASP A 1 48  ? 7.927   0.447   4.661   1.00 18.40 ? 49   ASP A O     1 
ATOM   361  C CB    . ASP A 1 48  ? 5.016   -0.314  6.046   1.00 22.19 ? 49   ASP A CB    1 
ATOM   362  C CG    . ASP A 1 48  ? 3.691   0.397   6.303   1.00 26.62 ? 49   ASP A CG    1 
ATOM   363  O OD1   . ASP A 1 48  ? 3.144   1.043   5.382   1.00 29.50 ? 49   ASP A OD1   1 
ATOM   364  O OD2   . ASP A 1 48  ? 3.192   0.302   7.448   1.00 29.14 ? 49   ASP A OD2   1 
ATOM   365  N N     . CYS A 1 49  ? 7.356   -1.733  4.541   1.00 18.96 ? 50   CYS A N     1 
ATOM   366  C CA    . CYS A 1 49  ? 8.741   -2.192  4.502   1.00 19.27 ? 50   CYS A CA    1 
ATOM   367  C C     . CYS A 1 49  ? 9.417   -1.694  3.228   1.00 18.70 ? 50   CYS A C     1 
ATOM   368  O O     . CYS A 1 49  ? 10.583  -1.291  3.238   1.00 17.71 ? 50   CYS A O     1 
ATOM   369  C CB    . CYS A 1 49  ? 8.806   -3.719  4.558   1.00 19.12 ? 50   CYS A CB    1 
ATOM   370  S SG    . CYS A 1 49  ? 8.345   -4.453  6.160   1.00 20.83 ? 50   CYS A SG    1 
ATOM   371  N N     . CYS A 1 50  ? 8.679   -1.719  2.129   1.00 17.53 ? 51   CYS A N     1 
ATOM   372  C CA    . CYS A 1 50  ? 9.225   -1.255  0.869   1.00 18.79 ? 51   CYS A CA    1 
ATOM   373  C C     . CYS A 1 50  ? 9.621   0.223   1.000   1.00 19.56 ? 51   CYS A C     1 
ATOM   374  O O     . CYS A 1 50  ? 10.696  0.619   0.562   1.00 20.00 ? 51   CYS A O     1 
ATOM   375  C CB    . CYS A 1 50  ? 8.197   -1.447  -0.234  1.00 16.51 ? 51   CYS A CB    1 
ATOM   376  S SG    . CYS A 1 50  ? 8.863   -1.442  -1.927  1.00 16.10 ? 51   CYS A SG    1 
ATOM   377  N N     . TYR A 1 51  ? 8.758   1.032   1.607   1.00 20.27 ? 52   TYR A N     1 
ATOM   378  C CA    . TYR A 1 51  ? 9.056   2.448   1.808   1.00 22.15 ? 52   TYR A CA    1 
ATOM   379  C C     . TYR A 1 51  ? 10.263  2.557   2.736   1.00 23.35 ? 52   TYR A C     1 
ATOM   380  O O     . TYR A 1 51  ? 11.085  3.462   2.603   1.00 23.15 ? 52   TYR A O     1 
ATOM   381  C CB    . TYR A 1 51  ? 7.863   3.167   2.462   1.00 22.00 ? 52   TYR A CB    1 
ATOM   382  C CG    . TYR A 1 51  ? 6.789   3.651   1.504   1.00 21.82 ? 52   TYR A CG    1 
ATOM   383  C CD1   . TYR A 1 51  ? 6.881   3.400   0.134   1.00 21.38 ? 52   TYR A CD1   1 
ATOM   384  C CD2   . TYR A 1 51  ? 5.685   4.377   1.970   1.00 21.63 ? 52   TYR A CD2   1 
ATOM   385  C CE1   . TYR A 1 51  ? 5.908   3.856   -0.751  1.00 21.48 ? 52   TYR A CE1   1 
ATOM   386  C CE2   . TYR A 1 51  ? 4.706   4.839   1.094   1.00 21.97 ? 52   TYR A CE2   1 
ATOM   387  C CZ    . TYR A 1 51  ? 4.825   4.572   -0.267  1.00 23.22 ? 52   TYR A CZ    1 
ATOM   388  O OH    . TYR A 1 51  ? 3.866   5.022   -1.147  1.00 25.64 ? 52   TYR A OH    1 
ATOM   389  N N     . GLY A 1 52  ? 10.344  1.624   3.682   1.00 22.96 ? 53   GLY A N     1 
ATOM   390  C CA    . GLY A 1 52  ? 11.429  1.605   4.643   1.00 22.59 ? 53   GLY A CA    1 
ATOM   391  C C     . GLY A 1 52  ? 12.813  1.475   4.044   1.00 23.42 ? 53   GLY A C     1 
ATOM   392  O O     . GLY A 1 52  ? 13.790  1.869   4.673   1.00 23.54 ? 53   GLY A O     1 
ATOM   393  N N     . ASN A 1 53  ? 12.904  0.920   2.838   1.00 24.52 ? 54   ASN A N     1 
ATOM   394  C CA    . ASN A 1 53  ? 14.190  0.772   2.164   1.00 26.24 ? 54   ASN A CA    1 
ATOM   395  C C     . ASN A 1 53  ? 14.607  2.053   1.434   1.00 26.63 ? 54   ASN A C     1 
ATOM   396  O O     . ASN A 1 53  ? 15.654  2.085   0.789   1.00 28.42 ? 54   ASN A O     1 
ATOM   397  C CB    . ASN A 1 53  ? 14.147  -0.372  1.138   1.00 27.79 ? 54   ASN A CB    1 
ATOM   398  C CG    . ASN A 1 53  ? 13.869  -1.727  1.766   1.00 31.62 ? 54   ASN A CG    1 
ATOM   399  O OD1   . ASN A 1 53  ? 14.317  -2.019  2.875   1.00 33.05 ? 54   ASN A OD1   1 
ATOM   400  N ND2   . ASN A 1 53  ? 13.134  -2.569  1.044   1.00 32.83 ? 54   ASN A ND2   1 
ATOM   401  N N     . LEU A 1 54  ? 13.789  3.099   1.531   1.00 25.99 ? 55   LEU A N     1 
ATOM   402  C CA    . LEU A 1 54  ? 14.065  4.376   0.856   1.00 27.06 ? 55   LEU A CA    1 
ATOM   403  C C     . LEU A 1 54  ? 14.080  5.518   1.879   1.00 27.16 ? 55   LEU A C     1 
ATOM   404  O O     . LEU A 1 54  ? 13.236  6.412   1.835   1.00 26.85 ? 55   LEU A O     1 
ATOM   405  C CB    . LEU A 1 54  ? 12.978  4.643   -0.190  1.00 25.64 ? 55   LEU A CB    1 
ATOM   406  C CG    . LEU A 1 54  ? 12.557  3.427   -1.025  1.00 25.53 ? 55   LEU A CG    1 
ATOM   407  C CD1   . LEU A 1 54  ? 11.281  3.726   -1.810  1.00 25.08 ? 55   LEU A CD1   1 
ATOM   408  C CD2   . LEU A 1 54  ? 13.690  3.045   -1.954  1.00 23.25 ? 55   LEU A CD2   1 
ATOM   409  N N     . PRO A 1 55  ? 15.066  5.515   2.791   1.00 27.30 ? 56   PRO A N     1 
ATOM   410  C CA    . PRO A 1 55  ? 15.232  6.517   3.850   1.00 28.43 ? 56   PRO A CA    1 
ATOM   411  C C     . PRO A 1 55  ? 15.345  7.955   3.345   1.00 28.35 ? 56   PRO A C     1 
ATOM   412  O O     . PRO A 1 55  ? 14.790  8.878   3.961   1.00 28.08 ? 56   PRO A O     1 
ATOM   413  C CB    . PRO A 1 55  ? 16.517  6.062   4.566   1.00 28.36 ? 56   PRO A CB    1 
ATOM   414  C CG    . PRO A 1 55  ? 16.681  4.606   4.139   1.00 28.93 ? 56   PRO A CG    1 
ATOM   415  C CD    . PRO A 1 55  ? 16.258  4.657   2.710   1.00 28.40 ? 56   PRO A CD    1 
ATOM   416  N N     . ASP A 1 56  ? 16.047  8.148   2.228   1.00 28.33 ? 59   ASP A N     1 
ATOM   417  C CA    . ASP A 1 56  ? 16.242  9.492   1.685   1.00 30.72 ? 59   ASP A CA    1 
ATOM   418  C C     . ASP A 1 56  ? 15.275  9.891   0.584   1.00 30.07 ? 59   ASP A C     1 
ATOM   419  O O     . ASP A 1 56  ? 15.507  10.858  -0.138  1.00 31.60 ? 59   ASP A O     1 
ATOM   420  C CB    . ASP A 1 56  ? 17.685  9.642   1.219   1.00 33.77 ? 59   ASP A CB    1 
ATOM   421  C CG    . ASP A 1 56  ? 18.658  9.753   2.386   1.00 35.95 ? 59   ASP A CG    1 
ATOM   422  O OD1   . ASP A 1 56  ? 19.878  9.634   2.161   1.00 39.09 ? 59   ASP A OD1   1 
ATOM   423  O OD2   . ASP A 1 56  ? 18.201  9.982   3.530   1.00 37.13 ? 59   ASP A OD2   1 
ATOM   424  N N     . CYS A 1 57  ? 14.174  9.148   0.482   1.00 27.70 ? 61   CYS A N     1 
ATOM   425  C CA    . CYS A 1 57  ? 13.115  9.426   -0.500  1.00 25.18 ? 61   CYS A CA    1 
ATOM   426  C C     . CYS A 1 57  ? 11.881  9.917   0.276   1.00 24.72 ? 61   CYS A C     1 
ATOM   427  O O     . CYS A 1 57  ? 11.824  9.756   1.493   1.00 25.08 ? 61   CYS A O     1 
ATOM   428  C CB    . CYS A 1 57  ? 12.729  8.159   -1.265  1.00 22.05 ? 61   CYS A CB    1 
ATOM   429  S SG    . CYS A 1 57  ? 14.036  7.510   -2.385  1.00 21.35 ? 61   CYS A SG    1 
ATOM   430  N N     . ASN A 1 58  ? 10.909  10.536  -0.398  1.00 24.49 ? 67   ASN A N     1 
ATOM   431  C CA    . ASN A 1 58  ? 9.708   11.023  0.283   1.00 24.27 ? 67   ASN A CA    1 
ATOM   432  C C     . ASN A 1 58  ? 8.460   10.507  -0.441  1.00 25.35 ? 67   ASN A C     1 
ATOM   433  O O     . ASN A 1 58  ? 7.768   11.269  -1.111  1.00 24.29 ? 67   ASN A O     1 
ATOM   434  C CB    . ASN A 1 58  ? 9.727   12.548  0.305   1.00 25.69 ? 67   ASN A CB    1 
ATOM   435  C CG    . ASN A 1 58  ? 10.898  13.108  1.077   1.00 26.38 ? 67   ASN A CG    1 
ATOM   436  O OD1   . ASN A 1 58  ? 10.816  13.323  2.288   1.00 24.82 ? 67   ASN A OD1   1 
ATOM   437  N ND2   . ASN A 1 58  ? 12.007  13.337  0.381   1.00 25.61 ? 67   ASN A ND2   1 
ATOM   438  N N     . PRO A 1 59  ? 8.117   9.221   -0.241  1.00 26.60 ? 68   PRO A N     1 
ATOM   439  C CA    . PRO A 1 59  ? 6.982   8.524   -0.848  1.00 26.95 ? 68   PRO A CA    1 
ATOM   440  C C     . PRO A 1 59  ? 5.636   9.199   -0.851  1.00 27.08 ? 68   PRO A C     1 
ATOM   441  O O     . PRO A 1 59  ? 4.930   9.130   -1.836  1.00 27.20 ? 68   PRO A O     1 
ATOM   442  C CB    . PRO A 1 59  ? 6.955   7.187   -0.094  1.00 26.59 ? 68   PRO A CB    1 
ATOM   443  C CG    . PRO A 1 59  ? 8.406   6.990   0.207   1.00 27.78 ? 68   PRO A CG    1 
ATOM   444  C CD    . PRO A 1 59  ? 8.722   8.362   0.780   1.00 25.28 ? 68   PRO A CD    1 
ATOM   445  N N     . LYS A 1 60  ? 5.276   9.847   0.244   1.00 27.34 ? 69   LYS A N     1 
ATOM   446  C CA    . LYS A 1 60  ? 3.989   10.515  0.348   1.00 27.94 ? 69   LYS A CA    1 
ATOM   447  C C     . LYS A 1 60  ? 3.827   11.752  -0.521  1.00 26.89 ? 69   LYS A C     1 
ATOM   448  O O     . LYS A 1 60  ? 2.734   12.031  -0.992  1.00 27.38 ? 69   LYS A O     1 
ATOM   449  C CB    . LYS A 1 60  ? 3.714   10.919  1.795   1.00 29.20 ? 69   LYS A CB    1 
ATOM   450  C CG    . LYS A 1 60  ? 3.686   9.780   2.797   1.00 33.90 ? 69   LYS A CG    1 
ATOM   451  C CD    . LYS A 1 60  ? 3.170   10.287  4.148   1.00 39.85 ? 69   LYS A CD    1 
ATOM   452  C CE    . LYS A 1 60  ? 2.988   9.139   5.129   1.00 42.63 ? 69   LYS A CE    1 
ATOM   453  N NZ    . LYS A 1 60  ? 2.077   9.486   6.251   1.00 46.42 ? 69   LYS A NZ    1 
ATOM   454  N N     . SER A 1 61  ? 4.905   12.489  -0.753  1.00 25.06 ? 70   SER A N     1 
ATOM   455  C CA    . SER A 1 61  ? 4.803   13.726  -1.516  1.00 24.36 ? 70   SER A CA    1 
ATOM   456  C C     . SER A 1 61  ? 5.481   13.758  -2.878  1.00 24.74 ? 70   SER A C     1 
ATOM   457  O O     . SER A 1 61  ? 5.140   14.587  -3.720  1.00 24.92 ? 70   SER A O     1 
ATOM   458  C CB    . SER A 1 61  ? 5.325   14.884  -0.661  1.00 24.96 ? 70   SER A CB    1 
ATOM   459  O OG    . SER A 1 61  ? 6.610   14.577  -0.134  1.00 26.04 ? 70   SER A OG    1 
ATOM   460  N N     . ASP A 1 62  ? 6.436   12.864  -3.106  1.00 23.13 ? 71   ASP A N     1 
ATOM   461  C CA    . ASP A 1 62  ? 7.137   12.848  -4.384  1.00 21.51 ? 71   ASP A CA    1 
ATOM   462  C C     . ASP A 1 62  ? 6.279   12.167  -5.448  1.00 22.48 ? 71   ASP A C     1 
ATOM   463  O O     . ASP A 1 62  ? 5.926   10.997  -5.315  1.00 22.15 ? 71   ASP A O     1 
ATOM   464  C CB    . ASP A 1 62  ? 8.482   12.127  -4.243  1.00 19.49 ? 71   ASP A CB    1 
ATOM   465  C CG    . ASP A 1 62  ? 9.379   12.327  -5.448  1.00 18.75 ? 71   ASP A CG    1 
ATOM   466  O OD1   . ASP A 1 62  ? 8.931   12.957  -6.432  1.00 17.27 ? 71   ASP A OD1   1 
ATOM   467  O OD2   . ASP A 1 62  ? 10.534  11.851  -5.410  1.00 17.57 ? 71   ASP A OD2   1 
ATOM   468  N N     . ARG A 1 63  ? 5.956   12.903  -6.507  1.00 22.52 ? 72   ARG A N     1 
ATOM   469  C CA    . ARG A 1 63  ? 5.125   12.377  -7.585  1.00 23.35 ? 72   ARG A CA    1 
ATOM   470  C C     . ARG A 1 63  ? 5.893   11.637  -8.668  1.00 22.90 ? 72   ARG A C     1 
ATOM   471  O O     . ARG A 1 63  ? 7.005   12.012  -9.028  1.00 23.86 ? 72   ARG A O     1 
ATOM   472  C CB    . ARG A 1 63  ? 4.347   13.506  -8.257  1.00 25.43 ? 72   ARG A CB    1 
ATOM   473  C CG    . ARG A 1 63  ? 3.344   14.219  -7.382  1.00 28.95 ? 72   ARG A CG    1 
ATOM   474  C CD    . ARG A 1 63  ? 2.357   14.944  -8.276  1.00 31.16 ? 72   ARG A CD    1 
ATOM   475  N NE    . ARG A 1 63  ? 1.539   15.915  -7.566  1.00 35.38 ? 72   ARG A NE    1 
ATOM   476  C CZ    . ARG A 1 63  ? 0.668   16.722  -8.167  1.00 37.59 ? 72   ARG A CZ    1 
ATOM   477  N NH1   . ARG A 1 63  ? -0.045  17.589  -7.455  1.00 37.49 ? 72   ARG A NH1   1 
ATOM   478  N NH2   . ARG A 1 63  ? 0.512   16.659  -9.485  1.00 37.24 ? 72   ARG A NH2   1 
ATOM   479  N N     . TYR A 1 64  ? 5.285   10.582  -9.194  1.00 22.54 ? 73   TYR A N     1 
ATOM   480  C CA    . TYR A 1 64  ? 5.893   9.820   -10.276 1.00 22.11 ? 73   TYR A CA    1 
ATOM   481  C C     . TYR A 1 64  ? 4.855   9.639   -11.364 1.00 21.87 ? 73   TYR A C     1 
ATOM   482  O O     . TYR A 1 64  ? 3.689   9.989   -11.188 1.00 19.16 ? 73   TYR A O     1 
ATOM   483  C CB    . TYR A 1 64  ? 6.392   8.455   -9.785  1.00 22.22 ? 73   TYR A CB    1 
ATOM   484  C CG    . TYR A 1 64  ? 5.353   7.607   -9.084  1.00 21.52 ? 73   TYR A CG    1 
ATOM   485  C CD1   . TYR A 1 64  ? 4.385   6.902   -9.805  1.00 20.60 ? 73   TYR A CD1   1 
ATOM   486  C CD2   . TYR A 1 64  ? 5.332   7.517   -7.693  1.00 20.86 ? 73   TYR A CD2   1 
ATOM   487  C CE1   . TYR A 1 64  ? 3.421   6.126   -9.150  1.00 19.80 ? 73   TYR A CE1   1 
ATOM   488  C CE2   . TYR A 1 64  ? 4.376   6.748   -7.031  1.00 19.25 ? 73   TYR A CE2   1 
ATOM   489  C CZ    . TYR A 1 64  ? 3.425   6.058   -7.761  1.00 19.65 ? 73   TYR A CZ    1 
ATOM   490  O OH    . TYR A 1 64  ? 2.469   5.325   -7.092  1.00 20.07 ? 73   TYR A OH    1 
ATOM   491  N N     . LYS A 1 65  ? 5.289   9.101   -12.493 1.00 24.36 ? 74   LYS A N     1 
ATOM   492  C CA    . LYS A 1 65  ? 4.403   8.873   -13.620 1.00 26.44 ? 74   LYS A CA    1 
ATOM   493  C C     . LYS A 1 65  ? 4.326   7.386   -13.898 1.00 26.03 ? 74   LYS A C     1 
ATOM   494  O O     . LYS A 1 65  ? 5.317   6.671   -13.767 1.00 26.33 ? 74   LYS A O     1 
ATOM   495  C CB    . LYS A 1 65  ? 4.938   9.580   -14.868 1.00 29.30 ? 74   LYS A CB    1 
ATOM   496  C CG    . LYS A 1 65  ? 5.113   11.078  -14.734 1.00 31.63 ? 74   LYS A CG    1 
ATOM   497  C CD    . LYS A 1 65  ? 3.779   11.785  -14.592 1.00 34.84 ? 74   LYS A CD    1 
ATOM   498  C CE    . LYS A 1 65  ? 3.956   13.294  -14.657 1.00 36.94 ? 74   LYS A CE    1 
ATOM   499  N NZ    . LYS A 1 65  ? 2.648   13.995  -14.561 1.00 38.43 ? 74   LYS A NZ    1 
ATOM   500  N N     . TYR A 1 66  ? 3.147   6.920   -14.277 1.00 26.63 ? 75   TYR A N     1 
ATOM   501  C CA    . TYR A 1 66  ? 2.969   5.515   -14.599 1.00 27.88 ? 75   TYR A CA    1 
ATOM   502  C C     . TYR A 1 66  ? 1.875   5.420   -15.642 1.00 29.41 ? 75   TYR A C     1 
ATOM   503  O O     . TYR A 1 66  ? 1.003   6.289   -15.717 1.00 29.13 ? 75   TYR A O     1 
ATOM   504  C CB    . TYR A 1 66  ? 2.602   4.706   -13.349 1.00 25.36 ? 75   TYR A CB    1 
ATOM   505  C CG    . TYR A 1 66  ? 1.153   4.795   -12.926 1.00 24.32 ? 75   TYR A CG    1 
ATOM   506  C CD1   . TYR A 1 66  ? 0.196   3.941   -13.470 1.00 22.99 ? 75   TYR A CD1   1 
ATOM   507  C CD2   . TYR A 1 66  ? 0.743   5.718   -11.970 1.00 21.86 ? 75   TYR A CD2   1 
ATOM   508  C CE1   . TYR A 1 66  ? -1.133  4.000   -13.064 1.00 21.56 ? 75   TYR A CE1   1 
ATOM   509  C CE2   . TYR A 1 66  ? -0.577  5.789   -11.563 1.00 20.95 ? 75   TYR A CE2   1 
ATOM   510  C CZ    . TYR A 1 66  ? -1.512  4.926   -12.110 1.00 22.45 ? 75   TYR A CZ    1 
ATOM   511  O OH    . TYR A 1 66  ? -2.820  4.973   -11.684 1.00 21.71 ? 75   TYR A OH    1 
ATOM   512  N N     . LYS A 1 67  ? 1.940   4.379   -16.462 1.00 30.04 ? 76   LYS A N     1 
ATOM   513  C CA    . LYS A 1 67  ? 0.950   4.176   -17.499 1.00 31.77 ? 76   LYS A CA    1 
ATOM   514  C C     . LYS A 1 67  ? 0.413   2.760   -17.439 1.00 31.64 ? 76   LYS A C     1 
ATOM   515  O O     . LYS A 1 67  ? 0.938   1.910   -16.720 1.00 31.52 ? 76   LYS A O     1 
ATOM   516  C CB    . LYS A 1 67  ? 1.558   4.442   -18.876 1.00 33.22 ? 76   LYS A CB    1 
ATOM   517  C CG    . LYS A 1 67  ? 2.784   3.603   -19.188 1.00 34.47 ? 76   LYS A CG    1 
ATOM   518  C CD    . LYS A 1 67  ? 3.282   3.889   -20.597 1.00 37.68 ? 76   LYS A CD    1 
ATOM   519  C CE    . LYS A 1 67  ? 4.497   3.041   -20.935 1.00 39.95 ? 76   LYS A CE    1 
ATOM   520  N NZ    . LYS A 1 67  ? 4.963   3.278   -22.329 1.00 41.55 ? 76   LYS A NZ    1 
ATOM   521  N N     . ARG A 1 68  ? -0.649  2.529   -18.198 1.00 33.22 ? 77   ARG A N     1 
ATOM   522  C CA    . ARG A 1 68  ? -1.299  1.235   -18.280 1.00 33.66 ? 77   ARG A CA    1 
ATOM   523  C C     . ARG A 1 68  ? -1.077  0.674   -19.675 1.00 36.08 ? 77   ARG A C     1 
ATOM   524  O O     . ARG A 1 68  ? -1.443  1.305   -20.668 1.00 35.88 ? 77   ARG A O     1 
ATOM   525  C CB    . ARG A 1 68  ? -2.801  1.392   -18.038 1.00 32.78 ? 77   ARG A CB    1 
ATOM   526  C CG    . ARG A 1 68  ? -3.194  1.713   -16.603 1.00 31.24 ? 77   ARG A CG    1 
ATOM   527  C CD    . ARG A 1 68  ? -3.299  0.453   -15.762 1.00 27.65 ? 77   ARG A CD    1 
ATOM   528  N NE    . ARG A 1 68  ? -3.643  0.756   -14.377 1.00 24.25 ? 77   ARG A NE    1 
ATOM   529  C CZ    . ARG A 1 68  ? -3.755  -0.157  -13.419 1.00 24.77 ? 77   ARG A CZ    1 
ATOM   530  N NH1   . ARG A 1 68  ? -3.556  -1.442  -13.691 1.00 24.17 ? 77   ARG A NH1   1 
ATOM   531  N NH2   . ARG A 1 68  ? -4.052  0.214   -12.185 1.00 22.76 ? 77   ARG A NH2   1 
ATOM   532  N N     . VAL A 1 69  ? -0.449  -0.494  -19.748 1.00 36.99 ? 78   VAL A N     1 
ATOM   533  C CA    . VAL A 1 69  ? -0.221  -1.155  -21.026 1.00 39.88 ? 78   VAL A CA    1 
ATOM   534  C C     . VAL A 1 69  ? -1.117  -2.389  -21.005 1.00 41.86 ? 78   VAL A C     1 
ATOM   535  O O     . VAL A 1 69  ? -0.699  -3.466  -20.570 1.00 42.04 ? 78   VAL A O     1 
ATOM   536  C CB    . VAL A 1 69  ? 1.248   -1.589  -21.200 1.00 39.57 ? 78   VAL A CB    1 
ATOM   537  C CG1   . VAL A 1 69  ? 1.417   -2.325  -22.526 1.00 39.93 ? 78   VAL A CG1   1 
ATOM   538  C CG2   . VAL A 1 69  ? 2.155   -0.371  -21.159 1.00 39.77 ? 78   VAL A CG2   1 
ATOM   539  N N     . ASN A 1 70  ? -2.355  -2.212  -21.463 1.00 43.38 ? 79   ASN A N     1 
ATOM   540  C CA    . ASN A 1 70  ? -3.345  -3.286  -21.474 1.00 44.71 ? 79   ASN A CA    1 
ATOM   541  C C     . ASN A 1 70  ? -3.545  -3.837  -20.064 1.00 43.33 ? 79   ASN A C     1 
ATOM   542  O O     . ASN A 1 70  ? -3.406  -5.036  -19.828 1.00 44.44 ? 79   ASN A O     1 
ATOM   543  C CB    . ASN A 1 70  ? -2.908  -4.409  -22.421 1.00 47.33 ? 79   ASN A CB    1 
ATOM   544  C CG    . ASN A 1 70  ? -3.514  -4.271  -23.806 1.00 50.05 ? 79   ASN A CG    1 
ATOM   545  O OD1   . ASN A 1 70  ? -3.509  -3.187  -24.397 1.00 50.75 ? 79   ASN A OD1   1 
ATOM   546  N ND2   . ASN A 1 70  ? -4.039  -5.377  -24.332 1.00 51.87 ? 79   ASN A ND2   1 
ATOM   547  N N     . GLY A 1 71  ? -3.872  -2.953  -19.128 1.00 41.15 ? 80   GLY A N     1 
ATOM   548  C CA    . GLY A 1 71  ? -4.076  -3.383  -17.757 1.00 38.38 ? 80   GLY A CA    1 
ATOM   549  C C     . GLY A 1 71  ? -2.813  -3.389  -16.904 1.00 35.86 ? 80   GLY A C     1 
ATOM   550  O O     . GLY A 1 71  ? -2.876  -3.089  -15.714 1.00 36.33 ? 80   GLY A O     1 
ATOM   551  N N     . ALA A 1 72  ? -1.669  -3.718  -17.500 1.00 32.47 ? 81   ALA A N     1 
ATOM   552  C CA    . ALA A 1 72  ? -0.406  -3.771  -16.760 1.00 30.51 ? 81   ALA A CA    1 
ATOM   553  C C     . ALA A 1 72  ? 0.117   -2.397  -16.339 1.00 28.65 ? 81   ALA A C     1 
ATOM   554  O O     . ALA A 1 72  ? 0.139   -1.464  -17.135 1.00 29.98 ? 81   ALA A O     1 
ATOM   555  C CB    . ALA A 1 72  ? 0.654   -4.496  -17.585 1.00 28.80 ? 81   ALA A CB    1 
ATOM   556  N N     . ILE A 1 73  ? 0.535   -2.285  -15.079 1.00 26.51 ? 82   ILE A N     1 
ATOM   557  C CA    . ILE A 1 73  ? 1.071   -1.034  -14.543 1.00 24.48 ? 82   ILE A CA    1 
ATOM   558  C C     . ILE A 1 73  ? 2.533   -0.908  -14.952 1.00 25.63 ? 82   ILE A C     1 
ATOM   559  O O     . ILE A 1 73  ? 3.338   -1.806  -14.704 1.00 26.54 ? 82   ILE A O     1 
ATOM   560  C CB    . ILE A 1 73  ? 0.987   -0.997  -12.995 1.00 22.76 ? 82   ILE A CB    1 
ATOM   561  C CG1   . ILE A 1 73  ? -0.469  -1.169  -12.545 1.00 21.65 ? 82   ILE A CG1   1 
ATOM   562  C CG2   . ILE A 1 73  ? 1.557   0.319   -12.471 1.00 21.37 ? 82   ILE A CG2   1 
ATOM   563  C CD1   . ILE A 1 73  ? -0.655  -1.236  -11.033 1.00 20.34 ? 82   ILE A CD1   1 
ATOM   564  N N     . VAL A 1 74  ? 2.876   0.207   -15.581 1.00 26.21 ? 83   VAL A N     1 
ATOM   565  C CA    . VAL A 1 74  ? 4.248   0.427   -16.024 1.00 26.43 ? 83   VAL A CA    1 
ATOM   566  C C     . VAL A 1 74  ? 4.766   1.763   -15.490 1.00 27.09 ? 83   VAL A C     1 
ATOM   567  O O     . VAL A 1 74  ? 4.267   2.830   -15.853 1.00 27.99 ? 83   VAL A O     1 
ATOM   568  C CB    . VAL A 1 74  ? 4.335   0.406   -17.569 1.00 26.73 ? 83   VAL A CB    1 
ATOM   569  C CG1   . VAL A 1 74  ? 5.764   0.629   -18.022 1.00 27.25 ? 83   VAL A CG1   1 
ATOM   570  C CG2   . VAL A 1 74  ? 3.818   -0.933  -18.094 1.00 27.08 ? 83   VAL A CG2   1 
ATOM   571  N N     . CYS A 1 75  ? 5.758   1.690   -14.612 1.00 26.16 ? 84   CYS A N     1 
ATOM   572  C CA    . CYS A 1 75  ? 6.349   2.881   -14.019 1.00 26.30 ? 84   CYS A CA    1 
ATOM   573  C C     . CYS A 1 75  ? 7.239   3.591   -15.032 1.00 27.07 ? 84   CYS A C     1 
ATOM   574  O O     . CYS A 1 75  ? 8.150   2.988   -15.595 1.00 28.35 ? 84   CYS A O     1 
ATOM   575  C CB    . CYS A 1 75  ? 7.172   2.498   -12.787 1.00 24.05 ? 84   CYS A CB    1 
ATOM   576  S SG    . CYS A 1 75  ? 6.188   1.862   -11.397 1.00 23.11 ? 84   CYS A SG    1 
ATOM   577  N N     . GLU A 1 76  ? 6.974   4.870   -15.273 1.00 28.35 ? 85   GLU A N     1 
ATOM   578  C CA    . GLU A 1 76  ? 7.789   5.617   -16.220 1.00 31.02 ? 85   GLU A CA    1 
ATOM   579  C C     . GLU A 1 76  ? 9.046   6.170   -15.557 1.00 29.80 ? 85   GLU A C     1 
ATOM   580  O O     . GLU A 1 76  ? 9.096   6.356   -14.343 1.00 28.03 ? 85   GLU A O     1 
ATOM   581  C CB    . GLU A 1 76  ? 6.960   6.727   -16.867 1.00 33.27 ? 85   GLU A CB    1 
ATOM   582  C CG    . GLU A 1 76  ? 6.000   6.165   -17.913 1.00 39.29 ? 85   GLU A CG    1 
ATOM   583  C CD    . GLU A 1 76  ? 4.891   7.121   -18.276 1.00 43.27 ? 85   GLU A CD    1 
ATOM   584  O OE1   . GLU A 1 76  ? 4.182   7.573   -17.353 1.00 46.86 ? 85   GLU A OE1   1 
ATOM   585  O OE2   . GLU A 1 76  ? 4.719   7.414   -19.479 1.00 46.45 ? 85   GLU A OE2   1 
ATOM   586  N N     . LYS A 1 77  ? 10.068  6.406   -16.367 1.00 29.67 ? 86   LYS A N     1 
ATOM   587  C CA    . LYS A 1 77  ? 11.340  6.901   -15.867 1.00 29.68 ? 86   LYS A CA    1 
ATOM   588  C C     . LYS A 1 77  ? 11.272  8.296   -15.254 1.00 26.52 ? 86   LYS A C     1 
ATOM   589  O O     . LYS A 1 77  ? 10.777  9.237   -15.869 1.00 26.43 ? 86   LYS A O     1 
ATOM   590  C CB    . LYS A 1 77  ? 12.379  6.902   -16.988 1.00 33.95 ? 86   LYS A CB    1 
ATOM   591  C CG    . LYS A 1 77  ? 13.780  7.237   -16.505 1.00 39.63 ? 86   LYS A CG    1 
ATOM   592  C CD    . LYS A 1 77  ? 14.646  7.782   -17.630 1.00 43.06 ? 86   LYS A CD    1 
ATOM   593  C CE    . LYS A 1 77  ? 16.036  8.139   -17.118 1.00 44.44 ? 86   LYS A CE    1 
ATOM   594  N NZ    . LYS A 1 77  ? 16.723  6.949   -16.526 1.00 45.85 ? 86   LYS A NZ    1 
ATOM   595  N N     . GLY A 1 78  ? 11.772  8.418   -14.028 1.00 24.17 ? 88   GLY A N     1 
ATOM   596  C CA    . GLY A 1 78  ? 11.794  9.696   -13.332 1.00 21.79 ? 88   GLY A CA    1 
ATOM   597  C C     . GLY A 1 78  ? 13.081  9.686   -12.535 1.00 21.26 ? 88   GLY A C     1 
ATOM   598  O O     . GLY A 1 78  ? 14.058  9.087   -12.974 1.00 21.58 ? 88   GLY A O     1 
ATOM   599  N N     . THR A 1 79  ? 13.115  10.339  -11.380 1.00 18.87 ? 89   THR A N     1 
ATOM   600  C CA    . THR A 1 79  ? 14.330  10.308  -10.583 1.00 18.97 ? 89   THR A CA    1 
ATOM   601  C C     . THR A 1 79  ? 14.393  8.904   -10.000 1.00 20.80 ? 89   THR A C     1 
ATOM   602  O O     . THR A 1 79  ? 13.430  8.131   -10.111 1.00 19.47 ? 89   THR A O     1 
ATOM   603  C CB    . THR A 1 79  ? 14.289  11.319  -9.430  1.00 18.53 ? 89   THR A CB    1 
ATOM   604  O OG1   . THR A 1 79  ? 13.240  10.963  -8.520  1.00 16.41 ? 89   THR A OG1   1 
ATOM   605  C CG2   . THR A 1 79  ? 14.050  12.730  -9.973  1.00 16.81 ? 89   THR A CG2   1 
ATOM   606  N N     . SER A 1 80  ? 15.519  8.568   -9.385  1.00 19.25 ? 90   SER A N     1 
ATOM   607  C CA    . SER A 1 80  ? 15.680  7.248   -8.805  1.00 21.36 ? 90   SER A CA    1 
ATOM   608  C C     . SER A 1 80  ? 14.689  6.975   -7.675  1.00 20.10 ? 90   SER A C     1 
ATOM   609  O O     . SER A 1 80  ? 14.181  5.861   -7.557  1.00 19.92 ? 90   SER A O     1 
ATOM   610  C CB    . SER A 1 80  ? 17.117  7.060   -8.319  1.00 22.15 ? 90   SER A CB    1 
ATOM   611  O OG    . SER A 1 80  ? 17.127  6.524   -7.015  1.00 30.18 ? 90   SER A OG    1 
ATOM   612  N N     . CYS A 1 81  ? 14.418  7.974   -6.839  1.00 19.88 ? 91   CYS A N     1 
ATOM   613  C CA    . CYS A 1 81  ? 13.452  7.803   -5.752  1.00 19.20 ? 91   CYS A CA    1 
ATOM   614  C C     . CYS A 1 81  ? 12.055  7.543   -6.325  1.00 19.46 ? 91   CYS A C     1 
ATOM   615  O O     . CYS A 1 81  ? 11.318  6.679   -5.847  1.00 19.37 ? 91   CYS A O     1 
ATOM   616  C CB    . CYS A 1 81  ? 13.386  9.058   -4.884  1.00 19.35 ? 91   CYS A CB    1 
ATOM   617  S SG    . CYS A 1 81  ? 14.576  9.124   -3.499  1.00 20.83 ? 91   CYS A SG    1 
ATOM   618  N N     . GLU A 1 82  ? 11.695  8.303   -7.354  1.00 17.77 ? 92   GLU A N     1 
ATOM   619  C CA    . GLU A 1 82  ? 10.391  8.155   -7.985  1.00 18.71 ? 92   GLU A CA    1 
ATOM   620  C C     . GLU A 1 82  ? 10.186  6.768   -8.594  1.00 17.83 ? 92   GLU A C     1 
ATOM   621  O O     . GLU A 1 82  ? 9.094   6.200   -8.495  1.00 16.85 ? 92   GLU A O     1 
ATOM   622  C CB    . GLU A 1 82  ? 10.202  9.260   -9.037  1.00 17.89 ? 92   GLU A CB    1 
ATOM   623  C CG    . GLU A 1 82  ? 9.970   10.626  -8.394  1.00 20.82 ? 92   GLU A CG    1 
ATOM   624  C CD    . GLU A 1 82  ? 10.173  11.799  -9.330  1.00 20.36 ? 92   GLU A CD    1 
ATOM   625  O OE1   . GLU A 1 82  ? 10.481  11.579  -10.518 1.00 21.05 ? 92   GLU A OE1   1 
ATOM   626  O OE2   . GLU A 1 82  ? 10.025  12.949  -8.863  1.00 19.65 ? 92   GLU A OE2   1 
ATOM   627  N N     . ASN A 1 83  ? 11.234  6.224   -9.210  1.00 17.55 ? 93   ASN A N     1 
ATOM   628  C CA    . ASN A 1 83  ? 11.162  4.897   -9.823  1.00 19.87 ? 93   ASN A CA    1 
ATOM   629  C C     . ASN A 1 83  ? 10.891  3.837   -8.761  1.00 20.21 ? 93   ASN A C     1 
ATOM   630  O O     . ASN A 1 83  ? 10.024  2.980   -8.923  1.00 21.17 ? 93   ASN A O     1 
ATOM   631  C CB    . ASN A 1 83  ? 12.477  4.538   -10.531 1.00 21.13 ? 93   ASN A CB    1 
ATOM   632  C CG    . ASN A 1 83  ? 12.783  5.446   -11.708 1.00 24.05 ? 93   ASN A CG    1 
ATOM   633  O OD1   . ASN A 1 83  ? 11.879  6.000   -12.330 1.00 22.91 ? 93   ASN A OD1   1 
ATOM   634  N ND2   . ASN A 1 83  ? 14.072  5.586   -12.035 1.00 25.45 ? 93   ASN A ND2   1 
ATOM   635  N N     . ARG A 1 84  ? 11.650  3.910   -7.675  1.00 20.19 ? 94   ARG A N     1 
ATOM   636  C CA    . ARG A 1 84  ? 11.533  2.967   -6.576  1.00 20.49 ? 94   ARG A CA    1 
ATOM   637  C C     . ARG A 1 84  ? 10.224  3.124   -5.801  1.00 20.02 ? 94   ARG A C     1 
ATOM   638  O O     . ARG A 1 84  ? 9.655   2.137   -5.346  1.00 19.42 ? 94   ARG A O     1 
ATOM   639  C CB    . ARG A 1 84  ? 12.740  3.125   -5.658  1.00 21.93 ? 94   ARG A CB    1 
ATOM   640  C CG    . ARG A 1 84  ? 14.060  2.928   -6.402  1.00 25.30 ? 94   ARG A CG    1 
ATOM   641  C CD    . ARG A 1 84  ? 15.232  3.480   -5.608  1.00 30.64 ? 94   ARG A CD    1 
ATOM   642  N NE    . ARG A 1 84  ? 15.616  2.583   -4.525  1.00 37.02 ? 94   ARG A NE    1 
ATOM   643  C CZ    . ARG A 1 84  ? 16.466  2.898   -3.550  1.00 39.68 ? 94   ARG A CZ    1 
ATOM   644  N NH1   . ARG A 1 84  ? 17.032  4.099   -3.510  1.00 38.72 ? 94   ARG A NH1   1 
ATOM   645  N NH2   . ARG A 1 84  ? 16.750  2.000   -2.613  1.00 39.98 ? 94   ARG A NH2   1 
ATOM   646  N N     . ILE A 1 85  ? 9.740   4.353   -5.648  1.00 18.59 ? 95   ILE A N     1 
ATOM   647  C CA    . ILE A 1 85  ? 8.477   4.555   -4.945  1.00 17.01 ? 95   ILE A CA    1 
ATOM   648  C C     . ILE A 1 85  ? 7.367   3.914   -5.771  1.00 16.41 ? 95   ILE A C     1 
ATOM   649  O O     . ILE A 1 85  ? 6.524   3.186   -5.250  1.00 14.79 ? 95   ILE A O     1 
ATOM   650  C CB    . ILE A 1 85  ? 8.146   6.050   -4.759  1.00 15.84 ? 95   ILE A CB    1 
ATOM   651  C CG1   . ILE A 1 85  ? 9.165   6.696   -3.816  1.00 16.21 ? 95   ILE A CG1   1 
ATOM   652  C CG2   . ILE A 1 85  ? 6.733   6.195   -4.209  1.00 15.26 ? 95   ILE A CG2   1 
ATOM   653  C CD1   . ILE A 1 85  ? 9.066   8.207   -3.754  1.00 20.55 ? 95   ILE A CD1   1 
ATOM   654  N N     . CYS A 1 86  ? 7.378   4.187   -7.069  1.00 15.58 ? 96   CYS A N     1 
ATOM   655  C CA    . CYS A 1 86  ? 6.375   3.628   -7.963  1.00 17.00 ? 96   CYS A CA    1 
ATOM   656  C C     . CYS A 1 86  ? 6.327   2.091   -7.894  1.00 17.69 ? 96   CYS A C     1 
ATOM   657  O O     . CYS A 1 86  ? 5.238   1.508   -7.866  1.00 17.23 ? 96   CYS A O     1 
ATOM   658  C CB    . CYS A 1 86  ? 6.653   4.080   -9.400  1.00 19.02 ? 96   CYS A CB    1 
ATOM   659  S SG    . CYS A 1 86  ? 5.398   3.557   -10.602 1.00 21.32 ? 96   CYS A SG    1 
ATOM   660  N N     . GLU A 1 87  ? 7.494   1.441   -7.867  1.00 16.83 ? 97   GLU A N     1 
ATOM   661  C CA    . GLU A 1 87  ? 7.549   -0.023  -7.792  1.00 18.53 ? 97   GLU A CA    1 
ATOM   662  C C     . GLU A 1 87  ? 6.941   -0.533  -6.487  1.00 19.31 ? 97   GLU A C     1 
ATOM   663  O O     . GLU A 1 87  ? 6.313   -1.586  -6.469  1.00 18.27 ? 97   GLU A O     1 
ATOM   664  C CB    . GLU A 1 87  ? 8.989   -0.534  -7.919  1.00 19.52 ? 97   GLU A CB    1 
ATOM   665  C CG    . GLU A 1 87  ? 9.574   -0.480  -9.338  1.00 22.65 ? 97   GLU A CG    1 
ATOM   666  C CD    . GLU A 1 87  ? 8.743   -1.249  -10.356 1.00 25.58 ? 97   GLU A CD    1 
ATOM   667  O OE1   . GLU A 1 87  ? 8.230   -2.341  -10.014 1.00 28.36 ? 97   GLU A OE1   1 
ATOM   668  O OE2   . GLU A 1 87  ? 8.611   -0.769  -11.503 1.00 27.12 ? 97   GLU A OE2   1 
ATOM   669  N N     . CYS A 1 88  ? 7.133   0.205   -5.394  1.00 17.79 ? 98   CYS A N     1 
ATOM   670  C CA    . CYS A 1 88  ? 6.559   -0.190  -4.112  1.00 18.04 ? 98   CYS A CA    1 
ATOM   671  C C     . CYS A 1 88  ? 5.030   -0.108  -4.165  1.00 18.20 ? 98   CYS A C     1 
ATOM   672  O O     . CYS A 1 88  ? 4.328   -1.000  -3.669  1.00 16.99 ? 98   CYS A O     1 
ATOM   673  C CB    . CYS A 1 88  ? 7.045   0.719   -2.982  1.00 16.68 ? 98   CYS A CB    1 
ATOM   674  S SG    . CYS A 1 88  ? 8.773   0.516   -2.442  1.00 20.03 ? 98   CYS A SG    1 
ATOM   675  N N     . ASP A 1 89  ? 4.523   0.975   -4.751  1.00 16.62 ? 99   ASP A N     1 
ATOM   676  C CA    . ASP A 1 89  ? 3.079   1.187   -4.858  1.00 17.03 ? 99   ASP A CA    1 
ATOM   677  C C     . ASP A 1 89  ? 2.429   0.201   -5.821  1.00 16.97 ? 99   ASP A C     1 
ATOM   678  O O     . ASP A 1 89  ? 1.341   -0.305  -5.555  1.00 18.18 ? 99   ASP A O     1 
ATOM   679  C CB    . ASP A 1 89  ? 2.781   2.609   -5.328  1.00 15.39 ? 99   ASP A CB    1 
ATOM   680  C CG    . ASP A 1 89  ? 3.065   3.649   -4.266  1.00 15.34 ? 99   ASP A CG    1 
ATOM   681  O OD1   . ASP A 1 89  ? 3.437   3.278   -3.132  1.00 17.42 ? 99   ASP A OD1   1 
ATOM   682  O OD2   . ASP A 1 89  ? 2.904   4.843   -4.570  1.00 15.69 ? 99   ASP A OD2   1 
ATOM   683  N N     . LYS A 1 90  ? 3.092   -0.046  -6.948  1.00 16.93 ? 100  LYS A N     1 
ATOM   684  C CA    . LYS A 1 90  ? 2.593   -0.977  -7.950  1.00 17.46 ? 100  LYS A CA    1 
ATOM   685  C C     . LYS A 1 90  ? 2.403   -2.342  -7.297  1.00 17.97 ? 100  LYS A C     1 
ATOM   686  O O     . LYS A 1 90  ? 1.367   -2.989  -7.464  1.00 18.28 ? 100  LYS A O     1 
ATOM   687  C CB    . LYS A 1 90  ? 3.596   -1.096  -9.103  1.00 18.34 ? 100  LYS A CB    1 
ATOM   688  C CG    . LYS A 1 90  ? 3.237   -2.152  -10.128 1.00 17.63 ? 100  LYS A CG    1 
ATOM   689  C CD    . LYS A 1 90  ? 4.358   -2.336  -11.141 1.00 18.95 ? 100  LYS A CD    1 
ATOM   690  C CE    . LYS A 1 90  ? 4.041   -3.481  -12.091 1.00 20.65 ? 100  LYS A CE    1 
ATOM   691  N NZ    . LYS A 1 90  ? 5.097   -3.646  -13.127 1.00 26.35 ? 100  LYS A NZ    1 
ATOM   692  N N     . ALA A 1 91  ? 3.417   -2.765  -6.550  1.00 16.48 ? 101  ALA A N     1 
ATOM   693  C CA    . ALA A 1 91  ? 3.392   -4.045  -5.854  1.00 16.31 ? 101  ALA A CA    1 
ATOM   694  C C     . ALA A 1 91  ? 2.193   -4.136  -4.911  1.00 17.50 ? 101  ALA A C     1 
ATOM   695  O O     . ALA A 1 91  ? 1.484   -5.135  -4.903  1.00 18.56 ? 101  ALA A O     1 
ATOM   696  C CB    . ALA A 1 91  ? 4.686   -4.229  -5.070  1.00 14.45 ? 101  ALA A CB    1 
ATOM   697  N N     . ALA A 1 92  ? 1.970   -3.091  -4.118  1.00 16.42 ? 102  ALA A N     1 
ATOM   698  C CA    . ALA A 1 92  ? 0.854   -3.084  -3.176  1.00 17.50 ? 102  ALA A CA    1 
ATOM   699  C C     . ALA A 1 92  ? -0.506  -3.138  -3.874  1.00 17.50 ? 102  ALA A C     1 
ATOM   700  O O     . ALA A 1 92  ? -1.385  -3.880  -3.453  1.00 17.17 ? 102  ALA A O     1 
ATOM   701  C CB    . ALA A 1 92  ? 0.930   -1.849  -2.274  1.00 15.71 ? 102  ALA A CB    1 
ATOM   702  N N     . ALA A 1 93  ? -0.677  -2.350  -4.933  1.00 18.05 ? 103  ALA A N     1 
ATOM   703  C CA    . ALA A 1 93  ? -1.945  -2.323  -5.659  1.00 19.01 ? 103  ALA A CA    1 
ATOM   704  C C     . ALA A 1 93  ? -2.301  -3.711  -6.183  1.00 20.51 ? 103  ALA A C     1 
ATOM   705  O O     . ALA A 1 93  ? -3.460  -4.125  -6.134  1.00 21.21 ? 103  ALA A O     1 
ATOM   706  C CB    . ALA A 1 93  ? -1.870  -1.327  -6.813  1.00 17.12 ? 103  ALA A CB    1 
ATOM   707  N N     . ILE A 1 94  ? -1.298  -4.422  -6.690  1.00 19.91 ? 104  ILE A N     1 
ATOM   708  C CA    . ILE A 1 94  ? -1.486  -5.768  -7.219  1.00 21.65 ? 104  ILE A CA    1 
ATOM   709  C C     . ILE A 1 94  ? -1.780  -6.731  -6.075  1.00 21.54 ? 104  ILE A C     1 
ATOM   710  O O     . ILE A 1 94  ? -2.645  -7.594  -6.181  1.00 20.99 ? 104  ILE A O     1 
ATOM   711  C CB    . ILE A 1 94  ? -0.223  -6.238  -7.985  1.00 21.77 ? 104  ILE A CB    1 
ATOM   712  C CG1   . ILE A 1 94  ? -0.151  -5.530  -9.339  1.00 23.46 ? 104  ILE A CG1   1 
ATOM   713  C CG2   . ILE A 1 94  ? -0.241  -7.748  -8.174  1.00 21.83 ? 104  ILE A CG2   1 
ATOM   714  C CD1   . ILE A 1 94  ? 1.198   -5.682  -10.036 1.00 26.39 ? 104  ILE A CD1   1 
ATOM   715  N N     . CYS A 1 95  ? -1.057  -6.574  -4.975  1.00 20.99 ? 105  CYS A N     1 
ATOM   716  C CA    . CYS A 1 95  ? -1.273  -7.430  -3.821  1.00 20.65 ? 105  CYS A CA    1 
ATOM   717  C C     . CYS A 1 95  ? -2.716  -7.263  -3.338  1.00 20.91 ? 105  CYS A C     1 
ATOM   718  O O     . CYS A 1 95  ? -3.371  -8.252  -2.988  1.00 20.33 ? 105  CYS A O     1 
ATOM   719  C CB    . CYS A 1 95  ? -0.281  -7.070  -2.716  1.00 20.15 ? 105  CYS A CB    1 
ATOM   720  S SG    . CYS A 1 95  ? -0.295  -8.112  -1.222  1.00 20.30 ? 105  CYS A SG    1 
ATOM   721  N N     . PHE A 1 96  ? -3.210  -6.022  -3.333  1.00 20.07 ? 106  PHE A N     1 
ATOM   722  C CA    . PHE A 1 96  ? -4.583  -5.743  -2.909  1.00 19.52 ? 106  PHE A CA    1 
ATOM   723  C C     . PHE A 1 96  ? -5.569  -6.456  -3.829  1.00 20.47 ? 106  PHE A C     1 
ATOM   724  O O     . PHE A 1 96  ? -6.529  -7.067  -3.372  1.00 20.54 ? 106  PHE A O     1 
ATOM   725  C CB    . PHE A 1 96  ? -4.891  -4.234  -2.951  1.00 18.84 ? 106  PHE A CB    1 
ATOM   726  C CG    . PHE A 1 96  ? -4.246  -3.439  -1.847  1.00 17.42 ? 106  PHE A CG    1 
ATOM   727  C CD1   . PHE A 1 96  ? -4.006  -4.012  -0.602  1.00 15.36 ? 106  PHE A CD1   1 
ATOM   728  C CD2   . PHE A 1 96  ? -3.921  -2.099  -2.041  1.00 17.08 ? 106  PHE A CD2   1 
ATOM   729  C CE1   . PHE A 1 96  ? -3.452  -3.264  0.429   1.00 17.18 ? 106  PHE A CE1   1 
ATOM   730  C CE2   . PHE A 1 96  ? -3.368  -1.339  -1.013  1.00 16.90 ? 106  PHE A CE2   1 
ATOM   731  C CZ    . PHE A 1 96  ? -3.133  -1.920  0.222   1.00 16.63 ? 106  PHE A CZ    1 
ATOM   732  N N     . ARG A 1 97  ? -5.333  -6.345  -5.131  1.00 20.98 ? 107  ARG A N     1 
ATOM   733  C CA    . ARG A 1 97  ? -6.185  -6.980  -6.124  1.00 22.75 ? 107  ARG A CA    1 
ATOM   734  C C     . ARG A 1 97  ? -6.187  -8.491  -5.895  1.00 24.24 ? 107  ARG A C     1 
ATOM   735  O O     . ARG A 1 97  ? -7.239  -9.132  -5.897  1.00 23.87 ? 107  ARG A O     1 
ATOM   736  C CB    . ARG A 1 97  ? -5.662  -6.683  -7.536  1.00 21.37 ? 107  ARG A CB    1 
ATOM   737  C CG    . ARG A 1 97  ? -6.431  -7.390  -8.642  1.00 22.99 ? 107  ARG A CG    1 
ATOM   738  C CD    . ARG A 1 97  ? -7.879  -6.920  -8.689  1.00 23.84 ? 107  ARG A CD    1 
ATOM   739  N NE    . ARG A 1 97  ? -8.652  -7.583  -9.732  1.00 27.70 ? 107  ARG A NE    1 
ATOM   740  C CZ    . ARG A 1 97  ? -9.338  -8.712  -9.566  1.00 29.80 ? 107  ARG A CZ    1 
ATOM   741  N NH1   . ARG A 1 97  ? -10.007 -9.232  -10.586 1.00 32.96 ? 107  ARG A NH1   1 
ATOM   742  N NH2   . ARG A 1 97  ? -9.371  -9.315  -8.387  1.00 28.12 ? 107  ARG A NH2   1 
ATOM   743  N N     . GLN A 1 98  ? -4.997  -9.044  -5.681  1.00 23.92 ? 108  GLN A N     1 
ATOM   744  C CA    . GLN A 1 98  ? -4.843  -10.472 -5.473  1.00 25.29 ? 108  GLN A CA    1 
ATOM   745  C C     . GLN A 1 98  ? -5.572  -10.985 -4.243  1.00 25.67 ? 108  GLN A C     1 
ATOM   746  O O     . GLN A 1 98  ? -5.930  -12.158 -4.184  1.00 25.57 ? 108  GLN A O     1 
ATOM   747  C CB    . GLN A 1 98  ? -3.358  -10.830 -5.379  1.00 26.39 ? 108  GLN A CB    1 
ATOM   748  C CG    . GLN A 1 98  ? -3.086  -12.328 -5.464  1.00 31.98 ? 108  GLN A CG    1 
ATOM   749  C CD    . GLN A 1 98  ? -1.665  -12.652 -5.916  1.00 33.29 ? 108  GLN A CD    1 
ATOM   750  O OE1   . GLN A 1 98  ? -1.446  -13.616 -6.650  1.00 36.08 ? 108  GLN A OE1   1 
ATOM   751  N NE2   . GLN A 1 98  ? -0.698  -11.856 -5.474  1.00 31.77 ? 108  GLN A NE2   1 
ATOM   752  N N     . ASN A 1 99  ? -5.802  -10.119 -3.262  1.00 25.06 ? 109  ASN A N     1 
ATOM   753  C CA    . ASN A 1 99  ? -6.484  -10.547 -2.045  1.00 26.12 ? 109  ASN A CA    1 
ATOM   754  C C     . ASN A 1 99  ? -7.856  -9.925  -1.811  1.00 26.08 ? 109  ASN A C     1 
ATOM   755  O O     . ASN A 1 99  ? -8.347  -9.923  -0.682  1.00 26.13 ? 109  ASN A O     1 
ATOM   756  C CB    . ASN A 1 99  ? -5.595  -10.280 -0.832  1.00 25.02 ? 109  ASN A CB    1 
ATOM   757  C CG    . ASN A 1 99  ? -4.311  -11.072 -0.874  1.00 25.45 ? 109  ASN A CG    1 
ATOM   758  O OD1   . ASN A 1 99  ? -4.319  -12.294 -0.728  1.00 25.48 ? 109  ASN A OD1   1 
ATOM   759  N ND2   . ASN A 1 99  ? -3.196  -10.382 -1.089  1.00 25.67 ? 109  ASN A ND2   1 
ATOM   760  N N     . LEU A 1 100 ? -8.475  -9.409  -2.867  1.00 26.74 ? 110  LEU A N     1 
ATOM   761  C CA    . LEU A 1 100 ? -9.794  -8.791  -2.754  1.00 29.57 ? 110  LEU A CA    1 
ATOM   762  C C     . LEU A 1 100 ? -10.848 -9.728  -2.172  1.00 31.72 ? 110  LEU A C     1 
ATOM   763  O O     . LEU A 1 100 ? -11.704 -9.304  -1.395  1.00 32.65 ? 110  LEU A O     1 
ATOM   764  C CB    . LEU A 1 100 ? -10.278 -8.307  -4.121  1.00 28.48 ? 110  LEU A CB    1 
ATOM   765  C CG    . LEU A 1 100 ? -10.234 -6.804  -4.412  1.00 29.76 ? 110  LEU A CG    1 
ATOM   766  C CD1   . LEU A 1 100 ? -10.906 -6.532  -5.756  1.00 28.89 ? 110  LEU A CD1   1 
ATOM   767  C CD2   . LEU A 1 100 ? -10.944 -6.035  -3.307  1.00 28.81 ? 110  LEU A CD2   1 
ATOM   768  N N     . ASN A 1 101 ? -10.781 -11.002 -2.545  1.00 33.00 ? 111  ASN A N     1 
ATOM   769  C CA    . ASN A 1 101 ? -11.755 -11.979 -2.076  1.00 34.60 ? 111  ASN A CA    1 
ATOM   770  C C     . ASN A 1 101 ? -11.796 -12.175 -0.563  1.00 33.66 ? 111  ASN A C     1 
ATOM   771  O O     . ASN A 1 101 ? -12.824 -12.592 -0.031  1.00 33.54 ? 111  ASN A O     1 
ATOM   772  C CB    . ASN A 1 101 ? -11.528 -13.328 -2.772  1.00 37.14 ? 111  ASN A CB    1 
ATOM   773  C CG    . ASN A 1 101 ? -11.934 -13.306 -4.242  1.00 39.97 ? 111  ASN A CG    1 
ATOM   774  O OD1   . ASN A 1 101 ? -11.774 -14.294 -4.955  1.00 42.92 ? 111  ASN A OD1   1 
ATOM   775  N ND2   . ASN A 1 101 ? -12.464 -12.177 -4.697  1.00 42.38 ? 111  ASN A ND2   1 
ATOM   776  N N     . THR A 1 102 ? -10.698 -11.878 0.133   1.00 31.65 ? 112  THR A N     1 
ATOM   777  C CA    . THR A 1 102 ? -10.679 -12.035 1.588   1.00 29.44 ? 112  THR A CA    1 
ATOM   778  C C     . THR A 1 102 ? -10.739 -10.703 2.339   1.00 28.62 ? 112  THR A C     1 
ATOM   779  O O     . THR A 1 102 ? -10.635 -10.668 3.566   1.00 26.17 ? 112  THR A O     1 
ATOM   780  C CB    . THR A 1 102 ? -9.442  -12.818 2.072   1.00 28.10 ? 112  THR A CB    1 
ATOM   781  O OG1   . THR A 1 102 ? -8.253  -12.104 1.724   1.00 29.98 ? 112  THR A OG1   1 
ATOM   782  C CG2   . THR A 1 102 ? -9.407  -14.207 1.438   1.00 27.91 ? 112  THR A CG2   1 
ATOM   783  N N     . TYR A 1 103 ? -10.909 -9.607  1.606   1.00 29.59 ? 113  TYR A N     1 
ATOM   784  C CA    . TYR A 1 103 ? -11.008 -8.299  2.239   1.00 30.32 ? 113  TYR A CA    1 
ATOM   785  C C     . TYR A 1 103 ? -12.190 -8.367  3.204   1.00 31.48 ? 113  TYR A C     1 
ATOM   786  O O     . TYR A 1 103 ? -13.295 -8.746  2.810   1.00 32.01 ? 113  TYR A O     1 
ATOM   787  C CB    . TYR A 1 103 ? -11.248 -7.210  1.184   1.00 30.97 ? 113  TYR A CB    1 
ATOM   788  C CG    . TYR A 1 103 ? -11.440 -5.821  1.758   1.00 30.32 ? 113  TYR A CG    1 
ATOM   789  C CD1   . TYR A 1 103 ? -12.627 -5.469  2.409   1.00 30.45 ? 113  TYR A CD1   1 
ATOM   790  C CD2   . TYR A 1 103 ? -10.428 -4.869  1.680   1.00 31.09 ? 113  TYR A CD2   1 
ATOM   791  C CE1   . TYR A 1 103 ? -12.796 -4.202  2.974   1.00 31.14 ? 113  TYR A CE1   1 
ATOM   792  C CE2   . TYR A 1 103 ? -10.584 -3.595  2.242   1.00 30.28 ? 113  TYR A CE2   1 
ATOM   793  C CZ    . TYR A 1 103 ? -11.769 -3.272  2.887   1.00 31.27 ? 113  TYR A CZ    1 
ATOM   794  O OH    . TYR A 1 103 ? -11.920 -2.029  3.456   1.00 31.07 ? 113  TYR A OH    1 
ATOM   795  N N     . SER A 1 104 ? -11.962 -8.010  4.464   1.00 32.06 ? 114  SER A N     1 
ATOM   796  C CA    . SER A 1 104 ? -13.024 -8.052  5.463   1.00 33.48 ? 114  SER A CA    1 
ATOM   797  C C     . SER A 1 104 ? -13.255 -6.726  6.183   1.00 33.77 ? 114  SER A C     1 
ATOM   798  O O     . SER A 1 104 ? -12.338 -6.151  6.769   1.00 31.07 ? 114  SER A O     1 
ATOM   799  C CB    . SER A 1 104 ? -12.731 -9.134  6.496   1.00 33.83 ? 114  SER A CB    1 
ATOM   800  O OG    . SER A 1 104 ? -13.758 -9.167  7.465   1.00 36.56 ? 114  SER A OG    1 
ATOM   801  N N     . LYS A 1 105 ? -14.497 -6.259  6.145   1.00 35.84 ? 115  LYS A N     1 
ATOM   802  C CA    . LYS A 1 105 ? -14.876 -5.004  6.783   1.00 37.93 ? 115  LYS A CA    1 
ATOM   803  C C     . LYS A 1 105 ? -14.707 -5.007  8.300   1.00 37.94 ? 115  LYS A C     1 
ATOM   804  O O     . LYS A 1 105 ? -14.688 -3.946  8.919   1.00 39.14 ? 115  LYS A O     1 
ATOM   805  C CB    . LYS A 1 105 ? -16.323 -4.654  6.432   1.00 40.02 ? 115  LYS A CB    1 
ATOM   806  C CG    . LYS A 1 105 ? -16.518 -4.195  4.997   1.00 43.33 ? 115  LYS A CG    1 
ATOM   807  C CD    . LYS A 1 105 ? -18.000 -4.098  4.655   1.00 47.04 ? 115  LYS A CD    1 
ATOM   808  C CE    . LYS A 1 105 ? -18.221 -3.530  3.258   1.00 49.58 ? 115  LYS A CE    1 
ATOM   809  N NZ    . LYS A 1 105 ? -19.665 -3.558  2.877   1.00 53.24 ? 115  LYS A NZ    1 
ATOM   810  N N     . LYS A 1 106 ? -14.583 -6.183  8.906   1.00 38.02 ? 116  LYS A N     1 
ATOM   811  C CA    . LYS A 1 106 ? -14.415 -6.223  10.350  1.00 39.09 ? 116  LYS A CA    1 
ATOM   812  C C     . LYS A 1 106 ? -13.041 -5.707  10.750  1.00 38.15 ? 116  LYS A C     1 
ATOM   813  O O     . LYS A 1 106 ? -12.764 -5.512  11.934  1.00 38.56 ? 116  LYS A O     1 
ATOM   814  C CB    . LYS A 1 106 ? -14.629 -7.641  10.903  1.00 40.64 ? 116  LYS A CB    1 
ATOM   815  C CG    . LYS A 1 106 ? -13.472 -8.610  10.755  1.00 43.02 ? 116  LYS A CG    1 
ATOM   816  C CD    . LYS A 1 106 ? -13.648 -9.766  11.745  1.00 44.88 ? 116  LYS A CD    1 
ATOM   817  C CE    . LYS A 1 106 ? -12.662 -10.907 11.501  1.00 47.44 ? 116  LYS A CE    1 
ATOM   818  N NZ    . LYS A 1 106 ? -13.003 -11.697 10.279  1.00 48.33 ? 116  LYS A NZ    1 
ATOM   819  N N     . TYR A 1 107 ? -12.179 -5.480  9.761   1.00 35.85 ? 117  TYR A N     1 
ATOM   820  C CA    . TYR A 1 107 ? -10.842 -4.971  10.029  1.00 34.02 ? 117  TYR A CA    1 
ATOM   821  C C     . TYR A 1 107 ? -10.732 -3.473  9.752   1.00 33.37 ? 117  TYR A C     1 
ATOM   822  O O     . TYR A 1 107 ? -9.678  -2.876  9.948   1.00 32.06 ? 117  TYR A O     1 
ATOM   823  C CB    . TYR A 1 107 ? -9.800  -5.762  9.232   1.00 32.52 ? 117  TYR A CB    1 
ATOM   824  C CG    . TYR A 1 107 ? -9.583  -7.159  9.783   1.00 33.39 ? 117  TYR A CG    1 
ATOM   825  C CD1   . TYR A 1 107 ? -9.243  -7.350  11.125  1.00 33.43 ? 117  TYR A CD1   1 
ATOM   826  C CD2   . TYR A 1 107 ? -9.729  -8.290  8.974   1.00 32.12 ? 117  TYR A CD2   1 
ATOM   827  C CE1   . TYR A 1 107 ? -9.055  -8.633  11.650  1.00 34.49 ? 117  TYR A CE1   1 
ATOM   828  C CE2   . TYR A 1 107 ? -9.542  -9.583  9.489   1.00 32.77 ? 117  TYR A CE2   1 
ATOM   829  C CZ    . TYR A 1 107 ? -9.206  -9.742  10.828  1.00 34.60 ? 117  TYR A CZ    1 
ATOM   830  O OH    . TYR A 1 107 ? -9.024  -11.000 11.358  1.00 37.01 ? 117  TYR A OH    1 
ATOM   831  N N     . MET A 1 108 ? -11.830 -2.868  9.302   1.00 33.53 ? 118  MET A N     1 
ATOM   832  C CA    . MET A 1 108 ? -11.858 -1.427  9.058   1.00 34.85 ? 118  MET A CA    1 
ATOM   833  C C     . MET A 1 108 ? -11.896 -0.733  10.426  1.00 34.51 ? 118  MET A C     1 
ATOM   834  O O     . MET A 1 108 ? -12.557 -1.214  11.346  1.00 34.90 ? 118  MET A O     1 
ATOM   835  C CB    . MET A 1 108 ? -13.099 -1.045  8.247   1.00 35.85 ? 118  MET A CB    1 
ATOM   836  C CG    . MET A 1 108 ? -12.846 -0.864  6.751   1.00 41.44 ? 118  MET A CG    1 
ATOM   837  S SD    . MET A 1 108 ? -14.365 -0.604  5.769   1.00 46.34 ? 118  MET A SD    1 
ATOM   838  C CE    . MET A 1 108 ? -15.454 0.193   6.982   1.00 47.29 ? 118  MET A CE    1 
ATOM   839  N N     . LEU A 1 109 ? -11.189 0.387   10.563  1.00 32.93 ? 119  LEU A N     1 
ATOM   840  C CA    . LEU A 1 109 ? -11.147 1.120   11.831  1.00 32.82 ? 119  LEU A CA    1 
ATOM   841  C C     . LEU A 1 109 ? -10.700 0.214   12.973  1.00 32.14 ? 119  LEU A C     1 
ATOM   842  O O     . LEU A 1 109 ? -11.158 0.367   14.107  1.00 32.56 ? 119  LEU A O     1 
ATOM   843  C CB    . LEU A 1 109 ? -12.527 1.692   12.180  1.00 33.74 ? 119  LEU A CB    1 
ATOM   844  C CG    . LEU A 1 109 ? -13.196 2.682   11.225  1.00 33.64 ? 119  LEU A CG    1 
ATOM   845  C CD1   . LEU A 1 109 ? -14.590 3.029   11.745  1.00 33.85 ? 119  LEU A CD1   1 
ATOM   846  C CD2   . LEU A 1 109 ? -12.343 3.929   11.103  1.00 33.28 ? 119  LEU A CD2   1 
ATOM   847  N N     . TYR A 1 110 ? -9.805  -0.724  12.676  1.00 29.52 ? 120  TYR A N     1 
ATOM   848  C CA    . TYR A 1 110 ? -9.321  -1.665  13.681  1.00 28.14 ? 120  TYR A CA    1 
ATOM   849  C C     . TYR A 1 110 ? -8.619  -0.930  14.826  1.00 27.35 ? 120  TYR A C     1 
ATOM   850  O O     . TYR A 1 110 ? -7.762  -0.079  14.602  1.00 25.63 ? 120  TYR A O     1 
ATOM   851  C CB    . TYR A 1 110 ? -8.374  -2.669  13.023  1.00 28.32 ? 120  TYR A CB    1 
ATOM   852  C CG    . TYR A 1 110 ? -8.198  -3.961  13.789  1.00 29.20 ? 120  TYR A CG    1 
ATOM   853  C CD1   . TYR A 1 110 ? -9.244  -4.879  13.907  1.00 29.74 ? 120  TYR A CD1   1 
ATOM   854  C CD2   . TYR A 1 110 ? -6.972  -4.281  14.372  1.00 29.19 ? 120  TYR A CD2   1 
ATOM   855  C CE1   . TYR A 1 110 ? -9.069  -6.088  14.587  1.00 31.74 ? 120  TYR A CE1   1 
ATOM   856  C CE2   . TYR A 1 110 ? -6.786  -5.481  15.052  1.00 30.60 ? 120  TYR A CE2   1 
ATOM   857  C CZ    . TYR A 1 110 ? -7.834  -6.379  15.155  1.00 32.45 ? 120  TYR A CZ    1 
ATOM   858  O OH    . TYR A 1 110 ? -7.641  -7.567  15.821  1.00 36.40 ? 120  TYR A OH    1 
ATOM   859  N N     . PRO A 1 111 ? -8.988  -1.248  16.077  1.00 28.30 ? 121  PRO A N     1 
ATOM   860  C CA    . PRO A 1 111 ? -8.369  -0.588  17.231  1.00 27.77 ? 121  PRO A CA    1 
ATOM   861  C C     . PRO A 1 111 ? -6.892  -0.910  17.435  1.00 27.21 ? 121  PRO A C     1 
ATOM   862  O O     . PRO A 1 111 ? -6.438  -2.040  17.231  1.00 27.25 ? 121  PRO A O     1 
ATOM   863  C CB    . PRO A 1 111 ? -9.243  -1.045  18.400  1.00 27.59 ? 121  PRO A CB    1 
ATOM   864  C CG    . PRO A 1 111 ? -9.665  -2.402  17.988  1.00 28.56 ? 121  PRO A CG    1 
ATOM   865  C CD    . PRO A 1 111 ? -10.014 -2.210  16.518  1.00 28.25 ? 121  PRO A CD    1 
ATOM   866  N N     . ASP A 1 112 ? -6.155  0.107   17.850  1.00 26.73 ? 122  ASP A N     1 
ATOM   867  C CA    . ASP A 1 112 ? -4.733  -0.003  18.090  1.00 27.35 ? 122  ASP A CA    1 
ATOM   868  C C     . ASP A 1 112 ? -4.273  -1.056  19.107  1.00 28.59 ? 122  ASP A C     1 
ATOM   869  O O     . ASP A 1 112 ? -3.250  -1.713  18.893  1.00 27.68 ? 122  ASP A O     1 
ATOM   870  C CB    . ASP A 1 112 ? -4.202  1.367   18.505  1.00 27.93 ? 122  ASP A CB    1 
ATOM   871  C CG    . ASP A 1 112 ? -2.725  1.340   18.850  1.00 26.85 ? 122  ASP A CG    1 
ATOM   872  O OD1   . ASP A 1 112 ? -2.358  0.754   19.889  1.00 25.60 ? 122  ASP A OD1   1 
ATOM   873  O OD2   . ASP A 1 112 ? -1.934  1.910   18.077  1.00 28.36 ? 122  ASP A OD2   1 
ATOM   874  N N     . PHE A 1 113 ? -5.003  -1.224  20.208  1.00 28.59 ? 124  PHE A N     1 
ATOM   875  C CA    . PHE A 1 113 ? -4.574  -2.180  21.236  1.00 29.05 ? 124  PHE A CA    1 
ATOM   876  C C     . PHE A 1 113 ? -4.637  -3.647  20.814  1.00 28.56 ? 124  PHE A C     1 
ATOM   877  O O     . PHE A 1 113 ? -4.102  -4.515  21.507  1.00 29.95 ? 124  PHE A O     1 
ATOM   878  C CB    . PHE A 1 113 ? -5.371  -1.980  22.544  1.00 27.25 ? 124  PHE A CB    1 
ATOM   879  C CG    . PHE A 1 113 ? -6.722  -2.638  22.547  1.00 26.45 ? 124  PHE A CG    1 
ATOM   880  C CD1   . PHE A 1 113 ? -7.722  -2.211  21.682  1.00 25.10 ? 124  PHE A CD1   1 
ATOM   881  C CD2   . PHE A 1 113 ? -6.988  -3.706  23.401  1.00 29.29 ? 124  PHE A CD2   1 
ATOM   882  C CE1   . PHE A 1 113 ? -8.967  -2.837  21.660  1.00 25.34 ? 124  PHE A CE1   1 
ATOM   883  C CE2   . PHE A 1 113 ? -8.236  -4.343  23.387  1.00 28.02 ? 124  PHE A CE2   1 
ATOM   884  C CZ    . PHE A 1 113 ? -9.223  -3.905  22.514  1.00 26.94 ? 124  PHE A CZ    1 
ATOM   885  N N     . LEU A 1 114 ? -5.289  -3.941  19.694  1.00 29.12 ? 125  LEU A N     1 
ATOM   886  C CA    . LEU A 1 114 ? -5.365  -5.326  19.237  1.00 29.56 ? 125  LEU A CA    1 
ATOM   887  C C     . LEU A 1 114 ? -4.213  -5.677  18.292  1.00 31.01 ? 125  LEU A C     1 
ATOM   888  O O     . LEU A 1 114 ? -4.141  -6.787  17.763  1.00 30.96 ? 125  LEU A O     1 
ATOM   889  C CB    . LEU A 1 114 ? -6.707  -5.599  18.558  1.00 29.84 ? 125  LEU A CB    1 
ATOM   890  C CG    . LEU A 1 114 ? -7.921  -5.632  19.495  1.00 31.44 ? 125  LEU A CG    1 
ATOM   891  C CD1   . LEU A 1 114 ? -9.178  -5.844  18.669  1.00 31.57 ? 125  LEU A CD1   1 
ATOM   892  C CD2   . LEU A 1 114 ? -7.763  -6.745  20.529  1.00 29.84 ? 125  LEU A CD2   1 
ATOM   893  N N     . CYS A 1 115 ? -3.314  -4.720  18.085  1.00 32.12 ? 126  CYS A N     1 
ATOM   894  C CA    . CYS A 1 115 ? -2.158  -4.941  17.233  1.00 34.42 ? 126  CYS A CA    1 
ATOM   895  C C     . CYS A 1 115 ? -0.967  -5.276  18.115  1.00 37.57 ? 126  CYS A C     1 
ATOM   896  O O     . CYS A 1 115 ? -0.137  -4.420  18.428  1.00 36.87 ? 126  CYS A O     1 
ATOM   897  C CB    . CYS A 1 115 ? -1.884  -3.705  16.381  1.00 30.64 ? 126  CYS A CB    1 
ATOM   898  S SG    . CYS A 1 115 ? -3.225  -3.449  15.186  1.00 27.28 ? 126  CYS A SG    1 
ATOM   899  N N     . LYS A 1 116 ? -0.915  -6.543  18.518  1.00 41.31 ? 127  LYS A N     1 
ATOM   900  C CA    . LYS A 1 116 ? 0.135   -7.047  19.390  1.00 46.42 ? 127  LYS A CA    1 
ATOM   901  C C     . LYS A 1 116 ? 1.075   -7.967  18.626  1.00 48.26 ? 127  LYS A C     1 
ATOM   902  O O     . LYS A 1 116 ? 0.646   -8.705  17.734  1.00 48.44 ? 127  LYS A O     1 
ATOM   903  C CB    . LYS A 1 116 ? -0.480  -7.837  20.559  1.00 47.86 ? 127  LYS A CB    1 
ATOM   904  C CG    . LYS A 1 116 ? -1.507  -7.081  21.408  1.00 51.03 ? 127  LYS A CG    1 
ATOM   905  C CD    . LYS A 1 116 ? -1.989  -7.939  22.585  1.00 52.10 ? 127  LYS A CD    1 
ATOM   906  C CE    . LYS A 1 116 ? -2.860  -7.156  23.578  1.00 54.51 ? 127  LYS A CE    1 
ATOM   907  N NZ    . LYS A 1 116 ? -4.229  -6.811  23.080  1.00 53.53 ? 127  LYS A NZ    1 
ATOM   908  N N     . GLY A 1 117 ? 2.356   -7.922  18.973  1.00 50.00 ? 128  GLY A N     1 
ATOM   909  C CA    . GLY A 1 117 ? 3.301   -8.804  18.320  1.00 51.62 ? 128  GLY A CA    1 
ATOM   910  C C     . GLY A 1 117 ? 4.525   -8.188  17.680  1.00 53.00 ? 128  GLY A C     1 
ATOM   911  O O     . GLY A 1 117 ? 4.738   -6.970  17.699  1.00 52.25 ? 128  GLY A O     1 
ATOM   912  N N     . GLU A 1 118 ? 5.338   -9.061  17.103  1.00 54.10 ? 129  GLU A N     1 
ATOM   913  C CA    . GLU A 1 118 ? 6.555   -8.639  16.445  1.00 54.88 ? 129  GLU A CA    1 
ATOM   914  C C     . GLU A 1 118 ? 6.638   -9.166  15.023  1.00 53.60 ? 129  GLU A C     1 
ATOM   915  O O     . GLU A 1 118 ? 6.267   -10.310 14.746  1.00 53.77 ? 129  GLU A O     1 
ATOM   916  C CB    . GLU A 1 118 ? 7.775   -9.125  17.233  1.00 57.36 ? 129  GLU A CB    1 
ATOM   917  C CG    . GLU A 1 118 ? 8.631   -7.995  17.756  1.00 61.55 ? 129  GLU A CG    1 
ATOM   918  C CD    . GLU A 1 118 ? 9.018   -7.018  16.660  1.00 64.07 ? 129  GLU A CD    1 
ATOM   919  O OE1   . GLU A 1 118 ? 10.196  -7.035  16.238  1.00 66.48 ? 129  GLU A OE1   1 
ATOM   920  O OE2   . GLU A 1 118 ? 8.140   -6.241  16.214  1.00 64.25 ? 129  GLU A OE2   1 
ATOM   921  N N     . LEU A 1 119 ? 7.108   -8.315  14.120  1.00 51.33 ? 130  LEU A N     1 
ATOM   922  C CA    . LEU A 1 119 ? 7.300   -8.705  12.732  1.00 48.78 ? 130  LEU A CA    1 
ATOM   923  C C     . LEU A 1 119 ? 8.278   -7.718  12.128  1.00 47.01 ? 130  LEU A C     1 
ATOM   924  O O     . LEU A 1 119 ? 7.938   -6.575  11.835  1.00 47.52 ? 130  LEU A O     1 
ATOM   925  C CB    . LEU A 1 119 ? 5.992   -8.691  11.943  1.00 48.53 ? 130  LEU A CB    1 
ATOM   926  C CG    . LEU A 1 119 ? 5.753   -9.947  11.088  1.00 49.18 ? 130  LEU A CG    1 
ATOM   927  C CD1   . LEU A 1 119 ? 4.858   -9.579  9.914   1.00 47.64 ? 130  LEU A CD1   1 
ATOM   928  C CD2   . LEU A 1 119 ? 7.070   -10.529 10.565  1.00 49.15 ? 130  LEU A CD2   1 
ATOM   929  N N     . LYS A 1 120 ? 9.511   -8.171  11.966  1.00 43.93 ? 131  LYS A N     1 
ATOM   930  C CA    . LYS A 1 120 ? 10.563  -7.346  11.408  1.00 40.77 ? 131  LYS A CA    1 
ATOM   931  C C     . LYS A 1 120 ? 10.524  -7.470  9.869   1.00 37.02 ? 131  LYS A C     1 
ATOM   932  O O     . LYS A 1 120 ? 10.145  -8.510  9.335   1.00 34.86 ? 131  LYS A O     1 
ATOM   933  C CB    . LYS A 1 120 ? 11.907  -7.803  11.983  1.00 42.82 ? 131  LYS A CB    1 
ATOM   934  C CG    . LYS A 1 120 ? 13.035  -6.811  11.799  1.00 47.58 ? 131  LYS A CG    1 
ATOM   935  C CD    . LYS A 1 120 ? 13.713  -6.483  13.132  1.00 50.04 ? 131  LYS A CD    1 
ATOM   936  C CE    . LYS A 1 120 ? 15.209  -6.784  13.089  1.00 51.38 ? 131  LYS A CE    1 
ATOM   937  N NZ    . LYS A 1 120 ? 15.863  -6.539  14.406  1.00 51.40 ? 131  LYS A NZ    1 
ATOM   938  N N     . CYS A 1 121 ? 10.873  -6.398  9.160   1.00 32.48 ? 133  CYS A N     1 
ATOM   939  C CA    . CYS A 1 121 ? 10.856  -6.401  7.692   1.00 30.06 ? 133  CYS A CA    1 
ATOM   940  C C     . CYS A 1 121 ? 11.918  -7.339  7.143   1.00 29.78 ? 133  CYS A C     1 
ATOM   941  O O     . CYS A 1 121 ? 12.966  -7.472  7.803   1.00 29.44 ? 133  CYS A O     1 
ATOM   942  C CB    . CYS A 1 121 ? 11.123  -4.993  7.148   1.00 28.05 ? 133  CYS A CB    1 
ATOM   943  S SG    . CYS A 1 121 ? 9.791   -3.788  7.411   1.00 25.08 ? 133  CYS A SG    1 
ATOM   944  O OXT   . CYS A 1 121 ? 11.697  -7.908  6.053   1.00 30.06 ? 133  CYS A OXT   1 
HETATM 945  C "C1'" . IOP B 2 .   ? -1.157  8.398   4.941   1.00 65.96 ? 1001 IOP A "C1'" 1 
HETATM 946  O O1    . IOP B 2 .   ? -0.314  7.668   5.863   1.00 65.69 ? 1001 IOP A O1    1 
HETATM 947  O O2    . IOP B 2 .   ? -1.021  9.803   5.164   1.00 66.11 ? 1001 IOP A O2    1 
HETATM 948  C "C2'" . IOP B 2 .   ? -2.613  7.969   5.136   1.00 65.77 ? 1001 IOP A "C2'" 1 
HETATM 949  C "C3'" . IOP B 2 .   ? -3.657  8.655   4.224   1.00 65.37 ? 1001 IOP A "C3'" 1 
HETATM 950  N N1    . IOP B 2 .   ? -3.882  7.978   0.522   1.00 66.11 ? 1001 IOP A N1    1 
HETATM 951  C C2    . IOP B 2 .   ? -3.856  8.787   1.628   1.00 66.15 ? 1001 IOP A C2    1 
HETATM 952  C C3    . IOP B 2 .   ? -3.719  8.052   2.813   1.00 66.03 ? 1001 IOP A C3    1 
HETATM 953  C C3A   . IOP B 2 .   ? -3.656  6.614   2.376   1.00 65.82 ? 1001 IOP A C3A   1 
HETATM 954  C C4    . IOP B 2 .   ? -3.523  5.341   3.022   1.00 65.95 ? 1001 IOP A C4    1 
HETATM 955  C C5    . IOP B 2 .   ? -3.503  4.160   2.234   1.00 65.94 ? 1001 IOP A C5    1 
HETATM 956  C C6    . IOP B 2 .   ? -3.610  4.233   0.809   1.00 66.42 ? 1001 IOP A C6    1 
HETATM 957  C C7    . IOP B 2 .   ? -3.743  5.478   0.119   1.00 65.62 ? 1001 IOP A C7    1 
HETATM 958  C C7A   . IOP B 2 .   ? -3.770  6.683   0.865   1.00 66.05 ? 1001 IOP A C7A   1 
HETATM 959  O O     . HOH C 3 .   ? 17.780  10.393  -9.488  1.00 19.20 ? 1002 HOH A O     1 
HETATM 960  O O     . HOH C 3 .   ? 11.633  11.432  -3.019  1.00 19.48 ? 1003 HOH A O     1 
HETATM 961  O O     . HOH C 3 .   ? 13.577  -9.035  4.465   1.00 23.71 ? 1004 HOH A O     1 
HETATM 962  O O     . HOH C 3 .   ? -7.458  -9.788  3.107   1.00 24.16 ? 1005 HOH A O     1 
HETATM 963  O O     . HOH C 3 .   ? 14.576  13.442  -4.307  1.00 21.40 ? 1006 HOH A O     1 
HETATM 964  O O     . HOH C 3 .   ? 2.842   -4.675  -0.860  1.00 15.75 ? 1007 HOH A O     1 
HETATM 965  O O     . HOH C 3 .   ? 3.644   7.357   -3.437  1.00 20.12 ? 1008 HOH A O     1 
HETATM 966  O O     . HOH C 3 .   ? 12.197  15.165  -7.625  1.00 19.51 ? 1009 HOH A O     1 
HETATM 967  O O     . HOH C 3 .   ? 16.806  6.277   -0.022  1.00 23.36 ? 1010 HOH A O     1 
HETATM 968  O O     . HOH C 3 .   ? 12.858  12.547  -6.417  1.00 16.19 ? 1011 HOH A O     1 
HETATM 969  O O     . HOH C 3 .   ? -7.633  -6.207  -0.751  1.00 20.55 ? 1012 HOH A O     1 
HETATM 970  O O     . HOH C 3 .   ? -6.439  -13.474 4.386   1.00 23.68 ? 1013 HOH A O     1 
HETATM 971  O O     . HOH C 3 .   ? 6.943   -0.775  -14.067 1.00 27.77 ? 1014 HOH A O     1 
HETATM 972  O O     . HOH C 3 .   ? 16.330  10.116  -6.239  1.00 29.55 ? 1015 HOH A O     1 
HETATM 973  O O     . HOH C 3 .   ? 4.903   -2.970  -1.678  1.00 20.01 ? 1016 HOH A O     1 
HETATM 974  O O     . HOH C 3 .   ? 19.985  11.294  -0.263  1.00 25.73 ? 1017 HOH A O     1 
HETATM 975  O O     . HOH C 3 .   ? -9.793  -11.518 14.059  1.00 67.89 ? 1018 HOH A O     1 
HETATM 976  O O     . HOH C 3 .   ? 6.466   -3.694  -8.260  1.00 22.94 ? 1019 HOH A O     1 
HETATM 977  O O     . HOH C 3 .   ? -3.432  0.924   22.443  1.00 32.12 ? 1020 HOH A O     1 
HETATM 978  O O     . HOH C 3 .   ? 6.788   15.574  -7.216  1.00 27.31 ? 1021 HOH A O     1 
HETATM 979  O O     . HOH C 3 .   ? -0.547  -12.337 9.275   1.00 35.33 ? 1022 HOH A O     1 
HETATM 980  O O     . HOH C 3 .   ? 0.702   -4.632  -13.427 1.00 41.57 ? 1023 HOH A O     1 
HETATM 981  O O     . HOH C 3 .   ? -0.343  -10.533 1.201   1.00 26.53 ? 1024 HOH A O     1 
HETATM 982  O O     . HOH C 3 .   ? 18.292  -6.145  15.649  1.00 33.55 ? 1025 HOH A O     1 
HETATM 983  O O     . HOH C 3 .   ? 9.194   6.811   -19.355 1.00 44.27 ? 1026 HOH A O     1 
HETATM 984  O O     . HOH C 3 .   ? -3.150  -11.411 14.040  1.00 47.50 ? 1027 HOH A O     1 
HETATM 985  O O     . HOH C 3 .   ? 1.339   4.301   2.450   1.00 65.73 ? 1028 HOH A O     1 
HETATM 986  O O     . HOH C 3 .   ? -6.607  -13.573 -0.165  1.00 26.37 ? 1029 HOH A O     1 
HETATM 987  O O     . HOH C 3 .   ? 7.915   -4.397  -11.977 1.00 36.91 ? 1030 HOH A O     1 
HETATM 988  O O     . HOH C 3 .   ? -4.371  0.500   10.345  1.00 27.91 ? 1031 HOH A O     1 
HETATM 989  O O     . HOH C 3 .   ? -5.243  -5.448  25.662  1.00 73.93 ? 1032 HOH A O     1 
HETATM 990  O O     . HOH C 3 .   ? 2.355   18.367  -5.146  1.00 44.76 ? 1033 HOH A O     1 
HETATM 991  O O     . HOH C 3 .   ? 8.804   11.650  -12.799 1.00 41.08 ? 1034 HOH A O     1 
HETATM 992  O O     . HOH C 3 .   ? 7.988   9.105   -12.808 1.00 30.73 ? 1035 HOH A O     1 
HETATM 993  O O     . HOH C 3 .   ? 16.613  6.535   -4.547  1.00 42.45 ? 1036 HOH A O     1 
HETATM 994  O O     . HOH C 3 .   ? -8.510  5.904   -4.224  1.00 28.45 ? 1037 HOH A O     1 
HETATM 995  O O     . HOH C 3 .   ? 17.563  10.820  -2.199  1.00 26.76 ? 1038 HOH A O     1 
HETATM 996  O O     . HOH C 3 .   ? -5.071  4.090   10.339  1.00 47.40 ? 1039 HOH A O     1 
HETATM 997  O O     . HOH C 3 .   ? 10.572  3.675   -13.346 1.00 28.54 ? 1040 HOH A O     1 
HETATM 998  O O     . HOH C 3 .   ? -15.605 -1.568  11.148  1.00 54.73 ? 1041 HOH A O     1 
HETATM 999  O O     . HOH C 3 .   ? 2.731   2.437   15.237  1.00 64.97 ? 1042 HOH A O     1 
HETATM 1000 O O     . HOH C 3 .   ? 1.525   2.173   7.851   1.00 56.50 ? 1043 HOH A O     1 
HETATM 1001 O O     . HOH C 3 .   ? 20.035  3.146   -2.457  1.00 57.47 ? 1044 HOH A O     1 
HETATM 1002 O O     . HOH C 3 .   ? 12.063  -0.493  -1.721  1.00 55.10 ? 1045 HOH A O     1 
HETATM 1003 O O     . HOH C 3 .   ? -17.114 -1.477  -1.196  1.00 52.71 ? 1046 HOH A O     1 
HETATM 1004 O O     . HOH C 3 .   ? 10.463  1.425   -11.467 1.00 53.95 ? 1047 HOH A O     1 
HETATM 1005 O O     . HOH C 3 .   ? -4.315  -7.390  -20.063 1.00 54.64 ? 1048 HOH A O     1 
HETATM 1006 O O     . HOH C 3 .   ? 7.749   2.976   5.987   1.00 36.82 ? 1049 HOH A O     1 
HETATM 1007 O O     . HOH C 3 .   ? -8.670  -13.279 -2.283  1.00 55.47 ? 1050 HOH A O     1 
HETATM 1008 O O     . HOH C 3 .   ? 0.179   -12.856 2.510   1.00 49.86 ? 1051 HOH A O     1 
HETATM 1009 O O     . HOH C 3 .   ? 10.623  4.814   -19.559 1.00 71.21 ? 1052 HOH A O     1 
HETATM 1010 O O     . HOH C 3 .   ? 1.367   8.381   14.527  1.00 63.46 ? 1053 HOH A O     1 
HETATM 1011 O O     . HOH C 3 .   ? 0.764   14.894  -4.552  1.00 57.48 ? 1054 HOH A O     1 
HETATM 1012 O O     . HOH C 3 .   ? -4.179  4.722   -15.666 1.00 46.37 ? 1055 HOH A O     1 
HETATM 1013 O O     . HOH C 3 .   ? -0.426  -11.577 -1.337  1.00 32.78 ? 1056 HOH A O     1 
HETATM 1014 O O     . HOH C 3 .   ? -2.363  -4.810  -13.902 1.00 40.40 ? 1057 HOH A O     1 
HETATM 1015 O O     . HOH C 3 .   ? 6.424   -3.987  13.264  1.00 74.30 ? 1058 HOH A O     1 
HETATM 1016 O O     . HOH C 3 .   ? 12.489  -2.301  5.082   1.00 35.58 ? 1059 HOH A O     1 
HETATM 1017 O O     . HOH C 3 .   ? -1.180  19.173  -10.500 1.00 53.54 ? 1060 HOH A O     1 
HETATM 1018 O O     . HOH C 3 .   ? 4.378   11.070  6.798   1.00 56.59 ? 1061 HOH A O     1 
HETATM 1019 O O     . HOH C 3 .   ? -15.917 -3.127  -2.926  1.00 62.61 ? 1062 HOH A O     1 
HETATM 1020 O O     . HOH C 3 .   ? 2.468   13.231  -11.919 1.00 49.15 ? 1063 HOH A O     1 
HETATM 1021 O O     . HOH C 3 .   ? 10.149  9.531   -18.440 1.00 41.63 ? 1064 HOH A O     1 
HETATM 1022 O O     . HOH C 3 .   ? -5.709  10.075  -5.688  1.00 63.42 ? 1065 HOH A O     1 
HETATM 1023 O O     . HOH C 3 .   ? 10.037  -10.896 12.850  1.00 57.89 ? 1066 HOH A O     1 
HETATM 1024 O O     . HOH C 3 .   ? 11.561  -3.597  10.834  1.00 53.99 ? 1067 HOH A O     1 
HETATM 1025 O O     . HOH C 3 .   ? 10.912  6.253   2.682   1.00 39.36 ? 1068 HOH A O     1 
HETATM 1026 O O     . HOH C 3 .   ? 10.352  -11.226 9.686   1.00 44.87 ? 1069 HOH A O     1 
HETATM 1027 O O     . HOH C 3 .   ? 3.753   -4.654  -15.940 1.00 59.69 ? 1070 HOH A O     1 
HETATM 1028 O O     . HOH C 3 .   ? -7.487  -12.226 15.036  1.00 60.14 ? 1071 HOH A O     1 
HETATM 1029 O O     . HOH C 3 .   ? 20.776  8.958   -0.659  1.00 36.42 ? 1072 HOH A O     1 
HETATM 1030 O O     . HOH C 3 .   ? -9.877  -9.265  15.976  1.00 41.66 ? 1073 HOH A O     1 
HETATM 1031 O O     . HOH C 3 .   ? 3.353   13.897  -17.696 1.00 63.41 ? 1074 HOH A O     1 
HETATM 1032 O O     . HOH C 3 .   ? 6.530   2.697   8.251   1.00 53.05 ? 1075 HOH A O     1 
HETATM 1033 O O     . HOH C 3 .   ? 1.164   0.704   3.486   1.00 37.48 ? 1076 HOH A O     1 
HETATM 1034 O O     . HOH C 3 .   ? 0.112   -14.816 11.064  1.00 47.60 ? 1077 HOH A O     1 
HETATM 1035 O O     . HOH C 3 .   ? -2.146  6.727   -15.044 1.00 62.32 ? 1078 HOH A O     1 
HETATM 1036 O O     . HOH C 3 .   ? 8.304   3.593   -19.474 1.00 57.54 ? 1079 HOH A O     1 
HETATM 1037 O O     . HOH C 3 .   ? -16.023 -2.735  0.873   1.00 59.74 ? 1080 HOH A O     1 
HETATM 1038 O O     . HOH C 3 .   ? -14.490 -1.085  2.148   1.00 38.91 ? 1081 HOH A O     1 
HETATM 1039 O O     . HOH C 3 .   ? 18.849  8.687   -11.640 1.00 40.19 ? 1082 HOH A O     1 
HETATM 1040 O O     . HOH C 3 .   ? 13.710  12.911  -1.652  1.00 17.70 ? 1083 HOH A O     1 
HETATM 1041 O O     . HOH C 3 .   ? 17.743  8.197   -1.521  1.00 56.78 ? 1084 HOH A O     1 
HETATM 1042 O O     . HOH C 3 .   ? -9.902  -11.263 6.016   1.00 31.10 ? 1085 HOH A O     1 
HETATM 1043 O O     . HOH C 3 .   ? 8.023   -3.897  -4.926  1.00 22.07 ? 1086 HOH A O     1 
HETATM 1044 O O     . HOH C 3 .   ? -2.191  -14.154 -1.541  1.00 48.54 ? 1087 HOH A O     1 
HETATM 1045 O O     . HOH C 3 .   ? -5.429  -12.828 12.295  1.00 50.13 ? 1088 HOH A O     1 
HETATM 1046 O O     . HOH C 3 .   ? 6.807   12.952  -12.089 1.00 48.20 ? 1089 HOH A O     1 
HETATM 1047 O O     . HOH C 3 .   ? 6.745   -2.624  8.599   1.00 43.14 ? 1090 HOH A O     1 
HETATM 1048 O O     . HOH C 3 .   ? -9.100  -11.567 -5.645  1.00 45.85 ? 1091 HOH A O     1 
HETATM 1049 O O     . HOH C 3 .   ? 0.764   -10.407 -3.496  1.00 24.95 ? 1092 HOH A O     1 
HETATM 1050 O O     . HOH C 3 .   ? -1.788  -8.281  15.711  1.00 36.65 ? 1093 HOH A O     1 
HETATM 1051 O O     . HOH C 3 .   ? 16.660  4.101   -11.034 1.00 48.71 ? 1094 HOH A O     1 
HETATM 1052 O O     . HOH C 3 .   ? -8.627  -13.868 6.055   1.00 63.80 ? 1095 HOH A O     1 
HETATM 1053 O O     . HOH C 3 .   ? -1.270  1.919   2.858   1.00 45.32 ? 1096 HOH A O     1 
HETATM 1054 O O     . HOH C 3 .   ? -0.410  5.405   4.191   1.00 73.37 ? 1097 HOH A O     1 
HETATM 1055 O O     . HOH C 3 .   ? 7.275   -2.638  -15.765 1.00 52.35 ? 1098 HOH A O     1 
HETATM 1056 O O     . HOH C 3 .   ? 1.395   15.575  -11.896 1.00 60.03 ? 1099 HOH A O     1 
HETATM 1057 O O     . HOH C 3 .   ? 8.505   6.590   -11.736 1.00 50.02 ? 1100 HOH A O     1 
HETATM 1058 O O     . HOH C 3 .   ? 12.720  0.674   -9.925  1.00 47.84 ? 1101 HOH A O     1 
HETATM 1059 O O     . HOH C 3 .   ? 0.973   9.045   -13.523 1.00 36.81 ? 1102 HOH A O     1 
HETATM 1060 O O     . HOH C 3 .   ? 0.581   13.521  -16.543 1.00 76.38 ? 1103 HOH A O     1 
HETATM 1061 O O     . HOH C 3 .   ? 3.074   3.722   4.962   1.00 78.77 ? 1104 HOH A O     1 
HETATM 1062 O O     . HOH C 3 .   ? 8.453   -3.471  11.505  1.00 63.55 ? 1105 HOH A O     1 
HETATM 1063 O O     . HOH C 3 .   ? 10.908  -1.306  15.565  1.00 53.28 ? 1106 HOH A O     1 
HETATM 1064 O O     . HOH C 3 .   ? 8.790   -13.381 8.653   1.00 57.06 ? 1107 HOH A O     1 
HETATM 1065 O O     . HOH C 3 .   ? 9.938   -3.502  14.380  1.00 55.99 ? 1108 HOH A O     1 
HETATM 1066 O O     . HOH C 3 .   ? 4.141   3.166   8.976   1.00 68.19 ? 1109 HOH A O     1 
HETATM 1067 O O     . HOH C 3 .   ? 2.752   6.783   3.202   1.00 95.14 ? 1110 HOH A O     1 
HETATM 1068 O O     . HOH C 3 .   ? 0.395   2.778   5.745   1.00 55.21 ? 1111 HOH A O     1 
# 
